data_7X1M
#
_entry.id   7X1M
#
_cell.length_a   1.00
_cell.length_b   1.00
_cell.length_c   1.00
_cell.angle_alpha   90.00
_cell.angle_beta   90.00
_cell.angle_gamma   90.00
#
_symmetry.space_group_name_H-M   'P 1'
#
loop_
_entity.id
_entity.type
_entity.pdbx_description
1 polymer 'S309 Fab heavy chain'
2 polymer 'S309 Fab light chain'
3 polymer 'BD-604 Fab heavy chain'
4 polymer 'BD-604 Fab light chain'
5 polymer 'S304 Fab haavy chain'
6 polymer 'S304 Fab light chain'
7 polymer 'Spike protein S1'
8 branched 2-acetamido-2-deoxy-beta-D-glucopyranose-(1-4)-[alpha-L-fucopyranose-(1-6)]2-acetamido-2-deoxy-beta-D-glucopyranose
#
loop_
_entity_poly.entity_id
_entity_poly.type
_entity_poly.pdbx_seq_one_letter_code
_entity_poly.pdbx_strand_id
1 'polypeptide(L)'
;QVQLVQSGAEVKKPGASVKVSCKASGYPFTSYGISWVRQAPGQGLEWMGWISTYNGNTNYAQKFQGRVTMTTDTSTTTGY
MELRRLRSDDTAVYYCARDYTRGAWFGESLIGGFDNWGQGTLVTVSSASTKGPSVFPLAPSSKSTSGGTAALGCLVKDYF
PEPVTVSWNSGALTSGVHTFPAVLQSSGLYSLSSVVTVPSSSLGTQTYICNVNHKPSNTKVDKKVEPKSC
;
A
2 'polypeptide(L)'
;EIVLTQSPGTLSLSPGERATLSCRASQTVSSTSLAWYQQKPGQAPRLLIYGASSRATGIPDRFSGSGSGTDFTLTISRLE
PEDFAVYYCQQHDTSLTFGGGTKVEIKRTVAAPSVFIFPPSDEQLKSGTASVVCLLNNFYPREAKVQWKVDNALQSGNSQ
ESVTEQDSKDSTYSLSSTLTLSKADYEKHKVYACEVTHQGLSSPVTKSFNRGEC
;
B
3 'polypeptide(L)'
;EVQLVESGGGLIQPGGSLRLSCAASGIIVSSNYMTWVRQAPGKGLEWVSVIYSGGSTFYADSVKGRFTISRDNSKNTLYL
QMSSLRAEDTAVYYCARDLGPYGMDVWGQGTTVTVSSASTKGPSVFPLAPSSKSTSGGTAALGCLVKDYFPEPVTVSWNS
GALTSGVHTFPAVLQSSGLYSLSSVVTVPSSSLGTQTYICNVNHKPSNTKVDKKVEPKSCDK
;
C
4 'polypeptide(L)'
;DIQLTQSPSFLSASVGDRVTITCRASQGISSDLAWYQQKPGKAPNLLIYAASTLQSGVPSRFSGSGSGTEFTLTISSLQP
EDFATYYCQQLNSDLYTFGQGTKLEIKRTVAAPSVFIFPPSDEQLKSGTASVVCLLNNFYPREAKVQWKVDNALQSGNSQ
ESVTEQDSKDSTYSLSSTLTLSKADYEKHKVYACEVTHQGLSSPVTKSFNRGEC
;
D
5 'polypeptide(L)'
;EVQLVESGGGLVQPGGSLRLSCAASGFTFSSYDMHWVRQTTGKGLEWVSTIGTAGDTYYPDSVKGRFTISREDAKNSLYL
QMNSLRAGDTAVYYCARGDSSGYYYYFDYWGQGTLLTVSSASTKGPSVFPLAPSSKSTSGGTAALGCLVKDYFPEPVTVS
WNSGALTSGVHTFPAVLQSSGLYSLSSVVTVPSSSLGTQTYICNVNHKPSNTKVDKKVEPKSC
;
H
6 'polypeptide(L)'
;DIQMTQSPSSLSAAVGDRVTITCRASQSIGSYLNWYQQKPGKAPKLLIYAASSLQSGVPSRFSGSGSGTDFTLTISSLQP
EDFAIYYCQQSYVSPTYTFGPGTKVDIKRTVAAPSVFIFPPSDEQLKSGTASVVCLLNNFYPREAKVQWKVDNALQSGNS
QESVTEQDSKDSTYSLSSTLTLSKADYEKHKVYACEVTHQGLSSPVTKSFNRGEC
;
L
7 'polypeptide(L)'
;TNLCPFDEVFNATRFASVYAWNRKRISNCVADYSVLYNLAPFFTFKCYGVSPTKLNDLCFTNVYADSFVIRGDEVRQIAP
GQTGNIADYNYKLPDDFTGCVIAWNSNKLDSKVSGNYNYLYRLFRKSNLKPFERDISTEIYQAGNKPCNGVAGFNCYFPL
RSYSFRPTYGVGHQPYRVVVLSFELLHAPATVCGPKKSTNLVKNKCVNF
;
M
#
# COMPACT_ATOMS: atom_id res chain seq x y z
N GLN A 1 -34.73 0.72 8.24
CA GLN A 1 -36.02 1.36 8.17
C GLN A 1 -35.90 2.88 8.10
N VAL A 2 -34.82 3.35 7.47
CA VAL A 2 -34.63 4.77 7.24
C VAL A 2 -35.68 5.26 6.26
N GLN A 3 -36.34 6.38 6.60
CA GLN A 3 -37.41 6.89 5.77
C GLN A 3 -37.44 8.40 5.90
N LEU A 4 -37.74 9.07 4.78
CA LEU A 4 -37.86 10.52 4.75
C LEU A 4 -39.18 10.89 4.09
N VAL A 5 -40.16 11.25 4.91
CA VAL A 5 -41.44 11.73 4.42
C VAL A 5 -41.30 13.21 4.12
N GLN A 6 -42.05 13.69 3.13
CA GLN A 6 -41.81 15.02 2.62
C GLN A 6 -43.15 15.70 2.33
N SER A 7 -43.11 17.02 2.21
CA SER A 7 -44.32 17.84 2.12
C SER A 7 -45.15 17.53 0.88
N GLY A 8 -46.32 18.16 0.76
CA GLY A 8 -47.23 17.94 -0.35
C GLY A 8 -46.97 18.90 -1.50
N ALA A 9 -47.66 18.64 -2.61
CA ALA A 9 -47.46 19.38 -3.85
C ALA A 9 -47.84 20.84 -3.69
N GLU A 10 -47.08 21.72 -4.33
CA GLU A 10 -47.31 23.15 -4.29
C GLU A 10 -47.61 23.68 -5.69
N VAL A 11 -48.43 24.73 -5.77
CA VAL A 11 -48.95 25.22 -7.04
C VAL A 11 -48.66 26.71 -7.17
N LYS A 12 -47.52 27.14 -6.64
CA LYS A 12 -47.20 28.56 -6.49
C LYS A 12 -47.12 29.30 -7.83
N LYS A 13 -46.87 30.60 -7.76
CA LYS A 13 -46.97 31.51 -8.90
C LYS A 13 -45.74 32.42 -8.94
N PRO A 14 -45.53 33.21 -10.00
CA PRO A 14 -44.31 34.01 -10.09
C PRO A 14 -44.16 34.98 -8.93
N GLY A 15 -42.92 35.16 -8.51
CA GLY A 15 -42.57 36.15 -7.50
C GLY A 15 -42.72 35.67 -6.07
N ALA A 16 -43.40 34.54 -5.88
CA ALA A 16 -43.73 34.08 -4.55
C ALA A 16 -42.56 33.39 -3.87
N SER A 17 -42.83 32.67 -2.79
CA SER A 17 -41.84 31.91 -2.06
C SER A 17 -42.48 30.59 -1.62
N VAL A 18 -41.67 29.54 -1.57
CA VAL A 18 -42.13 28.22 -1.16
C VAL A 18 -41.18 27.67 -0.11
N LYS A 19 -41.71 26.82 0.78
CA LYS A 19 -40.93 26.18 1.83
C LYS A 19 -41.33 24.71 1.91
N VAL A 20 -40.48 23.84 1.39
CA VAL A 20 -40.74 22.41 1.44
C VAL A 20 -40.11 21.82 2.70
N SER A 21 -40.77 20.78 3.22
CA SER A 21 -40.38 20.13 4.47
C SER A 21 -39.99 18.69 4.20
N CYS A 22 -39.17 18.14 5.10
CA CYS A 22 -38.62 16.80 4.93
C CYS A 22 -38.38 16.21 6.32
N LYS A 23 -39.23 15.27 6.74
CA LYS A 23 -39.16 14.71 8.08
C LYS A 23 -38.36 13.40 8.06
N ALA A 24 -37.20 13.41 8.72
CA ALA A 24 -36.36 12.24 8.82
C ALA A 24 -36.83 11.33 9.95
N SER A 25 -36.58 10.03 9.79
CA SER A 25 -37.03 9.05 10.76
C SER A 25 -36.35 7.70 10.58
N GLY A 26 -35.82 7.15 11.67
CA GLY A 26 -35.27 5.81 11.63
C GLY A 26 -33.76 5.72 11.73
N TYR A 27 -33.10 6.82 12.10
CA TYR A 27 -31.64 6.83 12.17
C TYR A 27 -31.23 7.98 13.09
N PRO A 28 -29.96 7.99 13.56
CA PRO A 28 -29.48 9.14 14.33
C PRO A 28 -29.39 10.41 13.50
N PHE A 29 -30.25 11.37 13.79
CA PHE A 29 -30.42 12.53 12.92
C PHE A 29 -29.15 13.39 12.85
N THR A 30 -28.50 13.58 13.99
CA THR A 30 -27.42 14.56 14.06
C THR A 30 -26.12 14.04 13.46
N SER A 31 -26.13 12.79 12.97
CA SER A 31 -24.90 12.19 12.47
C SER A 31 -24.69 12.37 10.97
N TYR A 32 -25.71 12.77 10.22
CA TYR A 32 -25.61 12.93 8.77
C TYR A 32 -26.13 14.30 8.37
N GLY A 33 -25.67 14.76 7.21
CA GLY A 33 -26.19 15.98 6.62
C GLY A 33 -27.33 15.73 5.66
N ILE A 34 -27.90 16.82 5.16
CA ILE A 34 -29.06 16.78 4.27
C ILE A 34 -28.70 17.50 2.98
N SER A 35 -29.02 16.88 1.84
CA SER A 35 -28.80 17.47 0.53
C SER A 35 -30.13 17.68 -0.16
N TRP A 36 -30.25 18.77 -0.90
CA TRP A 36 -31.44 19.04 -1.67
C TRP A 36 -31.12 19.01 -3.16
N VAL A 37 -31.99 18.36 -3.93
CA VAL A 37 -31.78 18.17 -5.36
C VAL A 37 -33.05 18.63 -6.07
N ARG A 38 -32.93 18.90 -7.37
CA ARG A 38 -34.03 19.41 -8.17
C ARG A 38 -33.99 18.80 -9.57
N GLN A 39 -35.18 18.52 -10.10
CA GLN A 39 -35.28 17.97 -11.45
C GLN A 39 -36.43 18.60 -12.22
N ALA A 40 -36.11 19.31 -13.29
CA ALA A 40 -37.12 19.93 -14.15
C ALA A 40 -37.88 18.85 -14.90
N PRO A 41 -39.11 19.10 -15.33
CA PRO A 41 -39.84 18.09 -16.09
C PRO A 41 -39.19 17.76 -17.42
N GLY A 42 -38.88 16.49 -17.64
CA GLY A 42 -38.20 16.07 -18.85
C GLY A 42 -36.79 16.62 -18.98
N GLN A 43 -36.06 16.64 -17.87
CA GLN A 43 -34.68 17.13 -17.86
C GLN A 43 -33.83 16.26 -16.95
N GLY A 44 -32.63 16.74 -16.61
CA GLY A 44 -31.74 16.01 -15.73
C GLY A 44 -31.70 16.56 -14.32
N LEU A 45 -31.08 15.78 -13.44
CA LEU A 45 -30.87 16.19 -12.07
C LEU A 45 -29.90 17.35 -12.02
N GLU A 46 -30.08 18.26 -11.06
CA GLU A 46 -29.08 19.31 -10.86
C GLU A 46 -29.07 19.73 -9.40
N TRP A 47 -27.87 19.85 -8.85
CA TRP A 47 -27.65 20.00 -7.42
C TRP A 47 -28.12 21.35 -6.91
N MET A 48 -28.62 21.37 -5.68
CA MET A 48 -28.99 22.62 -5.04
C MET A 48 -28.10 23.00 -3.87
N GLY A 49 -27.92 22.14 -2.88
CA GLY A 49 -27.07 22.48 -1.77
C GLY A 49 -27.08 21.41 -0.69
N TRP A 50 -26.34 21.70 0.37
CA TRP A 50 -26.05 20.79 1.46
C TRP A 50 -26.14 21.55 2.78
N ILE A 51 -26.59 20.88 3.84
CA ILE A 51 -26.66 21.46 5.17
C ILE A 51 -26.21 20.42 6.20
N SER A 52 -25.47 20.88 7.21
CA SER A 52 -25.04 20.04 8.32
C SER A 52 -26.07 20.09 9.44
N THR A 53 -26.67 18.94 9.74
CA THR A 53 -27.68 18.87 10.78
C THR A 53 -27.12 19.03 12.19
N TYR A 54 -25.79 19.02 12.34
CA TYR A 54 -25.15 19.10 13.64
C TYR A 54 -24.82 20.54 14.03
N ASN A 55 -24.02 21.24 13.23
CA ASN A 55 -23.58 22.58 13.56
C ASN A 55 -24.07 23.64 12.58
N GLY A 56 -24.98 23.29 11.66
CA GLY A 56 -25.73 24.27 10.90
C GLY A 56 -25.01 24.86 9.70
N ASN A 57 -23.77 24.43 9.43
CA ASN A 57 -23.05 24.95 8.28
C ASN A 57 -23.70 24.49 6.98
N THR A 58 -23.87 25.43 6.05
CA THR A 58 -24.54 25.19 4.78
C THR A 58 -23.57 25.43 3.64
N ASN A 59 -23.88 24.85 2.48
CA ASN A 59 -23.05 24.94 1.29
C ASN A 59 -23.96 24.93 0.08
N TYR A 60 -24.11 26.07 -0.59
CA TYR A 60 -25.08 26.24 -1.66
C TYR A 60 -24.39 26.25 -3.01
N ALA A 61 -25.15 25.88 -4.03
CA ALA A 61 -24.66 25.93 -5.41
C ALA A 61 -24.53 27.37 -5.87
N GLN A 62 -23.66 27.56 -6.87
CA GLN A 62 -23.41 28.91 -7.38
C GLN A 62 -24.65 29.50 -8.02
N LYS A 63 -25.43 28.67 -8.72
CA LYS A 63 -26.60 29.14 -9.44
C LYS A 63 -27.65 29.72 -8.49
N PHE A 64 -27.74 29.15 -7.29
CA PHE A 64 -28.73 29.59 -6.31
C PHE A 64 -28.08 30.35 -5.17
N GLN A 65 -26.91 30.96 -5.41
CA GLN A 65 -25.99 31.32 -4.34
C GLN A 65 -26.67 32.12 -3.24
N GLY A 66 -27.41 33.17 -3.59
CA GLY A 66 -28.47 33.57 -2.70
C GLY A 66 -29.80 33.63 -3.42
N ARG A 67 -30.62 32.60 -3.24
CA ARG A 67 -32.06 32.70 -3.48
C ARG A 67 -32.79 31.73 -2.56
N VAL A 68 -32.04 31.04 -1.71
CA VAL A 68 -32.52 29.82 -1.05
C VAL A 68 -31.94 29.77 0.37
N THR A 69 -32.74 29.22 1.29
CA THR A 69 -32.30 29.04 2.67
C THR A 69 -32.69 27.64 3.13
N MET A 70 -31.81 26.99 3.88
CA MET A 70 -32.09 25.68 4.46
C MET A 70 -31.98 25.73 5.96
N THR A 71 -32.92 25.08 6.65
CA THR A 71 -32.93 25.04 8.11
C THR A 71 -33.14 23.61 8.58
N THR A 72 -32.80 23.37 9.84
CA THR A 72 -33.02 22.07 10.46
C THR A 72 -33.63 22.25 11.83
N ASP A 73 -34.36 21.22 12.27
CA ASP A 73 -34.99 21.16 13.58
C ASP A 73 -34.62 19.82 14.19
N THR A 74 -33.82 19.87 15.25
CA THR A 74 -33.30 18.66 15.87
C THR A 74 -34.34 17.91 16.70
N SER A 75 -35.29 18.61 17.30
CA SER A 75 -36.30 17.98 18.14
C SER A 75 -37.19 17.02 17.36
N THR A 76 -37.76 17.48 16.24
CA THR A 76 -38.59 16.63 15.42
C THR A 76 -37.82 15.98 14.27
N THR A 77 -36.52 16.27 14.14
CA THR A 77 -35.69 15.77 13.05
C THR A 77 -36.27 16.16 11.69
N THR A 78 -36.31 17.46 11.41
CA THR A 78 -36.97 17.96 10.20
C THR A 78 -36.05 18.91 9.45
N GLY A 79 -36.05 18.82 8.13
CA GLY A 79 -35.32 19.75 7.28
C GLY A 79 -36.26 20.60 6.46
N TYR A 80 -35.84 21.83 6.21
CA TYR A 80 -36.66 22.80 5.50
C TYR A 80 -35.82 23.43 4.40
N MET A 81 -36.39 23.52 3.20
CA MET A 81 -35.77 24.25 2.10
C MET A 81 -36.75 25.30 1.60
N GLU A 82 -36.35 26.56 1.65
CA GLU A 82 -37.21 27.66 1.24
C GLU A 82 -36.57 28.39 0.08
N LEU A 83 -37.34 28.54 -1.00
CA LEU A 83 -36.94 29.19 -2.23
C LEU A 83 -37.76 30.47 -2.42
N ARG A 84 -37.10 31.49 -2.96
CA ARG A 84 -37.71 32.79 -3.16
C ARG A 84 -37.51 33.21 -4.60
N ARG A 85 -38.14 34.32 -4.98
CA ARG A 85 -38.04 34.91 -6.31
C ARG A 85 -38.39 33.92 -7.42
N LEU A 86 -39.46 33.14 -7.20
CA LEU A 86 -39.80 32.05 -8.10
C LEU A 86 -40.09 32.55 -9.50
N ARG A 87 -39.23 32.16 -10.43
CA ARG A 87 -39.39 32.50 -11.85
C ARG A 87 -40.28 31.42 -12.48
N SER A 88 -40.51 31.42 -13.79
CA SER A 88 -41.30 30.36 -14.42
C SER A 88 -40.50 29.13 -14.81
N ASP A 89 -39.18 29.20 -14.88
CA ASP A 89 -38.36 28.04 -15.19
C ASP A 89 -37.91 27.30 -13.94
N ASP A 90 -38.45 27.67 -12.78
CA ASP A 90 -38.17 26.99 -11.52
C ASP A 90 -39.18 25.88 -11.26
N THR A 91 -40.01 25.56 -12.26
CA THR A 91 -40.89 24.41 -12.19
C THR A 91 -40.06 23.14 -12.23
N ALA A 92 -40.22 22.30 -11.21
CA ALA A 92 -39.39 21.13 -11.07
C ALA A 92 -39.95 20.26 -9.95
N VAL A 93 -39.40 19.06 -9.84
CA VAL A 93 -39.65 18.21 -8.68
C VAL A 93 -38.43 18.27 -7.78
N TYR A 94 -38.64 18.64 -6.52
CA TYR A 94 -37.57 18.83 -5.56
C TYR A 94 -37.45 17.64 -4.62
N TYR A 95 -36.23 17.15 -4.44
CA TYR A 95 -35.97 15.96 -3.65
C TYR A 95 -35.11 16.30 -2.44
N CYS A 96 -35.37 15.57 -1.36
CA CYS A 96 -34.61 15.61 -0.12
C CYS A 96 -33.83 14.30 0.01
N ALA A 97 -32.55 14.39 0.38
CA ALA A 97 -31.72 13.20 0.47
C ALA A 97 -30.83 13.28 1.69
N ARG A 98 -30.52 12.10 2.24
CA ARG A 98 -29.53 11.97 3.29
C ARG A 98 -28.14 11.93 2.65
N ASP A 99 -27.20 12.67 3.22
CA ASP A 99 -25.95 12.97 2.57
C ASP A 99 -24.81 12.16 3.17
N TYR A 100 -23.90 11.72 2.30
CA TYR A 100 -22.65 11.09 2.71
C TYR A 100 -21.51 11.58 1.82
N THR A 101 -21.63 12.81 1.31
CA THR A 101 -20.57 13.43 0.53
C THR A 101 -19.80 14.49 1.31
N ARG A 102 -20.20 14.79 2.54
CA ARG A 102 -19.64 15.87 3.32
C ARG A 102 -20.07 15.67 4.77
N GLY A 103 -19.08 15.57 5.66
CA GLY A 103 -19.37 15.27 7.04
C GLY A 103 -20.12 16.38 7.75
N ALA A 104 -20.94 15.98 8.73
CA ALA A 104 -21.71 16.96 9.49
C ALA A 104 -20.86 17.69 10.51
N TRP A 105 -19.93 16.99 11.16
CA TRP A 105 -19.15 17.56 12.25
C TRP A 105 -17.97 18.40 11.74
N PHE A 106 -17.04 17.77 11.02
CA PHE A 106 -15.83 18.45 10.55
C PHE A 106 -15.96 19.05 9.16
N GLY A 107 -17.06 18.80 8.47
CA GLY A 107 -17.33 19.42 7.19
C GLY A 107 -16.32 19.12 6.11
N GLU A 108 -15.88 17.88 6.00
CA GLU A 108 -14.92 17.47 4.98
C GLU A 108 -15.59 16.52 4.00
N SER A 109 -14.90 16.28 2.89
CA SER A 109 -15.45 15.46 1.82
C SER A 109 -15.28 13.97 2.12
N LEU A 110 -16.35 13.20 1.95
CA LEU A 110 -16.39 11.79 2.29
C LEU A 110 -16.42 10.94 1.03
N ILE A 111 -16.17 9.65 1.20
CA ILE A 111 -16.29 8.68 0.10
C ILE A 111 -17.72 8.14 0.16
N GLY A 112 -18.57 8.60 -0.75
CA GLY A 112 -19.96 8.16 -0.72
C GLY A 112 -20.81 8.97 -1.67
N GLY A 113 -22.09 9.08 -1.33
CA GLY A 113 -23.04 9.79 -2.16
C GLY A 113 -24.35 9.98 -1.42
N PHE A 114 -25.38 10.33 -2.18
CA PHE A 114 -26.72 10.51 -1.63
C PHE A 114 -27.42 9.16 -1.50
N ASP A 115 -27.46 8.59 -0.30
CA ASP A 115 -27.84 7.19 -0.18
C ASP A 115 -29.35 7.01 -0.01
N ASN A 116 -29.99 7.83 0.81
CA ASN A 116 -31.43 7.77 1.04
C ASN A 116 -32.08 9.04 0.51
N TRP A 117 -33.10 8.88 -0.31
CA TRP A 117 -33.80 10.00 -0.93
C TRP A 117 -35.22 10.10 -0.39
N GLY A 118 -35.84 11.24 -0.63
CA GLY A 118 -37.22 11.47 -0.26
C GLY A 118 -38.17 10.96 -1.32
N GLN A 119 -39.39 11.50 -1.29
CA GLN A 119 -40.42 11.10 -2.24
C GLN A 119 -40.64 12.10 -3.35
N GLY A 120 -40.06 13.28 -3.27
CA GLY A 120 -40.30 14.28 -4.28
C GLY A 120 -41.47 15.18 -3.92
N THR A 121 -41.43 16.40 -4.44
CA THR A 121 -42.48 17.38 -4.18
C THR A 121 -42.58 18.28 -5.39
N LEU A 122 -43.61 18.07 -6.22
CA LEU A 122 -43.77 18.90 -7.40
C LEU A 122 -44.08 20.34 -6.99
N VAL A 123 -43.38 21.28 -7.63
CA VAL A 123 -43.63 22.70 -7.37
C VAL A 123 -43.88 23.41 -8.70
N THR A 124 -45.14 23.52 -9.08
CA THR A 124 -45.51 24.24 -10.29
C THR A 124 -45.56 25.74 -10.03
N VAL A 125 -44.92 26.51 -10.89
CA VAL A 125 -44.92 27.97 -10.80
C VAL A 125 -45.37 28.51 -12.15
N SER A 126 -46.48 29.23 -12.16
CA SER A 126 -47.08 29.71 -13.40
C SER A 126 -48.03 30.86 -13.12
N SER A 127 -48.14 31.77 -14.08
CA SER A 127 -49.04 32.91 -14.00
C SER A 127 -50.40 32.50 -14.59
N ALA A 128 -51.29 32.01 -13.71
CA ALA A 128 -52.59 31.51 -14.14
C ALA A 128 -53.51 31.33 -12.95
N SER A 129 -54.65 30.66 -13.17
CA SER A 129 -55.58 30.34 -12.10
C SER A 129 -56.24 29.01 -12.41
N THR A 130 -56.81 28.40 -11.38
CA THR A 130 -57.43 27.09 -11.51
C THR A 130 -58.54 27.11 -12.54
N LYS A 131 -58.62 26.05 -13.35
CA LYS A 131 -59.59 25.95 -14.41
C LYS A 131 -60.08 24.51 -14.49
N GLY A 132 -61.09 24.27 -15.32
CA GLY A 132 -61.65 22.95 -15.45
C GLY A 132 -61.53 22.42 -16.87
N PRO A 133 -61.55 21.09 -17.01
CA PRO A 133 -61.45 20.50 -18.35
C PRO A 133 -62.64 20.87 -19.22
N SER A 134 -62.36 21.21 -20.46
CA SER A 134 -63.41 21.36 -21.48
C SER A 134 -63.43 20.11 -22.36
N VAL A 135 -63.99 19.02 -21.84
CA VAL A 135 -63.91 17.72 -22.51
C VAL A 135 -64.64 17.74 -23.84
N PHE A 136 -63.98 17.25 -24.89
CA PHE A 136 -64.55 17.19 -26.22
C PHE A 136 -64.47 15.77 -26.77
N PRO A 137 -65.42 15.35 -27.60
CA PRO A 137 -65.32 14.01 -28.20
C PRO A 137 -64.42 13.98 -29.42
N LEU A 138 -63.85 12.82 -29.72
CA LEU A 138 -63.17 12.56 -30.99
C LEU A 138 -63.62 11.19 -31.45
N ALA A 139 -64.65 11.16 -32.29
CA ALA A 139 -65.37 10.04 -32.85
C ALA A 139 -64.57 9.40 -33.98
N PRO A 140 -64.78 8.10 -34.22
CA PRO A 140 -64.13 7.43 -35.36
C PRO A 140 -64.46 8.07 -36.69
N SER A 141 -63.66 7.78 -37.72
CA SER A 141 -63.83 8.38 -39.03
C SER A 141 -65.12 7.92 -39.69
N SER A 142 -65.45 8.58 -40.80
CA SER A 142 -66.69 8.32 -41.52
C SER A 142 -66.76 6.88 -42.01
N LYS A 143 -65.65 6.36 -42.53
CA LYS A 143 -65.57 4.97 -42.94
C LYS A 143 -65.39 4.11 -41.69
N SER A 144 -66.36 3.23 -41.43
CA SER A 144 -66.38 2.41 -40.21
C SER A 144 -65.39 1.27 -40.38
N THR A 145 -64.10 1.60 -40.24
CA THR A 145 -63.04 0.62 -40.35
C THR A 145 -61.79 1.07 -39.61
N THR A 149 -60.56 -2.69 -36.65
CA THR A 149 -60.17 -1.86 -35.52
C THR A 149 -59.84 -0.42 -35.94
N ALA A 150 -60.57 0.52 -35.33
CA ALA A 150 -60.29 1.94 -35.44
C ALA A 150 -60.00 2.47 -34.04
N ALA A 151 -59.91 3.79 -33.92
CA ALA A 151 -59.63 4.43 -32.65
C ALA A 151 -60.54 5.64 -32.44
N LEU A 152 -60.78 5.95 -31.18
CA LEU A 152 -61.53 7.15 -30.81
C LEU A 152 -60.92 7.70 -29.52
N GLY A 153 -61.53 8.74 -28.97
CA GLY A 153 -61.07 9.23 -27.68
C GLY A 153 -61.80 10.47 -27.24
N CYS A 154 -61.33 11.02 -26.13
CA CYS A 154 -61.79 12.30 -25.63
C CYS A 154 -60.61 13.22 -25.32
N LEU A 155 -60.85 14.52 -25.49
CA LEU A 155 -59.82 15.55 -25.46
C LEU A 155 -60.02 16.39 -24.21
N VAL A 156 -59.30 16.04 -23.15
CA VAL A 156 -59.33 16.82 -21.92
C VAL A 156 -58.48 18.07 -22.18
N LYS A 157 -59.14 19.19 -22.44
CA LYS A 157 -58.46 20.37 -22.96
C LYS A 157 -58.68 21.57 -22.04
N ASP A 158 -57.65 22.41 -21.97
CA ASP A 158 -57.74 23.73 -21.34
C ASP A 158 -58.01 23.62 -19.85
N TYR A 159 -57.15 22.90 -19.12
CA TYR A 159 -57.36 22.62 -17.70
C TYR A 159 -56.12 22.97 -16.90
N PHE A 160 -56.32 23.50 -15.69
CA PHE A 160 -55.24 23.83 -14.76
C PHE A 160 -55.82 23.74 -13.36
N PRO A 161 -55.09 23.22 -12.37
CA PRO A 161 -53.71 22.74 -12.38
C PRO A 161 -53.57 21.30 -12.85
N GLU A 162 -52.48 20.69 -12.40
CA GLU A 162 -51.90 19.43 -12.85
C GLU A 162 -52.76 18.28 -12.30
N PRO A 163 -52.30 17.02 -12.35
CA PRO A 163 -53.08 15.94 -13.01
C PRO A 163 -54.59 15.95 -12.90
N VAL A 164 -55.22 15.67 -14.04
CA VAL A 164 -56.57 15.12 -14.08
C VAL A 164 -56.44 13.61 -14.17
N THR A 165 -57.52 12.89 -13.86
CA THR A 165 -57.53 11.45 -14.01
C THR A 165 -58.55 11.09 -15.09
N VAL A 166 -58.11 10.37 -16.11
CA VAL A 166 -58.98 9.95 -17.20
C VAL A 166 -59.05 8.43 -17.20
N SER A 167 -60.25 7.91 -17.02
CA SER A 167 -60.51 6.47 -17.06
C SER A 167 -61.60 6.19 -18.10
N TRP A 168 -61.87 4.91 -18.32
CA TRP A 168 -62.85 4.50 -19.32
C TRP A 168 -63.79 3.47 -18.74
N ASN A 169 -65.08 3.83 -18.70
CA ASN A 169 -66.12 2.97 -18.13
C ASN A 169 -65.74 2.52 -16.73
N SER A 170 -65.22 3.44 -15.93
CA SER A 170 -64.81 3.17 -14.55
C SER A 170 -63.82 2.03 -14.51
N GLY A 171 -62.87 2.02 -15.43
CA GLY A 171 -61.87 0.97 -15.49
C GLY A 171 -62.42 -0.36 -15.98
N ALA A 172 -62.85 -0.40 -17.25
CA ALA A 172 -63.38 -1.62 -17.82
C ALA A 172 -62.54 -2.11 -18.99
N LEU A 173 -62.25 -1.22 -19.95
CA LEU A 173 -61.56 -1.57 -21.19
C LEU A 173 -60.10 -1.13 -21.20
N THR A 174 -59.41 -1.26 -20.06
CA THR A 174 -58.02 -0.86 -19.89
C THR A 174 -57.10 -1.39 -20.99
N SER A 175 -57.47 -2.50 -21.61
CA SER A 175 -56.66 -3.06 -22.68
C SER A 175 -56.71 -2.16 -23.91
N GLY A 176 -55.63 -1.42 -24.15
CA GLY A 176 -55.61 -0.48 -25.26
C GLY A 176 -56.06 0.91 -24.87
N VAL A 177 -55.50 1.45 -23.80
CA VAL A 177 -55.79 2.80 -23.34
C VAL A 177 -54.48 3.57 -23.35
N HIS A 178 -54.42 4.62 -24.16
CA HIS A 178 -53.25 5.48 -24.26
C HIS A 178 -53.65 6.87 -23.76
N THR A 179 -53.04 7.30 -22.66
CA THR A 179 -53.25 8.62 -22.11
C THR A 179 -51.95 9.40 -22.25
N PHE A 180 -51.88 10.26 -23.26
CA PHE A 180 -50.65 10.99 -23.56
C PHE A 180 -50.35 11.98 -22.45
N PRO A 181 -49.07 12.18 -22.11
CA PRO A 181 -48.72 13.20 -21.12
C PRO A 181 -49.20 14.58 -21.55
N ALA A 182 -49.64 15.38 -20.59
CA ALA A 182 -50.10 16.71 -20.90
C ALA A 182 -48.95 17.58 -21.41
N VAL A 183 -49.27 18.44 -22.37
CA VAL A 183 -48.30 19.39 -22.90
C VAL A 183 -48.79 20.79 -22.59
N LEU A 184 -47.89 21.63 -22.09
CA LEU A 184 -48.27 23.01 -21.78
C LEU A 184 -48.44 23.79 -23.07
N GLN A 185 -49.57 24.47 -23.21
CA GLN A 185 -49.85 25.24 -24.42
C GLN A 185 -49.09 26.56 -24.40
N SER A 186 -49.31 27.39 -25.42
CA SER A 186 -48.67 28.69 -25.49
C SER A 186 -49.30 29.73 -24.57
N SER A 187 -50.48 29.45 -24.02
CA SER A 187 -51.16 30.36 -23.10
C SER A 187 -51.03 29.88 -21.66
N GLY A 188 -50.10 28.96 -21.41
CA GLY A 188 -49.90 28.45 -20.07
C GLY A 188 -51.10 27.69 -19.53
N LEU A 189 -51.43 26.57 -20.15
CA LEU A 189 -52.60 25.79 -19.76
C LEU A 189 -52.53 24.43 -20.42
N TYR A 190 -52.69 23.38 -19.63
CA TYR A 190 -52.41 22.02 -20.07
C TYR A 190 -53.57 21.45 -20.86
N SER A 191 -53.25 20.65 -21.87
CA SER A 191 -54.24 19.94 -22.68
C SER A 191 -53.77 18.51 -22.87
N LEU A 192 -54.67 17.56 -22.67
CA LEU A 192 -54.38 16.14 -22.73
C LEU A 192 -55.34 15.46 -23.70
N SER A 193 -54.88 14.35 -24.27
CA SER A 193 -55.72 13.56 -25.17
C SER A 193 -55.69 12.11 -24.72
N SER A 194 -56.87 11.49 -24.63
CA SER A 194 -56.96 10.08 -24.30
C SER A 194 -57.67 9.34 -25.43
N VAL A 195 -57.09 8.23 -25.86
CA VAL A 195 -57.60 7.48 -27.01
C VAL A 195 -57.64 6.00 -26.68
N VAL A 196 -58.62 5.31 -27.26
CA VAL A 196 -58.74 3.86 -27.16
C VAL A 196 -59.03 3.30 -28.55
N THR A 197 -58.47 2.13 -28.84
CA THR A 197 -58.71 1.45 -30.09
C THR A 197 -59.68 0.29 -29.88
N VAL A 198 -60.68 0.22 -30.74
CA VAL A 198 -61.75 -0.77 -30.62
C VAL A 198 -61.99 -1.43 -31.98
N PRO A 199 -62.53 -2.65 -32.03
CA PRO A 199 -62.77 -3.30 -33.32
C PRO A 199 -63.74 -2.51 -34.19
N SER A 200 -63.52 -2.57 -35.51
CA SER A 200 -64.27 -1.78 -36.48
C SER A 200 -65.73 -2.21 -36.55
N SER A 201 -66.01 -3.46 -36.16
CA SER A 201 -67.36 -3.99 -36.23
C SER A 201 -68.17 -3.72 -34.96
N SER A 202 -67.55 -3.14 -33.93
CA SER A 202 -68.23 -2.91 -32.66
C SER A 202 -68.20 -1.43 -32.30
N LEU A 203 -68.51 -0.56 -33.26
CA LEU A 203 -68.44 0.88 -33.05
C LEU A 203 -69.77 1.42 -32.56
N GLY A 204 -70.85 1.27 -33.32
CA GLY A 204 -72.15 1.78 -32.91
C GLY A 204 -72.98 0.74 -32.17
N THR A 205 -72.34 -0.01 -31.28
CA THR A 205 -73.03 -1.08 -30.55
C THR A 205 -72.82 -0.93 -29.06
N GLN A 206 -71.73 -0.30 -28.64
CA GLN A 206 -71.40 -0.11 -27.24
C GLN A 206 -71.61 1.35 -26.85
N THR A 207 -71.22 1.67 -25.61
CA THR A 207 -71.30 3.02 -25.08
C THR A 207 -69.94 3.36 -24.46
N TYR A 208 -69.16 4.19 -25.15
CA TYR A 208 -67.86 4.62 -24.66
C TYR A 208 -68.01 5.94 -23.92
N ILE A 209 -67.74 5.94 -22.62
CA ILE A 209 -67.76 7.14 -21.80
C ILE A 209 -66.42 7.23 -21.07
N CYS A 210 -65.81 8.41 -21.12
CA CYS A 210 -64.53 8.62 -20.45
C CYS A 210 -64.75 9.49 -19.21
N ASN A 211 -64.13 9.09 -18.11
CA ASN A 211 -64.30 9.72 -16.81
C ASN A 211 -63.13 10.65 -16.53
N VAL A 212 -63.45 11.92 -16.23
CA VAL A 212 -62.48 12.96 -15.99
C VAL A 212 -62.63 13.43 -14.55
N ASN A 213 -61.56 13.36 -13.78
CA ASN A 213 -61.55 13.70 -12.36
C ASN A 213 -60.50 14.78 -12.12
N HIS A 214 -60.89 16.03 -12.27
CA HIS A 214 -60.02 17.16 -11.93
C HIS A 214 -60.37 17.63 -10.53
N LYS A 215 -59.69 17.05 -9.53
CA LYS A 215 -60.00 17.25 -8.12
C LYS A 215 -59.88 18.71 -7.67
N PRO A 216 -58.80 19.44 -8.03
CA PRO A 216 -58.69 20.84 -7.57
C PRO A 216 -59.87 21.72 -7.96
N SER A 217 -60.70 21.27 -8.89
CA SER A 217 -61.95 21.96 -9.19
C SER A 217 -63.16 21.09 -8.84
N ASN A 218 -62.91 19.87 -8.36
CA ASN A 218 -63.96 18.91 -8.02
C ASN A 218 -64.89 18.68 -9.20
N THR A 219 -64.36 18.17 -10.30
CA THR A 219 -65.13 17.87 -11.49
C THR A 219 -64.93 16.41 -11.88
N LYS A 220 -66.04 15.72 -12.14
CA LYS A 220 -66.01 14.27 -12.34
C LYS A 220 -66.81 13.84 -13.56
N VAL A 221 -66.57 14.47 -14.71
CA VAL A 221 -67.45 14.30 -15.86
C VAL A 221 -67.31 12.89 -16.44
N ASP A 222 -68.43 12.19 -16.57
CA ASP A 222 -68.47 10.93 -17.31
C ASP A 222 -68.89 11.20 -18.75
N LYS A 223 -68.02 11.85 -19.51
CA LYS A 223 -68.42 12.36 -20.82
C LYS A 223 -68.65 11.21 -21.81
N LYS A 224 -69.79 11.29 -22.49
CA LYS A 224 -70.18 10.30 -23.48
C LYS A 224 -69.74 10.74 -24.87
N VAL A 225 -69.00 9.86 -25.55
CA VAL A 225 -68.57 10.14 -26.92
C VAL A 225 -69.33 9.24 -27.89
N GLU A 226 -70.16 9.86 -28.72
CA GLU A 226 -70.95 9.09 -29.66
C GLU A 226 -70.51 9.41 -31.10
N PRO A 227 -70.37 8.40 -31.95
CA PRO A 227 -69.93 8.65 -33.33
C PRO A 227 -70.91 9.54 -34.09
N LYS A 228 -70.33 10.35 -34.97
CA LYS A 228 -71.12 11.25 -35.82
C LYS A 228 -71.82 10.49 -36.93
N GLU B 1 -16.55 24.45 -13.21
CA GLU B 1 -15.72 23.38 -12.67
C GLU B 1 -15.67 22.19 -13.63
N ILE B 2 -15.66 20.97 -13.07
CA ILE B 2 -15.65 19.79 -13.92
C ILE B 2 -16.99 19.66 -14.63
N VAL B 3 -16.93 19.40 -15.92
CA VAL B 3 -18.11 19.07 -16.72
C VAL B 3 -18.00 17.61 -17.14
N LEU B 4 -19.08 16.86 -16.94
CA LEU B 4 -19.10 15.43 -17.20
C LEU B 4 -19.97 15.19 -18.42
N THR B 5 -19.35 14.80 -19.53
CA THR B 5 -20.07 14.38 -20.72
C THR B 5 -20.32 12.89 -20.64
N GLN B 6 -21.58 12.51 -20.73
CA GLN B 6 -21.98 11.13 -20.49
C GLN B 6 -22.52 10.55 -21.79
N SER B 7 -21.94 9.44 -22.23
CA SER B 7 -22.19 8.88 -23.55
C SER B 7 -22.53 7.39 -23.48
N PRO B 8 -23.29 6.88 -24.46
CA PRO B 8 -23.96 7.68 -25.49
C PRO B 8 -25.24 8.34 -24.96
N GLY B 9 -25.89 9.18 -25.74
CA GLY B 9 -27.09 9.86 -25.28
C GLY B 9 -28.24 8.94 -24.95
N THR B 10 -28.49 7.98 -25.82
CA THR B 10 -29.49 6.94 -25.59
C THR B 10 -28.84 5.58 -25.79
N LEU B 11 -29.57 4.53 -25.41
CA LEU B 11 -29.04 3.18 -25.54
C LEU B 11 -30.20 2.21 -25.56
N SER B 12 -30.42 1.55 -26.69
CA SER B 12 -31.45 0.53 -26.82
C SER B 12 -30.78 -0.84 -26.85
N LEU B 13 -31.22 -1.72 -25.96
CA LEU B 13 -30.61 -3.05 -25.84
C LEU B 13 -31.67 -4.13 -25.73
N SER B 14 -31.24 -5.37 -25.49
CA SER B 14 -32.14 -6.49 -25.38
C SER B 14 -32.00 -7.11 -24.01
N PRO B 15 -33.05 -7.70 -23.45
CA PRO B 15 -32.99 -8.14 -22.05
C PRO B 15 -32.06 -9.31 -21.83
N GLY B 16 -30.78 -9.03 -21.67
CA GLY B 16 -29.78 -10.06 -21.43
C GLY B 16 -28.42 -9.74 -21.97
N GLU B 17 -28.31 -8.66 -22.73
CA GLU B 17 -27.01 -8.23 -23.24
C GLU B 17 -26.24 -7.48 -22.16
N ARG B 18 -25.00 -7.13 -22.48
CA ARG B 18 -24.12 -6.40 -21.59
C ARG B 18 -24.16 -4.92 -21.94
N ALA B 19 -24.37 -4.07 -20.94
CA ALA B 19 -24.49 -2.64 -21.13
C ALA B 19 -23.27 -1.92 -20.57
N THR B 20 -22.78 -0.94 -21.32
CA THR B 20 -21.60 -0.16 -20.97
C THR B 20 -21.90 1.32 -21.16
N LEU B 21 -21.85 2.09 -20.07
CA LEU B 21 -22.07 3.53 -20.11
C LEU B 21 -20.78 4.26 -19.74
N SER B 22 -20.56 5.40 -20.39
CA SER B 22 -19.30 6.12 -20.23
C SER B 22 -19.55 7.51 -19.66
N CYS B 23 -18.74 7.90 -18.69
CA CYS B 23 -18.73 9.25 -18.14
C CYS B 23 -17.32 9.79 -18.30
N ARG B 24 -17.18 10.94 -18.97
CA ARG B 24 -15.87 11.53 -19.23
C ARG B 24 -15.81 12.93 -18.66
N ALA B 25 -14.71 13.26 -18.00
CA ALA B 25 -14.54 14.53 -17.31
C ALA B 25 -13.56 15.42 -18.04
N SER B 26 -13.85 16.72 -18.04
CA SER B 26 -12.95 17.72 -18.62
C SER B 26 -11.62 17.76 -17.86
N GLN B 27 -11.70 17.91 -16.54
CA GLN B 27 -10.50 17.91 -15.70
C GLN B 27 -10.23 16.49 -15.23
N THR B 28 -9.22 16.34 -14.36
CA THR B 28 -8.92 15.05 -13.75
C THR B 28 -9.68 14.93 -12.44
N VAL B 29 -10.44 13.85 -12.30
CA VAL B 29 -11.27 13.60 -11.13
C VAL B 29 -10.71 12.40 -10.37
N SER B 30 -10.56 12.56 -9.06
CA SER B 30 -10.10 11.49 -8.19
C SER B 30 -11.09 10.34 -8.20
N SER B 31 -10.63 9.12 -7.95
CA SER B 31 -11.51 7.97 -7.95
C SER B 31 -12.34 7.82 -6.68
N THR B 32 -12.07 8.59 -5.63
CA THR B 32 -12.79 8.51 -4.37
C THR B 32 -14.07 9.35 -4.38
N SER B 33 -14.33 10.06 -5.47
CA SER B 33 -15.39 11.07 -5.46
C SER B 33 -16.18 11.05 -6.75
N LEU B 34 -16.58 9.86 -7.19
CA LEU B 34 -17.46 9.74 -8.36
C LEU B 34 -18.48 8.65 -8.09
N ALA B 35 -19.73 8.92 -8.44
CA ALA B 35 -20.83 8.03 -8.09
C ALA B 35 -21.81 7.92 -9.25
N TRP B 36 -22.62 6.86 -9.22
CA TRP B 36 -23.65 6.62 -10.21
C TRP B 36 -25.00 6.46 -9.53
N TYR B 37 -26.05 6.94 -10.19
CA TYR B 37 -27.43 6.86 -9.71
C TYR B 37 -28.33 6.29 -10.79
N GLN B 38 -29.42 5.65 -10.35
CA GLN B 38 -30.43 5.09 -11.24
C GLN B 38 -31.78 5.66 -10.87
N GLN B 39 -32.53 6.15 -11.85
CA GLN B 39 -33.87 6.64 -11.64
C GLN B 39 -34.84 5.85 -12.53
N LYS B 40 -35.81 5.20 -11.90
CA LYS B 40 -36.92 4.57 -12.60
C LYS B 40 -37.98 5.61 -12.92
N PRO B 41 -38.82 5.36 -13.93
CA PRO B 41 -39.84 6.35 -14.31
C PRO B 41 -40.87 6.53 -13.21
N GLY B 42 -41.07 7.78 -12.80
CA GLY B 42 -42.05 8.13 -11.80
C GLY B 42 -41.56 8.04 -10.37
N GLN B 43 -40.34 7.57 -10.15
CA GLN B 43 -39.80 7.40 -8.81
C GLN B 43 -38.66 8.38 -8.57
N ALA B 44 -38.10 8.32 -7.36
CA ALA B 44 -36.91 9.08 -7.00
C ALA B 44 -35.66 8.28 -7.33
N PRO B 45 -34.52 8.95 -7.49
CA PRO B 45 -33.27 8.22 -7.76
C PRO B 45 -32.84 7.38 -6.58
N ARG B 46 -31.82 6.55 -6.81
CA ARG B 46 -31.26 5.73 -5.75
C ARG B 46 -29.79 5.46 -6.07
N LEU B 47 -28.95 5.55 -5.05
CA LEU B 47 -27.51 5.37 -5.22
C LEU B 47 -27.20 3.93 -5.61
N LEU B 48 -26.29 3.76 -6.57
CA LEU B 48 -25.80 2.45 -6.98
C LEU B 48 -24.34 2.22 -6.63
N ILE B 49 -23.47 3.11 -7.10
CA ILE B 49 -22.03 2.95 -6.97
C ILE B 49 -21.46 4.21 -6.33
N TYR B 50 -20.60 4.06 -5.35
CA TYR B 50 -19.85 5.17 -4.78
C TYR B 50 -18.37 4.84 -4.79
N GLY B 51 -17.54 5.87 -4.90
CA GLY B 51 -16.12 5.65 -5.00
C GLY B 51 -15.69 5.04 -6.31
N ALA B 52 -16.58 5.02 -7.30
CA ALA B 52 -16.34 4.57 -8.67
C ALA B 52 -16.19 3.06 -8.77
N SER B 53 -16.08 2.37 -7.65
CA SER B 53 -16.04 0.91 -7.67
C SER B 53 -16.96 0.27 -6.65
N SER B 54 -17.11 0.87 -5.47
CA SER B 54 -17.85 0.24 -4.40
C SER B 54 -19.34 0.21 -4.71
N ARG B 55 -20.01 -0.83 -4.21
CA ARG B 55 -21.43 -1.02 -4.44
C ARG B 55 -22.20 -0.66 -3.18
N ALA B 56 -23.34 0.00 -3.36
CA ALA B 56 -24.12 0.50 -2.24
C ALA B 56 -24.83 -0.66 -1.53
N THR B 57 -25.54 -0.32 -0.46
CA THR B 57 -26.24 -1.32 0.33
C THR B 57 -27.45 -1.87 -0.41
N GLY B 58 -27.49 -3.18 -0.61
CA GLY B 58 -28.61 -3.83 -1.25
C GLY B 58 -28.60 -3.84 -2.76
N ILE B 59 -27.50 -3.42 -3.40
CA ILE B 59 -27.41 -3.40 -4.85
C ILE B 59 -26.93 -4.76 -5.34
N PRO B 60 -27.59 -5.36 -6.32
CA PRO B 60 -27.15 -6.67 -6.84
C PRO B 60 -25.79 -6.58 -7.51
N ASP B 61 -25.20 -7.76 -7.72
CA ASP B 61 -23.82 -7.89 -8.17
C ASP B 61 -23.64 -7.55 -9.65
N ARG B 62 -24.72 -7.56 -10.44
CA ARG B 62 -24.57 -7.36 -11.88
C ARG B 62 -24.16 -5.93 -12.24
N PHE B 63 -24.21 -5.01 -11.28
CA PHE B 63 -23.74 -3.65 -11.48
C PHE B 63 -22.29 -3.53 -11.04
N SER B 64 -21.46 -2.86 -11.83
CA SER B 64 -20.09 -2.60 -11.41
C SER B 64 -19.60 -1.32 -12.06
N GLY B 65 -18.51 -0.79 -11.50
CA GLY B 65 -17.91 0.42 -12.03
C GLY B 65 -16.41 0.28 -12.14
N SER B 66 -15.84 1.05 -13.06
CA SER B 66 -14.39 1.03 -13.28
C SER B 66 -13.99 2.35 -13.93
N GLY B 67 -12.71 2.48 -14.24
CA GLY B 67 -12.18 3.67 -14.87
C GLY B 67 -11.34 4.48 -13.88
N SER B 68 -10.80 5.59 -14.40
CA SER B 68 -10.00 6.48 -13.57
C SER B 68 -9.70 7.75 -14.36
N GLY B 69 -9.20 8.75 -13.64
CA GLY B 69 -8.54 9.91 -14.22
C GLY B 69 -9.48 10.87 -14.90
N THR B 70 -9.93 10.47 -16.10
CA THR B 70 -10.88 11.27 -16.85
C THR B 70 -11.95 10.43 -17.52
N ASP B 71 -11.90 9.11 -17.43
CA ASP B 71 -12.85 8.26 -18.12
C ASP B 71 -13.28 7.15 -17.17
N PHE B 72 -14.60 7.06 -16.93
CA PHE B 72 -15.17 6.07 -16.03
C PHE B 72 -16.28 5.33 -16.75
N THR B 73 -16.45 4.06 -16.38
CA THR B 73 -17.37 3.19 -17.07
C THR B 73 -18.26 2.46 -16.07
N LEU B 74 -19.56 2.46 -16.34
CA LEU B 74 -20.52 1.66 -15.59
C LEU B 74 -20.90 0.46 -16.43
N THR B 75 -20.80 -0.73 -15.85
CA THR B 75 -21.03 -1.98 -16.56
C THR B 75 -22.19 -2.73 -15.91
N ILE B 76 -23.17 -3.11 -16.72
CA ILE B 76 -24.27 -3.97 -16.31
C ILE B 76 -24.17 -5.26 -17.10
N SER B 77 -24.25 -6.39 -16.40
CA SER B 77 -24.07 -7.69 -17.02
C SER B 77 -25.37 -8.32 -17.51
N ARG B 78 -26.43 -8.29 -16.71
CA ARG B 78 -27.71 -8.89 -17.06
C ARG B 78 -28.76 -7.78 -17.02
N LEU B 79 -29.53 -7.65 -18.10
CA LEU B 79 -30.52 -6.60 -18.16
C LEU B 79 -31.93 -7.11 -17.83
N GLU B 80 -32.22 -7.29 -16.55
CA GLU B 80 -33.57 -7.62 -16.11
C GLU B 80 -34.49 -6.44 -16.40
N PRO B 81 -35.81 -6.67 -16.50
CA PRO B 81 -36.71 -5.58 -16.93
C PRO B 81 -36.66 -4.35 -16.05
N GLU B 82 -36.35 -4.52 -14.76
CA GLU B 82 -36.29 -3.37 -13.87
C GLU B 82 -35.05 -2.52 -14.11
N ASP B 83 -34.07 -3.04 -14.83
CA ASP B 83 -32.82 -2.32 -15.05
C ASP B 83 -32.90 -1.39 -16.24
N PHE B 84 -34.10 -1.12 -16.74
CA PHE B 84 -34.30 -0.20 -17.84
C PHE B 84 -34.78 1.13 -17.24
N ALA B 85 -33.83 2.05 -17.05
CA ALA B 85 -34.05 3.26 -16.30
C ALA B 85 -33.18 4.36 -16.90
N VAL B 86 -33.01 5.45 -16.16
CA VAL B 86 -32.09 6.51 -16.57
C VAL B 86 -30.95 6.59 -15.57
N TYR B 87 -29.72 6.59 -16.07
CA TYR B 87 -28.54 6.47 -15.23
C TYR B 87 -27.72 7.76 -15.29
N TYR B 88 -27.29 8.23 -14.13
CA TYR B 88 -26.55 9.48 -14.00
C TYR B 88 -25.22 9.24 -13.30
N CYS B 89 -24.22 10.07 -13.63
CA CYS B 89 -22.96 10.10 -12.90
C CYS B 89 -22.75 11.47 -12.28
N GLN B 90 -22.23 11.49 -11.05
CA GLN B 90 -21.76 12.74 -10.49
C GLN B 90 -20.33 12.61 -10.01
N GLN B 91 -19.73 13.76 -9.73
CA GLN B 91 -18.48 13.88 -8.99
C GLN B 91 -18.69 14.91 -7.90
N HIS B 92 -17.95 14.79 -6.80
CA HIS B 92 -17.84 15.88 -5.84
C HIS B 92 -16.39 16.23 -5.55
N ASP B 93 -15.52 16.03 -6.54
CA ASP B 93 -14.11 16.36 -6.38
C ASP B 93 -13.91 17.86 -6.20
N THR B 94 -14.46 18.66 -7.12
CA THR B 94 -14.37 20.12 -7.06
C THR B 94 -15.79 20.64 -7.34
N SER B 95 -16.54 20.87 -6.27
CA SER B 95 -17.98 21.16 -6.34
C SER B 95 -18.72 19.97 -6.94
N LEU B 96 -20.03 19.91 -6.75
CA LEU B 96 -20.79 18.72 -7.09
C LEU B 96 -21.63 18.97 -8.33
N THR B 97 -21.40 18.18 -9.36
CA THR B 97 -22.11 18.29 -10.63
C THR B 97 -22.57 16.91 -11.07
N PHE B 98 -23.72 16.86 -11.74
CA PHE B 98 -24.25 15.65 -12.32
C PHE B 98 -23.91 15.58 -13.81
N GLY B 99 -24.13 14.41 -14.39
CA GLY B 99 -24.01 14.23 -15.82
C GLY B 99 -25.33 14.54 -16.53
N GLY B 100 -25.32 14.30 -17.83
CA GLY B 100 -26.52 14.53 -18.62
C GLY B 100 -27.56 13.45 -18.46
N GLY B 101 -27.12 12.23 -18.20
CA GLY B 101 -28.01 11.10 -18.07
C GLY B 101 -28.06 10.30 -19.35
N THR B 102 -28.24 8.99 -19.21
CA THR B 102 -28.24 8.06 -20.33
C THR B 102 -29.41 7.11 -20.19
N LYS B 103 -30.43 7.26 -21.03
CA LYS B 103 -31.57 6.37 -21.01
C LYS B 103 -31.18 4.99 -21.52
N VAL B 104 -31.79 3.96 -20.94
CA VAL B 104 -31.56 2.58 -21.37
C VAL B 104 -32.88 2.00 -21.86
N GLU B 105 -32.98 1.80 -23.17
CA GLU B 105 -34.23 1.36 -23.78
C GLU B 105 -34.14 -0.10 -24.22
N ILE B 106 -35.27 -0.62 -24.70
CA ILE B 106 -35.37 -2.01 -25.11
C ILE B 106 -35.36 -2.08 -26.63
N LYS B 107 -34.53 -2.97 -27.18
CA LYS B 107 -34.43 -3.17 -28.61
C LYS B 107 -35.44 -4.22 -29.07
N ARG B 108 -36.20 -3.89 -30.11
CA ARG B 108 -37.12 -4.84 -30.71
C ARG B 108 -37.11 -4.72 -32.23
N THR B 109 -38.11 -5.33 -32.87
CA THR B 109 -38.22 -5.35 -34.32
C THR B 109 -38.84 -4.06 -34.81
N VAL B 110 -38.59 -3.71 -36.06
CA VAL B 110 -39.07 -2.45 -36.63
C VAL B 110 -40.55 -2.54 -36.96
N ALA B 111 -41.38 -1.84 -36.20
CA ALA B 111 -42.80 -1.76 -36.47
C ALA B 111 -43.13 -0.43 -37.15
N ALA B 112 -44.36 -0.33 -37.63
CA ALA B 112 -44.81 0.81 -38.41
C ALA B 112 -46.06 1.41 -37.77
N PRO B 113 -46.25 2.72 -37.91
CA PRO B 113 -47.40 3.36 -37.26
C PRO B 113 -48.71 3.02 -37.94
N SER B 114 -49.80 3.35 -37.26
CA SER B 114 -51.16 3.09 -37.70
C SER B 114 -51.95 4.39 -37.86
N VAL B 115 -51.35 5.39 -38.51
CA VAL B 115 -51.80 6.77 -38.56
C VAL B 115 -53.32 6.92 -38.66
N PHE B 116 -53.89 7.77 -37.80
CA PHE B 116 -55.30 8.09 -37.85
C PHE B 116 -55.45 9.57 -38.19
N ILE B 117 -56.67 10.07 -38.14
CA ILE B 117 -56.97 11.48 -38.36
C ILE B 117 -58.24 11.82 -37.61
N PHE B 118 -58.46 13.11 -37.33
CA PHE B 118 -59.65 13.50 -36.59
C PHE B 118 -60.07 14.92 -36.96
N PRO B 119 -61.17 15.09 -37.69
CA PRO B 119 -61.71 16.43 -37.92
C PRO B 119 -62.09 17.09 -36.61
N PRO B 120 -62.01 18.42 -36.52
CA PRO B 120 -62.36 19.10 -35.26
C PRO B 120 -63.80 18.81 -34.84
N SER B 121 -64.01 18.63 -33.54
CA SER B 121 -65.33 18.32 -33.04
C SER B 121 -66.28 19.49 -33.24
N ASP B 122 -67.50 19.18 -33.68
CA ASP B 122 -68.52 20.19 -33.87
C ASP B 122 -68.90 20.90 -32.58
N GLU B 123 -68.77 20.24 -31.44
CA GLU B 123 -69.01 20.90 -30.16
C GLU B 123 -68.00 22.00 -29.91
N GLN B 124 -66.73 21.76 -30.28
CA GLN B 124 -65.67 22.74 -30.12
C GLN B 124 -65.83 23.94 -31.04
N LEU B 125 -66.38 23.75 -32.24
CA LEU B 125 -66.49 24.84 -33.20
C LEU B 125 -67.49 25.90 -32.73
N LYS B 126 -68.34 25.56 -31.76
CA LYS B 126 -69.28 26.53 -31.23
C LYS B 126 -68.68 27.28 -30.05
N SER B 127 -67.35 27.29 -29.96
CA SER B 127 -66.66 27.98 -28.88
C SER B 127 -65.43 28.71 -29.41
N GLY B 128 -65.44 29.06 -30.69
CA GLY B 128 -64.39 29.87 -31.29
C GLY B 128 -63.01 29.25 -31.29
N THR B 129 -62.94 27.92 -31.37
CA THR B 129 -61.65 27.23 -31.35
C THR B 129 -61.72 25.98 -32.21
N ALA B 130 -60.60 25.63 -32.86
CA ALA B 130 -60.55 24.43 -33.69
C ALA B 130 -59.24 23.70 -33.44
N SER B 131 -59.26 22.37 -33.61
CA SER B 131 -58.09 21.54 -33.35
C SER B 131 -58.22 20.25 -34.13
N VAL B 132 -57.14 19.86 -34.80
CA VAL B 132 -57.06 18.62 -35.57
C VAL B 132 -55.92 17.80 -35.03
N VAL B 133 -56.21 16.59 -34.56
CA VAL B 133 -55.21 15.76 -33.90
C VAL B 133 -54.84 14.63 -34.85
N CYS B 134 -53.55 14.49 -35.10
CA CYS B 134 -53.05 13.32 -35.80
C CYS B 134 -52.55 12.28 -34.80
N LEU B 135 -52.74 11.01 -35.13
CA LEU B 135 -52.40 9.95 -34.20
C LEU B 135 -51.48 8.96 -34.90
N LEU B 136 -50.52 8.42 -34.14
CA LEU B 136 -49.62 7.38 -34.63
C LEU B 136 -49.56 6.31 -33.55
N ASN B 137 -50.24 5.19 -33.79
CA ASN B 137 -50.23 4.10 -32.82
C ASN B 137 -48.88 3.39 -32.85
N ASN B 138 -48.82 2.27 -32.13
CA ASN B 138 -47.58 1.56 -31.81
C ASN B 138 -46.59 1.53 -32.96
N PHE B 139 -45.40 2.09 -32.74
CA PHE B 139 -44.38 2.15 -33.79
C PHE B 139 -43.00 2.13 -33.13
N TYR B 140 -42.06 1.44 -33.76
CA TYR B 140 -40.68 1.39 -33.31
C TYR B 140 -39.79 1.48 -34.54
N PRO B 141 -38.65 2.19 -34.49
CA PRO B 141 -38.11 2.93 -33.34
C PRO B 141 -38.80 4.27 -33.09
N ARG B 142 -38.29 5.01 -32.11
CA ARG B 142 -38.92 6.24 -31.64
C ARG B 142 -39.00 7.31 -32.73
N GLU B 143 -37.95 7.43 -33.55
CA GLU B 143 -37.85 8.56 -34.46
C GLU B 143 -38.96 8.52 -35.49
N ALA B 144 -39.61 9.66 -35.68
CA ALA B 144 -40.68 9.77 -36.65
C ALA B 144 -40.86 11.24 -37.01
N LYS B 145 -41.12 11.49 -38.29
CA LYS B 145 -41.31 12.84 -38.81
C LYS B 145 -42.72 12.96 -39.36
N VAL B 146 -43.39 14.05 -39.00
CA VAL B 146 -44.77 14.28 -39.39
C VAL B 146 -44.86 15.69 -39.98
N GLN B 147 -45.66 15.85 -41.01
CA GLN B 147 -45.88 17.15 -41.65
C GLN B 147 -47.37 17.43 -41.72
N TRP B 148 -47.72 18.71 -41.74
CA TRP B 148 -49.11 19.15 -41.85
C TRP B 148 -49.25 19.96 -43.13
N LYS B 149 -49.99 19.41 -44.10
CA LYS B 149 -50.17 20.04 -45.40
C LYS B 149 -51.54 20.70 -45.44
N VAL B 150 -51.56 22.00 -45.72
CA VAL B 150 -52.81 22.74 -45.83
C VAL B 150 -53.06 23.07 -47.30
N ASP B 151 -53.78 22.18 -47.97
CA ASP B 151 -54.26 22.24 -49.34
C ASP B 151 -53.17 22.10 -50.39
N ASN B 152 -51.92 22.44 -50.06
CA ASN B 152 -50.77 21.83 -50.71
C ASN B 152 -49.50 21.92 -49.87
N ALA B 153 -49.55 22.66 -48.77
CA ALA B 153 -48.36 23.33 -48.25
C ALA B 153 -48.09 22.97 -46.80
N LEU B 154 -46.81 22.83 -46.47
CA LEU B 154 -46.39 22.57 -45.10
C LEU B 154 -46.66 23.79 -44.21
N GLN B 155 -46.87 23.54 -42.93
CA GLN B 155 -47.15 24.59 -41.95
C GLN B 155 -46.06 24.63 -40.89
N SER B 156 -46.10 25.68 -40.07
CA SER B 156 -45.19 25.83 -38.94
C SER B 156 -45.90 26.59 -37.84
N GLY B 157 -45.45 26.39 -36.63
CA GLY B 157 -46.04 27.04 -35.45
C GLY B 157 -47.23 26.34 -34.84
N ASN B 158 -48.08 25.74 -35.68
CA ASN B 158 -49.29 25.06 -35.24
C ASN B 158 -49.03 23.56 -35.19
N SER B 159 -48.22 23.12 -34.22
CA SER B 159 -47.91 21.71 -34.08
C SER B 159 -47.35 21.40 -32.70
N GLN B 160 -48.06 20.58 -31.92
CA GLN B 160 -47.63 20.19 -30.58
C GLN B 160 -47.64 18.66 -30.50
N GLU B 161 -46.47 18.06 -30.48
CA GLU B 161 -46.35 16.61 -30.38
C GLU B 161 -46.40 16.18 -28.92
N SER B 162 -46.63 14.88 -28.72
CA SER B 162 -46.62 14.29 -27.39
C SER B 162 -46.48 12.78 -27.54
N VAL B 163 -45.46 12.20 -26.89
CA VAL B 163 -45.12 10.80 -27.06
C VAL B 163 -45.21 10.10 -25.71
N THR B 164 -45.81 8.91 -25.69
CA THR B 164 -45.90 8.13 -24.47
C THR B 164 -44.58 7.43 -24.19
N GLU B 165 -44.56 6.60 -23.15
CA GLU B 165 -43.40 5.80 -22.81
C GLU B 165 -43.59 4.42 -23.42
N GLN B 166 -42.51 3.66 -23.47
CA GLN B 166 -42.57 2.29 -23.97
C GLN B 166 -43.57 1.47 -23.18
N ASP B 167 -44.47 0.77 -23.87
CA ASP B 167 -45.51 0.01 -23.22
C ASP B 167 -44.91 -1.16 -22.46
N SER B 168 -45.63 -1.61 -21.44
CA SER B 168 -45.16 -2.73 -20.62
C SER B 168 -45.04 -4.00 -21.44
N LYS B 169 -46.06 -4.31 -22.25
CA LYS B 169 -46.10 -5.56 -23.00
C LYS B 169 -45.30 -5.49 -24.29
N ASP B 170 -45.70 -4.62 -25.21
CA ASP B 170 -45.13 -4.64 -26.55
C ASP B 170 -43.92 -3.72 -26.68
N SER B 171 -43.75 -2.80 -25.74
CA SER B 171 -42.63 -1.86 -25.73
C SER B 171 -42.59 -1.01 -26.99
N THR B 172 -43.68 -0.33 -27.30
CA THR B 172 -43.75 0.58 -28.44
C THR B 172 -44.35 1.90 -27.99
N TYR B 173 -44.03 2.95 -28.73
CA TYR B 173 -44.46 4.31 -28.39
C TYR B 173 -45.79 4.63 -29.06
N SER B 174 -46.25 5.86 -28.87
CA SER B 174 -47.46 6.35 -29.52
C SER B 174 -47.38 7.87 -29.56
N LEU B 175 -47.48 8.43 -30.77
CA LEU B 175 -47.28 9.84 -31.01
C LEU B 175 -48.61 10.52 -31.31
N SER B 176 -48.78 11.71 -30.75
CA SER B 176 -50.00 12.48 -30.97
C SER B 176 -49.62 13.88 -31.39
N SER B 177 -49.70 14.16 -32.68
CA SER B 177 -49.39 15.48 -33.21
C SER B 177 -50.70 16.26 -33.39
N THR B 178 -50.77 17.43 -32.76
CA THR B 178 -51.99 18.22 -32.74
C THR B 178 -51.72 19.57 -33.39
N LEU B 179 -52.64 19.99 -34.27
CA LEU B 179 -52.60 21.27 -34.94
C LEU B 179 -53.75 22.14 -34.44
N THR B 180 -53.43 23.36 -34.04
CA THR B 180 -54.42 24.32 -33.56
C THR B 180 -54.47 25.50 -34.53
N LEU B 181 -55.64 25.74 -35.09
CA LEU B 181 -55.88 26.88 -35.97
C LEU B 181 -57.22 27.49 -35.61
N SER B 182 -57.33 28.82 -35.76
CA SER B 182 -58.60 29.49 -35.56
C SER B 182 -59.62 29.02 -36.59
N LYS B 183 -60.89 28.96 -36.21
CA LYS B 183 -61.93 28.46 -37.10
C LYS B 183 -61.99 29.27 -38.38
N ALA B 184 -61.58 30.54 -38.31
CA ALA B 184 -61.58 31.42 -39.48
C ALA B 184 -60.66 30.85 -40.55
N ASP B 185 -59.47 30.40 -40.14
CA ASP B 185 -58.56 29.77 -41.10
C ASP B 185 -59.00 28.35 -41.45
N TYR B 186 -59.63 27.65 -40.50
CA TYR B 186 -60.07 26.29 -40.75
C TYR B 186 -61.15 26.21 -41.82
N GLU B 187 -62.10 27.16 -41.83
CA GLU B 187 -63.09 27.24 -42.90
C GLU B 187 -62.55 27.91 -44.15
N LYS B 188 -61.41 28.59 -44.06
CA LYS B 188 -60.80 29.21 -45.23
C LYS B 188 -60.22 28.20 -46.21
N HIS B 189 -59.70 27.07 -45.70
CA HIS B 189 -59.10 26.06 -46.53
C HIS B 189 -59.97 24.81 -46.52
N LYS B 190 -59.65 23.85 -47.40
CA LYS B 190 -60.57 22.73 -47.56
C LYS B 190 -59.91 21.35 -47.42
N VAL B 191 -58.67 21.15 -47.82
CA VAL B 191 -58.05 19.83 -47.71
C VAL B 191 -56.91 19.89 -46.70
N TYR B 192 -57.02 19.11 -45.63
CA TYR B 192 -56.03 19.07 -44.57
C TYR B 192 -55.41 17.68 -44.51
N ALA B 193 -54.09 17.61 -44.56
CA ALA B 193 -53.44 16.30 -44.66
C ALA B 193 -52.35 16.17 -43.61
N CYS B 194 -52.29 15.00 -43.00
CA CYS B 194 -51.20 14.58 -42.13
C CYS B 194 -50.27 13.65 -42.90
N GLU B 195 -49.01 14.04 -43.02
CA GLU B 195 -47.99 13.33 -43.79
C GLU B 195 -46.98 12.75 -42.80
N VAL B 196 -46.76 11.44 -42.88
CA VAL B 196 -45.95 10.72 -41.91
C VAL B 196 -44.85 9.98 -42.65
N THR B 197 -43.60 10.12 -42.20
CA THR B 197 -42.46 9.44 -42.79
C THR B 197 -41.71 8.71 -41.68
N HIS B 198 -41.73 7.38 -41.73
CA HIS B 198 -41.11 6.55 -40.70
C HIS B 198 -40.13 5.58 -41.33
N GLN B 199 -39.11 5.21 -40.57
CA GLN B 199 -38.15 4.19 -40.98
C GLN B 199 -38.85 2.86 -41.20
N GLY B 200 -39.90 2.60 -40.43
CA GLY B 200 -40.64 1.36 -40.55
C GLY B 200 -41.47 1.30 -41.81
N LEU B 201 -41.54 2.43 -42.52
CA LEU B 201 -42.23 2.52 -43.80
C LEU B 201 -41.20 2.55 -44.91
N SER B 202 -41.69 2.54 -46.14
CA SER B 202 -40.84 2.65 -47.33
C SER B 202 -41.38 3.71 -48.26
N SER B 203 -42.36 4.48 -47.77
CA SER B 203 -43.00 5.53 -48.56
C SER B 203 -43.75 6.49 -47.65
N PRO B 204 -43.80 7.78 -47.98
CA PRO B 204 -44.57 8.72 -47.16
C PRO B 204 -46.07 8.48 -47.21
N VAL B 205 -46.65 8.09 -46.08
CA VAL B 205 -48.10 7.93 -46.01
C VAL B 205 -48.75 9.27 -45.72
N THR B 206 -49.90 9.52 -46.38
CA THR B 206 -50.59 10.78 -46.19
C THR B 206 -52.08 10.48 -45.97
N LYS B 207 -52.60 10.89 -44.83
CA LYS B 207 -54.03 10.76 -44.53
C LYS B 207 -54.66 12.15 -44.48
N SER B 208 -55.68 12.36 -45.30
CA SER B 208 -56.23 13.69 -45.50
C SER B 208 -57.74 13.65 -45.27
N PHE B 209 -58.30 14.82 -44.98
CA PHE B 209 -59.74 14.97 -44.87
C PHE B 209 -60.13 16.35 -45.35
N ASN B 210 -61.39 16.52 -45.72
CA ASN B 210 -61.93 17.81 -46.08
C ASN B 210 -63.00 18.22 -45.08
N ARG B 211 -63.42 19.49 -45.17
CA ARG B 211 -64.43 20.01 -44.26
C ARG B 211 -65.75 19.27 -44.45
N GLY B 212 -66.37 18.89 -43.35
CA GLY B 212 -67.64 18.18 -43.38
C GLY B 212 -67.59 16.85 -44.12
N GLU C 1 38.84 21.73 2.31
CA GLU C 1 37.93 21.80 1.17
C GLU C 1 37.23 20.47 0.95
N VAL C 2 36.43 20.08 1.95
CA VAL C 2 35.66 18.83 1.97
C VAL C 2 36.62 17.66 1.92
N GLN C 3 36.76 16.95 3.04
CA GLN C 3 37.71 15.86 3.12
C GLN C 3 37.39 15.05 4.36
N LEU C 4 37.75 13.76 4.35
CA LEU C 4 37.47 12.84 5.46
C LEU C 4 38.72 12.00 5.70
N VAL C 5 39.51 12.38 6.70
CA VAL C 5 40.73 11.65 7.00
C VAL C 5 40.47 10.64 8.11
N GLU C 6 41.19 9.52 8.06
CA GLU C 6 40.96 8.38 8.95
C GLU C 6 42.27 7.97 9.62
N SER C 7 42.13 7.32 10.78
CA SER C 7 43.29 6.83 11.52
C SER C 7 42.87 5.91 12.65
N GLY C 8 43.72 4.93 12.99
CA GLY C 8 43.49 4.13 14.17
C GLY C 8 43.48 2.62 13.99
N GLY C 9 43.87 2.15 12.81
CA GLY C 9 43.86 0.73 12.51
C GLY C 9 45.23 0.11 12.63
N GLY C 10 45.26 -1.18 12.94
CA GLY C 10 46.51 -1.90 13.08
C GLY C 10 46.34 -3.35 13.48
N LEU C 11 47.38 -3.95 14.05
CA LEU C 11 47.33 -5.32 14.52
C LEU C 11 46.59 -5.41 15.85
N ILE C 12 45.92 -6.54 16.06
CA ILE C 12 45.20 -6.78 17.30
C ILE C 12 44.93 -8.28 17.41
N GLN C 13 44.74 -8.75 18.62
CA GLN C 13 44.53 -10.17 18.88
C GLN C 13 43.04 -10.49 18.95
N PRO C 14 42.66 -11.74 18.68
CA PRO C 14 41.23 -12.07 18.59
C PRO C 14 40.50 -12.03 19.92
N GLY C 15 40.05 -10.84 20.32
CA GLY C 15 39.34 -10.67 21.57
C GLY C 15 39.65 -9.35 22.24
N GLY C 16 40.49 -8.55 21.62
CA GLY C 16 40.85 -7.24 22.11
C GLY C 16 39.89 -6.15 21.69
N SER C 17 40.27 -4.92 21.95
CA SER C 17 39.43 -3.76 21.66
C SER C 17 40.25 -2.72 20.91
N LEU C 18 39.59 -2.01 20.01
CA LEU C 18 40.28 -1.01 19.17
C LEU C 18 39.28 0.04 18.75
N ARG C 19 39.70 1.30 18.71
CA ARG C 19 38.80 2.40 18.39
C ARG C 19 39.30 3.13 17.15
N LEU C 20 38.54 3.03 16.06
CA LEU C 20 38.84 3.78 14.85
C LEU C 20 38.28 5.20 14.97
N SER C 21 39.03 6.16 14.44
CA SER C 21 38.62 7.56 14.49
C SER C 21 38.72 8.17 13.09
N CYS C 22 37.67 8.88 12.70
CA CYS C 22 37.57 9.52 11.39
C CYS C 22 37.45 11.01 11.57
N ALA C 23 38.36 11.77 10.96
CA ALA C 23 38.36 13.22 11.06
C ALA C 23 37.68 13.83 9.84
N ALA C 24 36.98 14.93 10.07
CA ALA C 24 36.17 15.57 9.04
C ALA C 24 36.58 17.02 8.87
N SER C 25 36.57 17.48 7.62
CA SER C 25 36.83 18.89 7.31
C SER C 25 35.80 19.37 6.31
N GLY C 26 35.20 20.53 6.59
CA GLY C 26 34.18 21.10 5.75
C GLY C 26 32.81 20.50 5.94
N ILE C 27 32.69 19.50 6.81
CA ILE C 27 31.44 18.82 7.10
C ILE C 27 31.26 18.80 8.61
N ILE C 28 30.10 19.25 9.08
CA ILE C 28 29.75 19.10 10.48
C ILE C 28 29.19 17.71 10.67
N VAL C 29 29.83 16.90 11.51
CA VAL C 29 29.43 15.50 11.64
C VAL C 29 28.18 15.34 12.47
N SER C 30 27.80 16.34 13.26
CA SER C 30 26.60 16.29 14.07
C SER C 30 25.37 16.73 13.33
N SER C 31 25.49 17.09 12.05
CA SER C 31 24.34 17.49 11.26
C SER C 31 24.20 16.67 9.98
N ASN C 32 24.86 15.51 9.87
CA ASN C 32 24.76 14.66 8.71
C ASN C 32 24.51 13.23 9.15
N TYR C 33 24.10 12.39 8.21
CA TYR C 33 24.16 10.95 8.38
C TYR C 33 25.59 10.51 8.11
N MET C 34 26.22 9.91 9.12
CA MET C 34 27.59 9.44 9.00
C MET C 34 27.60 7.93 9.12
N THR C 35 28.31 7.26 8.24
CA THR C 35 28.23 5.82 8.06
C THR C 35 29.62 5.21 8.14
N TRP C 36 29.69 3.97 8.65
CA TRP C 36 30.89 3.17 8.59
C TRP C 36 30.65 2.02 7.62
N VAL C 37 31.54 1.85 6.66
CA VAL C 37 31.45 0.79 5.66
C VAL C 37 32.80 0.10 5.57
N ARG C 38 32.80 -1.23 5.64
CA ARG C 38 34.04 -1.99 5.57
C ARG C 38 34.11 -2.79 4.27
N GLN C 39 35.33 -2.92 3.76
CA GLN C 39 35.62 -3.74 2.61
C GLN C 39 36.66 -4.77 3.02
N ALA C 40 36.25 -6.03 3.14
CA ALA C 40 37.19 -7.10 3.42
C ALA C 40 38.10 -7.28 2.21
N PRO C 41 39.31 -7.82 2.42
CA PRO C 41 40.26 -7.92 1.30
C PRO C 41 39.74 -8.81 0.18
N GLY C 42 39.43 -8.19 -0.94
CA GLY C 42 38.93 -8.88 -2.11
C GLY C 42 37.56 -9.51 -1.97
N LYS C 43 36.64 -8.88 -1.25
CA LYS C 43 35.28 -9.42 -1.19
C LYS C 43 34.17 -8.40 -1.44
N GLY C 44 34.33 -7.13 -1.11
CA GLY C 44 33.29 -6.17 -1.42
C GLY C 44 32.74 -5.37 -0.26
N LEU C 45 31.99 -4.31 -0.59
CA LEU C 45 31.56 -3.34 0.42
C LEU C 45 30.49 -3.91 1.32
N GLU C 46 30.47 -3.46 2.57
CA GLU C 46 29.51 -3.95 3.56
C GLU C 46 29.28 -2.90 4.63
N TRP C 47 28.01 -2.58 4.87
CA TRP C 47 27.63 -1.56 5.85
C TRP C 47 27.83 -2.08 7.27
N VAL C 48 28.19 -1.17 8.18
CA VAL C 48 28.46 -1.55 9.56
C VAL C 48 27.44 -0.90 10.48
N SER C 49 27.45 0.42 10.56
CA SER C 49 26.57 1.12 11.47
C SER C 49 26.38 2.56 11.00
N VAL C 50 25.29 3.17 11.45
CA VAL C 50 24.96 4.54 11.09
C VAL C 50 24.49 5.27 12.34
N ILE C 51 24.81 6.56 12.42
CA ILE C 51 24.34 7.43 13.48
C ILE C 51 23.62 8.62 12.85
N TYR C 52 22.37 8.83 13.23
CA TYR C 52 21.55 9.88 12.66
C TYR C 52 21.95 11.23 13.25
N SER C 53 21.52 12.31 12.59
CA SER C 53 21.84 13.65 13.04
C SER C 53 21.15 13.98 14.36
N GLY C 54 20.09 13.25 14.70
CA GLY C 54 19.41 13.44 15.96
C GLY C 54 19.92 12.52 17.04
N GLY C 55 20.80 11.60 16.68
CA GLY C 55 21.47 10.74 17.65
C GLY C 55 21.10 9.28 17.60
N SER C 56 20.17 8.85 16.76
CA SER C 56 19.81 7.44 16.69
C SER C 56 20.90 6.64 16.02
N THR C 57 21.10 5.42 16.50
CA THR C 57 22.17 4.55 16.02
C THR C 57 21.58 3.22 15.58
N PHE C 58 22.05 2.71 14.44
CA PHE C 58 21.63 1.43 13.93
C PHE C 58 22.85 0.62 13.52
N TYR C 59 22.76 -0.70 13.70
CA TYR C 59 23.88 -1.60 13.48
C TYR C 59 23.46 -2.76 12.60
N ALA C 60 24.42 -3.30 11.86
CA ALA C 60 24.20 -4.55 11.15
C ALA C 60 24.09 -5.69 12.16
N ASP C 61 23.47 -6.79 11.72
CA ASP C 61 23.31 -7.94 12.59
C ASP C 61 24.64 -8.56 12.98
N SER C 62 25.71 -8.28 12.25
CA SER C 62 27.01 -8.87 12.53
C SER C 62 27.73 -8.20 13.68
N VAL C 63 27.30 -7.02 14.12
CA VAL C 63 28.07 -6.25 15.08
C VAL C 63 27.20 -5.77 16.23
N LYS C 64 26.00 -6.32 16.36
CA LYS C 64 25.12 -5.99 17.47
C LYS C 64 25.79 -6.30 18.81
N GLY C 65 25.87 -5.29 19.67
CA GLY C 65 26.47 -5.47 20.97
C GLY C 65 27.98 -5.34 20.96
N ARG C 66 28.62 -5.88 19.92
CA ARG C 66 30.08 -5.86 19.84
C ARG C 66 30.64 -4.51 19.45
N PHE C 67 29.94 -3.74 18.62
CA PHE C 67 30.43 -2.45 18.13
C PHE C 67 29.60 -1.33 18.71
N THR C 68 30.19 -0.13 18.70
CA THR C 68 29.46 1.07 19.11
C THR C 68 29.98 2.27 18.34
N ILE C 69 29.11 2.91 17.59
CA ILE C 69 29.46 4.12 16.85
C ILE C 69 29.19 5.32 17.73
N SER C 70 30.07 6.32 17.67
CA SER C 70 29.92 7.50 18.49
C SER C 70 30.43 8.72 17.76
N ARG C 71 30.18 9.89 18.34
CA ARG C 71 30.38 11.15 17.65
C ARG C 71 30.87 12.18 18.65
N ASP C 72 31.91 12.94 18.29
CA ASP C 72 32.42 14.00 19.15
C ASP C 72 32.30 15.32 18.41
N ASN C 73 31.42 16.19 18.92
CA ASN C 73 31.13 17.46 18.25
C ASN C 73 32.25 18.47 18.48
N SER C 74 32.86 18.46 19.66
CA SER C 74 33.86 19.46 20.01
C SER C 74 35.05 19.39 19.07
N LYS C 75 35.51 18.18 18.77
CA LYS C 75 36.61 17.98 17.82
C LYS C 75 36.12 17.64 16.41
N ASN C 76 34.81 17.52 16.20
CA ASN C 76 34.24 17.22 14.88
C ASN C 76 34.79 15.90 14.35
N THR C 77 34.54 14.81 15.06
CA THR C 77 35.13 13.52 14.75
C THR C 77 34.10 12.41 14.90
N LEU C 78 34.25 11.36 14.10
CA LEU C 78 33.42 10.17 14.21
C LEU C 78 34.28 9.06 14.79
N TYR C 79 33.66 8.16 15.54
CA TYR C 79 34.37 7.07 16.19
C TYR C 79 33.62 5.76 16.01
N LEU C 80 34.39 4.68 15.98
CA LEU C 80 33.84 3.32 16.04
C LEU C 80 34.64 2.54 17.06
N GLN C 81 33.99 2.12 18.14
CA GLN C 81 34.62 1.28 19.14
C GLN C 81 34.30 -0.19 18.86
N MET C 82 35.33 -1.01 18.76
CA MET C 82 35.24 -2.41 18.35
C MET C 82 35.75 -3.27 19.49
N SER C 83 34.98 -4.28 19.87
CA SER C 83 35.36 -5.20 20.93
C SER C 83 34.87 -6.59 20.58
N SER C 84 35.38 -7.58 21.33
CA SER C 84 35.09 -8.99 21.07
C SER C 84 35.45 -9.35 19.63
N LEU C 85 36.59 -8.86 19.17
CA LEU C 85 36.94 -8.94 17.77
C LEU C 85 37.12 -10.39 17.33
N ARG C 86 36.75 -10.66 16.08
CA ARG C 86 36.96 -11.96 15.47
C ARG C 86 37.83 -11.78 14.22
N ALA C 87 38.24 -12.90 13.64
CA ALA C 87 39.06 -12.85 12.44
C ALA C 87 38.30 -12.40 11.21
N GLU C 88 36.97 -12.30 11.30
CA GLU C 88 36.15 -11.82 10.20
C GLU C 88 35.99 -10.31 10.18
N ASP C 89 36.54 -9.60 11.17
CA ASP C 89 36.52 -8.15 11.16
C ASP C 89 37.77 -7.54 10.54
N THR C 90 38.65 -8.35 9.96
CA THR C 90 39.81 -7.83 9.24
C THR C 90 39.38 -7.28 7.90
N ALA C 91 39.53 -5.96 7.71
CA ALA C 91 39.07 -5.30 6.50
C ALA C 91 39.61 -3.88 6.48
N VAL C 92 39.39 -3.20 5.35
CA VAL C 92 39.58 -1.76 5.27
C VAL C 92 38.28 -1.09 5.72
N TYR C 93 38.40 0.03 6.42
CA TYR C 93 37.24 0.71 6.98
C TYR C 93 37.14 2.12 6.43
N TYR C 94 35.93 2.55 6.11
CA TYR C 94 35.66 3.86 5.51
C TYR C 94 34.57 4.56 6.30
N CYS C 95 34.73 5.86 6.49
CA CYS C 95 33.67 6.72 6.98
C CYS C 95 33.09 7.50 5.80
N ALA C 96 31.76 7.57 5.75
CA ALA C 96 31.07 8.14 4.60
C ALA C 96 30.00 9.10 5.07
N ARG C 97 29.71 10.09 4.23
CA ARG C 97 28.62 11.02 4.45
C ARG C 97 27.46 10.62 3.55
N ASP C 98 26.35 10.20 4.16
CA ASP C 98 25.20 9.68 3.43
C ASP C 98 24.10 10.74 3.36
N LEU C 99 23.55 10.93 2.16
CA LEU C 99 22.51 11.92 1.92
C LEU C 99 21.13 11.27 1.77
N GLY C 100 21.02 10.00 2.10
CA GLY C 100 19.76 9.29 1.98
C GLY C 100 19.53 8.81 0.56
N PRO C 101 18.54 9.39 -0.11
CA PRO C 101 18.26 9.00 -1.49
C PRO C 101 19.17 9.66 -2.53
N TYR C 102 20.25 10.30 -2.08
CA TYR C 102 21.25 10.83 -3.01
C TYR C 102 22.58 10.10 -2.88
N GLY C 103 22.60 8.94 -2.25
CA GLY C 103 23.80 8.15 -2.13
C GLY C 103 24.79 8.68 -1.11
N MET C 104 26.00 8.13 -1.19
CA MET C 104 27.12 8.47 -0.32
C MET C 104 28.14 9.21 -1.16
N ASP C 105 28.21 10.53 -1.00
CA ASP C 105 28.98 11.33 -1.95
C ASP C 105 30.42 11.57 -1.46
N VAL C 106 30.61 11.70 -0.15
CA VAL C 106 31.93 11.99 0.40
C VAL C 106 32.42 10.78 1.18
N TRP C 107 33.59 10.28 0.79
CA TRP C 107 34.20 9.10 1.38
C TRP C 107 35.54 9.45 2.00
N GLY C 108 35.93 8.66 3.01
CA GLY C 108 37.27 8.70 3.55
C GLY C 108 38.22 7.90 2.69
N GLN C 109 39.47 7.84 3.14
CA GLN C 109 40.53 7.22 2.34
C GLN C 109 40.83 5.78 2.71
N GLY C 110 40.50 5.34 3.91
CA GLY C 110 40.71 3.91 4.19
C GLY C 110 41.67 3.65 5.33
N THR C 111 41.22 2.83 6.27
CA THR C 111 42.01 2.39 7.41
C THR C 111 42.05 0.87 7.42
N THR C 112 43.24 0.33 7.61
CA THR C 112 43.45 -1.11 7.59
C THR C 112 43.47 -1.66 9.01
N VAL C 113 42.69 -2.71 9.22
CA VAL C 113 42.62 -3.37 10.53
C VAL C 113 42.84 -4.87 10.34
N THR C 114 43.86 -5.41 11.01
CA THR C 114 44.16 -6.83 10.96
C THR C 114 43.93 -7.43 12.34
N VAL C 115 43.15 -8.50 12.40
CA VAL C 115 42.79 -9.15 13.66
C VAL C 115 43.31 -10.58 13.60
N SER C 116 44.52 -10.80 14.13
CA SER C 116 45.10 -12.12 14.23
C SER C 116 46.12 -12.11 15.34
N SER C 117 46.39 -13.29 15.90
CA SER C 117 47.39 -13.41 16.95
C SER C 117 48.80 -13.46 16.35
N ALA C 118 49.08 -14.51 15.56
CA ALA C 118 50.34 -14.68 14.85
C ALA C 118 51.55 -14.27 15.68
N SER C 119 52.51 -13.59 15.05
CA SER C 119 53.67 -13.02 15.72
C SER C 119 54.45 -12.16 14.74
N THR C 120 54.87 -10.97 15.18
CA THR C 120 55.65 -10.12 14.30
C THR C 120 56.99 -10.78 13.98
N LYS C 121 57.10 -11.26 12.74
CA LYS C 121 58.22 -12.12 12.36
C LYS C 121 58.75 -11.64 11.01
N GLY C 122 60.03 -11.92 10.76
CA GLY C 122 60.64 -11.59 9.49
C GLY C 122 60.44 -12.68 8.46
N PRO C 123 60.88 -12.42 7.23
CA PRO C 123 60.68 -13.38 6.15
C PRO C 123 61.59 -14.60 6.23
N SER C 124 61.42 -15.52 5.30
CA SER C 124 62.24 -16.72 5.21
C SER C 124 62.66 -16.94 3.76
N VAL C 125 63.22 -15.89 3.14
CA VAL C 125 63.46 -15.88 1.70
C VAL C 125 64.20 -17.13 1.26
N PHE C 126 63.78 -17.67 0.12
CA PHE C 126 64.42 -18.81 -0.55
C PHE C 126 64.62 -18.47 -2.01
N PRO C 127 65.61 -19.05 -2.67
CA PRO C 127 65.80 -18.77 -4.11
C PRO C 127 64.95 -19.69 -4.96
N LEU C 128 64.63 -19.24 -6.16
CA LEU C 128 63.88 -20.03 -7.14
C LEU C 128 64.68 -19.91 -8.44
N ALA C 129 65.64 -20.80 -8.60
CA ALA C 129 66.66 -20.70 -9.63
C ALA C 129 66.14 -21.16 -10.98
N PRO C 130 66.72 -20.64 -12.07
CA PRO C 130 66.41 -21.18 -13.39
C PRO C 130 67.18 -22.46 -13.67
N SER C 131 66.94 -23.07 -14.81
CA SER C 131 67.56 -24.35 -15.14
C SER C 131 67.31 -24.70 -16.60
N SER C 132 67.79 -25.88 -17.02
CA SER C 132 67.32 -26.44 -18.29
C SER C 132 65.82 -26.63 -18.30
N LYS C 133 65.23 -26.81 -17.12
CA LYS C 133 63.78 -26.84 -16.94
C LYS C 133 63.16 -25.45 -16.97
N SER C 134 63.98 -24.42 -17.20
CA SER C 134 63.50 -23.05 -17.21
C SER C 134 63.91 -22.30 -18.48
N THR C 135 64.97 -22.77 -19.15
CA THR C 135 65.38 -22.16 -20.40
C THR C 135 64.36 -22.44 -21.49
N SER C 136 63.52 -21.47 -21.80
CA SER C 136 62.49 -21.63 -22.82
C SER C 136 62.29 -20.30 -23.53
N GLY C 137 62.16 -20.38 -24.85
CA GLY C 137 61.90 -19.22 -25.67
C GLY C 137 63.00 -18.17 -25.63
N GLY C 138 64.17 -18.55 -25.12
CA GLY C 138 65.26 -17.60 -25.00
C GLY C 138 65.10 -16.64 -23.85
N THR C 139 64.06 -16.84 -23.02
CA THR C 139 63.79 -16.02 -21.83
C THR C 139 63.36 -16.96 -20.70
N ALA C 140 64.33 -17.32 -19.86
CA ALA C 140 64.03 -18.16 -18.70
C ALA C 140 63.41 -17.33 -17.59
N ALA C 141 63.15 -17.95 -16.44
CA ALA C 141 62.54 -17.24 -15.32
C ALA C 141 63.23 -17.67 -14.03
N LEU C 142 63.17 -16.79 -13.04
CA LEU C 142 63.78 -17.01 -11.73
C LEU C 142 63.16 -16.06 -10.72
N GLY C 143 63.24 -16.36 -9.43
CA GLY C 143 62.57 -15.52 -8.47
C GLY C 143 63.05 -15.77 -7.06
N CYS C 144 62.39 -15.08 -6.12
CA CYS C 144 62.68 -15.21 -4.70
C CYS C 144 61.37 -15.47 -3.97
N LEU C 145 61.26 -16.63 -3.34
CA LEU C 145 60.04 -17.02 -2.63
C LEU C 145 60.13 -16.53 -1.20
N VAL C 146 59.22 -15.65 -0.81
CA VAL C 146 59.15 -15.17 0.57
C VAL C 146 58.12 -15.99 1.33
N LYS C 147 58.53 -16.56 2.45
CA LYS C 147 57.70 -17.50 3.18
C LYS C 147 57.59 -17.11 4.65
N ASP C 148 56.37 -17.22 5.17
CA ASP C 148 56.09 -17.13 6.61
C ASP C 148 56.62 -15.83 7.21
N TYR C 149 56.06 -14.74 6.72
CA TYR C 149 56.33 -13.43 7.30
C TYR C 149 55.04 -12.86 7.86
N PHE C 150 55.16 -11.87 8.74
CA PHE C 150 54.01 -11.22 9.34
C PHE C 150 54.46 -9.94 10.04
N PRO C 151 53.76 -8.81 9.83
CA PRO C 151 52.64 -8.69 8.91
C PRO C 151 53.02 -8.05 7.58
N GLU C 152 52.02 -7.77 6.75
CA GLU C 152 52.26 -7.07 5.50
C GLU C 152 52.66 -5.62 5.79
N PRO C 153 53.32 -4.94 4.84
CA PRO C 153 53.71 -5.35 3.49
C PRO C 153 55.17 -5.73 3.34
N VAL C 154 55.52 -6.18 2.13
CA VAL C 154 56.89 -6.53 1.77
C VAL C 154 57.17 -5.99 0.37
N THR C 155 58.35 -5.38 0.20
CA THR C 155 58.72 -4.84 -1.10
C THR C 155 59.85 -5.69 -1.67
N VAL C 156 59.63 -6.25 -2.86
CA VAL C 156 60.67 -7.01 -3.52
C VAL C 156 61.13 -6.28 -4.78
N SER C 157 62.43 -6.01 -4.84
CA SER C 157 63.02 -5.36 -6.00
C SER C 157 64.17 -6.20 -6.50
N TRP C 158 64.45 -6.08 -7.80
CA TRP C 158 65.49 -6.87 -8.45
C TRP C 158 66.62 -5.95 -8.89
N ASN C 159 67.85 -6.36 -8.56
CA ASN C 159 69.06 -5.61 -8.89
C ASN C 159 69.03 -4.19 -8.33
N SER C 160 68.48 -4.03 -7.13
CA SER C 160 68.40 -2.74 -6.45
C SER C 160 67.71 -1.69 -7.31
N GLY C 161 66.64 -2.08 -7.99
CA GLY C 161 65.85 -1.14 -8.76
C GLY C 161 66.36 -0.91 -10.16
N ALA C 162 67.51 -1.50 -10.49
CA ALA C 162 68.07 -1.37 -11.83
C ALA C 162 67.16 -2.04 -12.85
N LEU C 163 66.73 -3.26 -12.54
CA LEU C 163 65.85 -4.01 -13.43
C LEU C 163 64.40 -3.93 -12.96
N THR C 164 63.53 -3.37 -13.80
CA THR C 164 62.11 -3.27 -13.48
C THR C 164 61.21 -3.66 -14.65
N SER C 165 61.76 -3.86 -15.84
CA SER C 165 60.96 -4.17 -17.03
C SER C 165 60.81 -5.69 -17.10
N GLY C 166 59.61 -6.16 -16.78
CA GLY C 166 59.32 -7.58 -16.82
C GLY C 166 59.40 -8.26 -15.47
N VAL C 167 58.92 -7.58 -14.43
CA VAL C 167 58.92 -8.14 -13.08
C VAL C 167 57.52 -8.09 -12.50
N HIS C 168 57.06 -9.23 -11.98
CA HIS C 168 55.76 -9.34 -11.34
C HIS C 168 55.94 -9.76 -9.89
N THR C 169 55.34 -9.01 -8.98
CA THR C 169 55.28 -9.39 -7.57
C THR C 169 53.85 -9.81 -7.30
N PHE C 170 53.64 -11.11 -7.12
CA PHE C 170 52.31 -11.64 -6.94
C PHE C 170 51.75 -11.22 -5.58
N PRO C 171 50.45 -11.03 -5.45
CA PRO C 171 49.88 -10.60 -4.16
C PRO C 171 50.12 -11.63 -3.08
N ALA C 172 50.22 -11.18 -1.84
CA ALA C 172 50.45 -12.07 -0.71
C ALA C 172 49.25 -12.98 -0.50
N VAL C 173 49.51 -14.27 -0.38
CA VAL C 173 48.46 -15.27 -0.13
C VAL C 173 48.64 -15.75 1.31
N LEU C 174 47.57 -15.66 2.09
CA LEU C 174 47.64 -16.00 3.51
C LEU C 174 47.74 -17.50 3.70
N GLN C 175 48.52 -17.91 4.68
CA GLN C 175 48.78 -19.31 4.96
C GLN C 175 47.93 -19.81 6.12
N SER C 176 47.85 -21.14 6.21
CA SER C 176 47.06 -21.76 7.28
C SER C 176 47.69 -21.51 8.65
N SER C 177 49.01 -21.26 8.67
CA SER C 177 49.67 -20.93 9.93
C SER C 177 49.15 -19.62 10.51
N GLY C 178 48.92 -18.64 9.64
CA GLY C 178 48.55 -17.31 10.07
C GLY C 178 49.53 -16.27 9.58
N LEU C 179 50.49 -16.71 8.77
CA LEU C 179 51.52 -15.87 8.20
C LEU C 179 51.27 -15.74 6.69
N TYR C 180 51.96 -14.78 6.07
CA TYR C 180 51.75 -14.46 4.68
C TYR C 180 52.91 -14.97 3.84
N SER C 181 52.70 -15.00 2.53
CA SER C 181 53.70 -15.47 1.59
C SER C 181 53.43 -14.89 0.22
N LEU C 182 54.50 -14.68 -0.55
CA LEU C 182 54.38 -14.22 -1.92
C LEU C 182 55.63 -14.60 -2.68
N SER C 183 55.55 -14.48 -4.00
CA SER C 183 56.66 -14.75 -4.90
C SER C 183 56.90 -13.52 -5.79
N SER C 184 58.01 -13.54 -6.53
CA SER C 184 58.32 -12.49 -7.48
C SER C 184 59.29 -13.01 -8.52
N VAL C 185 58.89 -12.99 -9.79
CA VAL C 185 59.65 -13.62 -10.86
C VAL C 185 59.94 -12.57 -11.95
N VAL C 186 61.08 -12.73 -12.61
CA VAL C 186 61.48 -11.86 -13.70
C VAL C 186 61.92 -12.72 -14.88
N THR C 187 61.46 -12.38 -16.08
CA THR C 187 61.76 -13.17 -17.28
C THR C 187 62.95 -12.56 -18.04
N VAL C 188 64.09 -12.55 -17.35
CA VAL C 188 65.32 -12.04 -17.97
C VAL C 188 65.70 -12.96 -19.13
N PRO C 189 66.18 -12.41 -20.26
CA PRO C 189 66.52 -13.26 -21.40
C PRO C 189 67.50 -14.37 -21.04
N SER C 190 67.33 -15.54 -21.65
CA SER C 190 68.16 -16.69 -21.31
C SER C 190 69.61 -16.49 -21.70
N SER C 191 69.88 -15.46 -22.50
CA SER C 191 71.24 -15.17 -22.93
C SER C 191 72.13 -14.88 -21.74
N SER C 192 71.63 -14.10 -20.78
CA SER C 192 72.38 -13.77 -19.57
C SER C 192 72.00 -14.74 -18.45
N LEU C 193 72.41 -16.00 -18.65
CA LEU C 193 72.13 -17.05 -17.69
C LEU C 193 73.20 -17.21 -16.62
N GLY C 194 74.46 -16.89 -16.91
CA GLY C 194 75.51 -17.01 -15.93
C GLY C 194 76.49 -15.85 -15.96
N THR C 195 76.15 -14.81 -16.71
CA THR C 195 77.00 -13.64 -16.90
C THR C 195 76.28 -12.37 -16.42
N GLN C 196 75.28 -12.54 -15.57
CA GLN C 196 74.54 -11.39 -15.05
C GLN C 196 74.13 -11.70 -13.62
N THR C 197 74.33 -10.75 -12.71
CA THR C 197 74.02 -10.93 -11.31
C THR C 197 72.58 -10.54 -11.01
N TYR C 198 71.81 -11.46 -10.42
CA TYR C 198 70.41 -11.22 -10.09
C TYR C 198 70.26 -11.32 -8.57
N ILE C 199 70.02 -10.19 -7.93
CA ILE C 199 69.89 -10.11 -6.47
C ILE C 199 68.56 -9.44 -6.15
N CYS C 200 67.72 -10.14 -5.39
CA CYS C 200 66.44 -9.59 -4.95
C CYS C 200 66.61 -8.92 -3.59
N ASN C 201 65.83 -7.86 -3.38
CA ASN C 201 66.01 -7.00 -2.22
C ASN C 201 64.70 -6.97 -1.44
N VAL C 202 64.52 -7.93 -0.54
CA VAL C 202 63.32 -8.00 0.28
C VAL C 202 63.38 -6.91 1.33
N ASN C 203 62.23 -6.30 1.62
CA ASN C 203 62.15 -5.17 2.54
C ASN C 203 60.98 -5.31 3.50
N HIS C 204 61.20 -5.94 4.65
CA HIS C 204 60.17 -6.05 5.68
C HIS C 204 60.30 -4.87 6.64
N LYS C 205 59.36 -3.94 6.56
CA LYS C 205 59.51 -2.65 7.21
C LYS C 205 59.24 -2.71 8.71
N PRO C 206 58.15 -3.35 9.19
CA PRO C 206 57.91 -3.37 10.63
C PRO C 206 58.93 -4.18 11.43
N SER C 207 59.93 -4.76 10.74
CA SER C 207 60.93 -5.53 11.46
C SER C 207 62.36 -5.20 11.04
N ASN C 208 62.55 -4.42 9.97
CA ASN C 208 63.88 -4.08 9.47
C ASN C 208 64.70 -5.34 9.21
N THR C 209 64.25 -6.16 8.26
CA THR C 209 64.84 -7.47 8.03
C THR C 209 65.36 -7.56 6.60
N LYS C 210 66.15 -6.56 6.18
CA LYS C 210 66.65 -6.51 4.82
C LYS C 210 67.40 -7.78 4.46
N VAL C 211 67.10 -8.32 3.28
CA VAL C 211 67.74 -9.52 2.77
C VAL C 211 68.11 -9.31 1.31
N ASP C 212 69.35 -9.65 0.94
CA ASP C 212 69.82 -9.45 -0.42
C ASP C 212 70.24 -10.77 -1.07
N LYS C 213 69.39 -11.78 -0.96
CA LYS C 213 69.71 -13.10 -1.48
C LYS C 213 69.95 -13.05 -2.99
N LYS C 214 70.91 -13.85 -3.44
CA LYS C 214 71.29 -13.95 -4.84
C LYS C 214 70.66 -15.19 -5.46
N VAL C 215 70.10 -15.04 -6.65
CA VAL C 215 69.52 -16.14 -7.39
C VAL C 215 70.36 -16.39 -8.64
N GLU C 216 70.81 -17.63 -8.80
CA GLU C 216 71.63 -18.02 -9.93
C GLU C 216 71.34 -19.47 -10.29
N PRO C 217 71.57 -19.88 -11.54
CA PRO C 217 71.25 -21.25 -11.94
C PRO C 217 72.03 -22.29 -11.16
N LYS C 218 71.38 -23.42 -10.91
CA LYS C 218 71.99 -24.52 -10.16
C LYS C 218 72.32 -25.69 -11.08
N SER C 219 73.35 -26.44 -10.72
CA SER C 219 73.72 -27.63 -11.47
C SER C 219 73.41 -28.89 -10.67
N ASP D 1 14.46 -5.74 4.50
CA ASP D 1 15.42 -6.77 4.15
C ASP D 1 15.39 -7.05 2.65
N ILE D 2 16.33 -6.44 1.93
CA ILE D 2 16.42 -6.54 0.48
C ILE D 2 17.75 -7.17 0.12
N GLN D 3 17.74 -8.00 -0.91
CA GLN D 3 18.96 -8.56 -1.49
C GLN D 3 19.05 -8.15 -2.95
N LEU D 4 20.18 -7.57 -3.33
CA LEU D 4 20.40 -7.09 -4.68
C LEU D 4 21.44 -7.96 -5.38
N THR D 5 21.22 -8.23 -6.66
CA THR D 5 22.10 -9.10 -7.44
C THR D 5 22.50 -8.41 -8.74
N GLN D 6 23.81 -8.34 -8.99
CA GLN D 6 24.28 -7.78 -10.24
C GLN D 6 24.57 -8.90 -11.24
N SER D 7 24.06 -8.73 -12.46
CA SER D 7 24.06 -9.84 -13.40
C SER D 7 25.45 -10.12 -13.95
N PRO D 8 26.15 -9.16 -14.59
CA PRO D 8 27.53 -9.43 -14.97
C PRO D 8 28.45 -9.41 -13.77
N SER D 9 29.51 -10.21 -13.78
CA SER D 9 30.47 -10.25 -12.69
C SER D 9 31.88 -9.93 -13.14
N PHE D 10 32.30 -10.42 -14.31
CA PHE D 10 33.64 -10.16 -14.82
C PHE D 10 33.59 -9.69 -16.26
N LEU D 11 32.51 -9.01 -16.64
CA LEU D 11 32.26 -8.64 -18.02
C LEU D 11 33.35 -7.74 -18.57
N SER D 12 33.86 -8.05 -19.76
CA SER D 12 34.94 -7.29 -20.37
C SER D 12 34.40 -6.49 -21.55
N ALA D 13 35.23 -5.57 -22.05
CA ALA D 13 34.84 -4.70 -23.16
C ALA D 13 36.08 -4.19 -23.89
N SER D 14 35.88 -3.41 -24.95
CA SER D 14 37.00 -2.85 -25.67
C SER D 14 36.77 -1.36 -25.86
N VAL D 15 37.86 -0.63 -26.05
CA VAL D 15 37.82 0.83 -26.08
C VAL D 15 37.02 1.30 -27.30
N GLY D 16 35.84 1.85 -27.06
CA GLY D 16 34.98 2.32 -28.12
C GLY D 16 33.61 1.67 -28.12
N ASP D 17 33.46 0.64 -27.30
CA ASP D 17 32.22 -0.11 -27.21
C ASP D 17 31.25 0.56 -26.24
N ARG D 18 30.07 -0.05 -26.10
CA ARG D 18 29.18 0.31 -25.00
C ARG D 18 29.19 -0.84 -24.00
N VAL D 19 28.46 -0.69 -22.90
CA VAL D 19 28.39 -1.75 -21.89
C VAL D 19 27.17 -1.53 -21.01
N THR D 20 26.56 -2.62 -20.56
CA THR D 20 25.34 -2.58 -19.77
C THR D 20 25.47 -3.50 -18.56
N ILE D 21 25.19 -2.97 -17.38
CA ILE D 21 25.25 -3.70 -16.12
C ILE D 21 23.88 -3.64 -15.48
N THR D 22 23.48 -4.71 -14.79
CA THR D 22 22.12 -4.82 -14.29
C THR D 22 22.12 -5.17 -12.80
N CYS D 23 21.13 -4.64 -12.08
CA CYS D 23 20.91 -4.93 -10.67
C CYS D 23 19.45 -5.32 -10.50
N ARG D 24 19.21 -6.55 -10.04
CA ARG D 24 17.89 -7.02 -9.64
C ARG D 24 17.69 -6.81 -8.15
N ALA D 25 16.48 -6.45 -7.77
CA ALA D 25 16.03 -6.44 -6.38
C ALA D 25 15.04 -7.58 -6.17
N SER D 26 15.03 -8.14 -4.96
CA SER D 26 14.33 -9.39 -4.68
C SER D 26 12.96 -9.16 -4.03
N GLN D 27 12.58 -7.92 -3.76
CA GLN D 27 11.24 -7.69 -3.21
C GLN D 27 10.46 -6.61 -3.95
N GLY D 28 11.16 -5.60 -4.46
CA GLY D 28 10.48 -4.45 -5.03
C GLY D 28 10.66 -3.21 -4.17
N ILE D 29 11.54 -2.32 -4.60
CA ILE D 29 12.09 -1.29 -3.72
C ILE D 29 11.90 0.10 -4.29
N SER D 30 10.82 0.32 -5.03
CA SER D 30 10.52 1.64 -5.59
C SER D 30 11.66 2.01 -6.56
N SER D 31 12.04 3.28 -6.61
CA SER D 31 13.05 3.76 -7.55
C SER D 31 14.20 4.49 -6.87
N ASP D 32 14.72 3.97 -5.76
CA ASP D 32 15.83 4.58 -5.05
C ASP D 32 16.98 3.59 -5.03
N LEU D 33 18.02 3.88 -5.80
CA LEU D 33 19.16 2.97 -5.94
C LEU D 33 20.32 3.72 -6.56
N ALA D 34 21.50 3.59 -5.97
CA ALA D 34 22.67 4.35 -6.38
C ALA D 34 23.73 3.45 -6.99
N TRP D 35 24.57 4.04 -7.85
CA TRP D 35 25.64 3.31 -8.53
C TRP D 35 26.97 3.96 -8.21
N TYR D 36 27.93 3.15 -7.76
CA TYR D 36 29.25 3.62 -7.33
C TYR D 36 30.34 2.98 -8.18
N GLN D 37 31.46 3.71 -8.30
CA GLN D 37 32.64 3.26 -9.00
C GLN D 37 33.84 3.23 -8.05
N GLN D 38 34.68 2.19 -8.18
CA GLN D 38 35.89 2.08 -7.36
C GLN D 38 37.03 1.56 -8.21
N LYS D 39 38.11 2.33 -8.30
CA LYS D 39 39.36 1.85 -8.87
C LYS D 39 40.20 1.18 -7.77
N PRO D 40 41.06 0.21 -8.12
CA PRO D 40 41.72 -0.60 -7.09
C PRO D 40 42.64 0.22 -6.19
N GLY D 41 42.42 0.11 -4.89
CA GLY D 41 43.23 0.83 -3.92
C GLY D 41 42.57 2.08 -3.39
N LYS D 42 41.75 2.73 -4.22
CA LYS D 42 41.14 3.98 -3.81
C LYS D 42 39.72 3.73 -3.29
N ALA D 43 39.10 4.78 -2.78
CA ALA D 43 37.75 4.72 -2.24
C ALA D 43 36.72 4.83 -3.36
N PRO D 44 35.52 4.31 -3.15
CA PRO D 44 34.49 4.36 -4.19
C PRO D 44 34.04 5.78 -4.48
N ASN D 45 33.50 5.96 -5.68
CA ASN D 45 33.02 7.27 -6.11
CA ASN D 45 33.03 7.26 -6.16
C ASN D 45 31.57 7.16 -6.55
N LEU D 46 30.80 8.22 -6.31
CA LEU D 46 29.39 8.25 -6.64
C LEU D 46 29.17 8.64 -8.09
N LEU D 47 28.32 7.87 -8.78
CA LEU D 47 28.01 8.12 -10.19
C LEU D 47 26.55 8.52 -10.37
N ILE D 48 25.60 7.70 -9.93
CA ILE D 48 24.18 7.90 -10.18
C ILE D 48 23.43 7.81 -8.86
N TYR D 49 22.40 8.63 -8.68
CA TYR D 49 21.53 8.47 -7.52
C TYR D 49 20.07 8.56 -7.94
N ALA D 50 19.18 7.93 -7.17
CA ALA D 50 17.77 7.78 -7.52
C ALA D 50 17.61 7.05 -8.85
N ALA D 51 18.64 6.28 -9.22
CA ALA D 51 18.64 5.31 -10.32
C ALA D 51 18.73 5.93 -11.71
N SER D 52 18.61 7.25 -11.84
CA SER D 52 18.73 7.85 -13.16
C SER D 52 19.51 9.16 -13.15
N THR D 53 19.66 9.78 -11.99
CA THR D 53 20.21 11.14 -11.93
C THR D 53 21.73 11.09 -11.89
N LEU D 54 22.37 12.05 -12.54
CA LEU D 54 23.82 12.07 -12.67
C LEU D 54 24.43 12.97 -11.60
N GLN D 55 25.63 12.60 -11.17
CA GLN D 55 26.35 13.29 -10.09
C GLN D 55 27.21 14.39 -10.68
N SER D 56 27.32 15.49 -9.95
CA SER D 56 28.15 16.63 -10.35
C SER D 56 29.61 16.21 -10.50
N GLY D 57 30.23 16.66 -11.59
CA GLY D 57 31.60 16.30 -11.89
C GLY D 57 31.77 15.00 -12.65
N VAL D 58 30.68 14.32 -12.97
CA VAL D 58 30.74 13.05 -13.69
C VAL D 58 30.48 13.32 -15.17
N PRO D 59 31.20 12.68 -16.09
CA PRO D 59 30.90 12.85 -17.52
C PRO D 59 29.48 12.41 -17.86
N SER D 60 29.06 12.68 -19.10
CA SER D 60 27.69 12.41 -19.51
C SER D 60 27.56 11.06 -20.21
N ARG D 61 28.64 10.28 -20.28
CA ARG D 61 28.57 8.94 -20.86
C ARG D 61 27.70 7.99 -20.04
N PHE D 62 27.69 8.17 -18.71
CA PHE D 62 27.06 7.22 -17.81
C PHE D 62 25.57 7.50 -17.73
N SER D 63 24.76 6.48 -17.98
CA SER D 63 23.32 6.63 -17.91
C SER D 63 22.74 5.51 -17.07
N GLY D 64 21.58 5.76 -16.46
CA GLY D 64 20.93 4.76 -15.65
C GLY D 64 19.43 4.86 -15.77
N SER D 65 18.78 3.71 -15.63
CA SER D 65 17.32 3.67 -15.71
C SER D 65 16.82 2.36 -15.13
N GLY D 66 15.64 2.41 -14.54
CA GLY D 66 15.01 1.21 -14.04
C GLY D 66 13.95 1.54 -13.01
N SER D 67 13.31 0.50 -12.50
CA SER D 67 12.29 0.65 -11.48
C SER D 67 11.92 -0.70 -10.89
N GLY D 68 11.34 -0.65 -9.70
CA GLY D 68 10.63 -1.76 -9.10
C GLY D 68 11.53 -2.89 -8.67
N THR D 69 12.04 -3.64 -9.64
CA THR D 69 12.96 -4.74 -9.37
C THR D 69 14.10 -4.84 -10.37
N GLU D 70 14.13 -4.00 -11.40
CA GLU D 70 15.16 -4.13 -12.44
C GLU D 70 15.76 -2.75 -12.70
N PHE D 71 17.08 -2.66 -12.57
CA PHE D 71 17.80 -1.41 -12.82
C PHE D 71 19.00 -1.69 -13.71
N THR D 72 19.37 -0.70 -14.51
CA THR D 72 20.40 -0.86 -15.51
C THR D 72 21.26 0.38 -15.58
N LEU D 73 22.57 0.18 -15.58
CA LEU D 73 23.57 1.21 -15.81
C LEU D 73 24.21 0.94 -17.16
N THR D 74 24.54 2.02 -17.87
CA THR D 74 24.98 1.90 -19.26
C THR D 74 26.09 2.91 -19.52
N ILE D 75 27.19 2.44 -20.12
CA ILE D 75 28.24 3.32 -20.62
C ILE D 75 28.24 3.26 -22.15
N SER D 76 28.13 4.43 -22.77
CA SER D 76 27.98 4.50 -24.22
C SER D 76 29.31 4.45 -24.96
N SER D 77 30.44 4.69 -24.30
CA SER D 77 31.72 4.66 -24.99
C SER D 77 32.86 4.42 -24.00
N LEU D 78 33.52 3.28 -24.11
CA LEU D 78 34.61 2.98 -23.19
C LEU D 78 35.77 3.92 -23.44
N GLN D 79 36.40 4.40 -22.38
CA GLN D 79 37.51 5.32 -22.51
C GLN D 79 38.57 4.90 -21.49
N PRO D 80 39.86 5.07 -21.81
CA PRO D 80 40.91 4.43 -21.00
C PRO D 80 40.91 4.74 -19.51
N GLU D 81 40.02 5.60 -19.02
CA GLU D 81 39.88 5.75 -17.58
C GLU D 81 38.59 5.18 -17.02
N ASP D 82 37.85 4.37 -17.78
CA ASP D 82 36.56 3.88 -17.34
C ASP D 82 36.58 2.40 -16.96
N PHE D 83 37.75 1.84 -16.69
CA PHE D 83 37.88 0.42 -16.34
C PHE D 83 38.00 0.27 -14.84
N ALA D 84 36.90 -0.06 -14.17
CA ALA D 84 36.86 -0.14 -12.72
C ALA D 84 35.82 -1.15 -12.25
N THR D 85 35.47 -1.10 -10.97
CA THR D 85 34.46 -2.00 -10.42
C THR D 85 33.27 -1.16 -9.96
N TYR D 86 32.06 -1.60 -10.30
CA TYR D 86 30.85 -0.82 -10.08
C TYR D 86 29.89 -1.58 -9.17
N TYR D 87 29.26 -0.85 -8.25
CA TYR D 87 28.35 -1.43 -7.27
C TYR D 87 26.99 -0.72 -7.32
N CYS D 88 25.95 -1.46 -6.95
CA CYS D 88 24.62 -0.89 -6.72
C CYS D 88 24.29 -0.94 -5.23
N GLN D 89 23.74 0.16 -4.71
CA GLN D 89 23.44 0.28 -3.29
C GLN D 89 22.00 0.73 -3.09
N GLN D 90 21.45 0.37 -1.93
CA GLN D 90 20.04 0.49 -1.60
C GLN D 90 19.86 1.15 -0.22
N LEU D 91 18.63 1.21 0.28
CA LEU D 91 18.20 2.04 1.39
C LEU D 91 17.04 1.36 2.13
N ASN D 92 16.06 2.14 2.62
CA ASN D 92 14.87 1.64 3.29
C ASN D 92 15.06 1.17 4.73
N SER D 93 15.22 2.14 5.63
CA SER D 93 14.90 1.95 7.04
C SER D 93 15.77 0.95 7.76
N ASP D 94 17.02 1.34 7.99
CA ASP D 94 17.97 0.71 8.92
C ASP D 94 18.70 -0.48 8.31
N LEU D 95 18.58 -0.71 7.02
CA LEU D 95 19.46 -1.64 6.32
C LEU D 95 20.02 -0.96 5.10
N TYR D 96 21.33 -1.09 4.93
CA TYR D 96 22.03 -0.64 3.74
C TYR D 96 22.61 -1.86 3.06
N THR D 97 22.27 -2.05 1.78
CA THR D 97 22.62 -3.27 1.07
C THR D 97 23.39 -2.92 -0.19
N PHE D 98 24.46 -3.65 -0.45
CA PHE D 98 25.26 -3.50 -1.65
C PHE D 98 25.15 -4.76 -2.52
N GLY D 99 25.58 -4.64 -3.76
CA GLY D 99 25.73 -5.78 -4.63
C GLY D 99 27.17 -6.26 -4.61
N GLN D 100 27.40 -7.43 -5.21
CA GLN D 100 28.73 -8.03 -5.21
C GLN D 100 29.71 -7.18 -6.02
N GLY D 101 29.25 -6.54 -7.07
CA GLY D 101 30.12 -5.73 -7.91
C GLY D 101 30.35 -6.33 -9.27
N THR D 102 30.85 -5.53 -10.21
CA THR D 102 31.04 -5.98 -11.60
C THR D 102 32.37 -5.42 -12.10
N LYS D 103 33.39 -6.28 -12.14
CA LYS D 103 34.67 -5.87 -12.68
C LYS D 103 34.59 -5.66 -14.18
N LEU D 104 35.26 -4.62 -14.66
CA LEU D 104 35.36 -4.31 -16.08
C LEU D 104 36.83 -4.24 -16.44
N GLU D 105 37.15 -4.66 -17.65
CA GLU D 105 38.54 -4.91 -17.99
C GLU D 105 38.77 -4.82 -19.49
N ILE D 106 40.04 -4.76 -19.88
CA ILE D 106 40.40 -4.67 -21.28
C ILE D 106 40.07 -5.98 -21.98
N LYS D 107 39.76 -5.89 -23.27
CA LYS D 107 39.63 -7.08 -24.08
C LYS D 107 40.77 -7.15 -25.09
N ARG D 108 41.14 -8.36 -25.47
CA ARG D 108 42.37 -8.54 -26.22
C ARG D 108 42.25 -9.84 -27.01
N THR D 109 43.13 -10.00 -28.00
CA THR D 109 43.27 -11.25 -28.73
C THR D 109 43.77 -12.34 -27.79
N VAL D 110 43.35 -13.59 -28.01
CA VAL D 110 43.73 -14.71 -27.16
C VAL D 110 45.21 -15.03 -27.36
N ALA D 111 45.94 -15.18 -26.25
CA ALA D 111 47.36 -15.48 -26.27
C ALA D 111 47.61 -16.77 -25.52
N ALA D 112 48.71 -17.45 -25.84
CA ALA D 112 48.98 -18.76 -25.26
C ALA D 112 49.91 -18.63 -24.06
N PRO D 113 49.61 -19.34 -22.97
CA PRO D 113 50.49 -19.28 -21.79
C PRO D 113 51.88 -19.82 -22.07
N SER D 114 52.82 -19.42 -21.21
CA SER D 114 54.15 -20.04 -21.16
C SER D 114 54.29 -20.72 -19.81
N VAL D 115 54.87 -21.93 -19.80
CA VAL D 115 54.88 -22.78 -18.62
C VAL D 115 56.31 -22.99 -18.14
N PHE D 116 56.51 -22.80 -16.84
CA PHE D 116 57.82 -23.07 -16.22
C PHE D 116 57.60 -23.86 -14.94
N ILE D 117 58.57 -24.71 -14.61
CA ILE D 117 58.54 -25.52 -13.39
C ILE D 117 59.87 -25.37 -12.66
N PHE D 118 59.81 -25.24 -11.34
CA PHE D 118 61.00 -25.06 -10.51
C PHE D 118 60.93 -26.01 -9.32
N PRO D 119 61.90 -26.92 -9.18
CA PRO D 119 61.94 -27.80 -8.02
C PRO D 119 62.41 -27.05 -6.78
N PRO D 120 62.24 -27.62 -5.58
CA PRO D 120 62.70 -26.92 -4.37
C PRO D 120 64.22 -26.80 -4.28
N SER D 121 64.68 -25.75 -3.60
CA SER D 121 66.10 -25.48 -3.47
C SER D 121 66.73 -26.35 -2.39
N ASP D 122 67.97 -26.03 -2.01
CA ASP D 122 68.70 -26.79 -1.00
C ASP D 122 68.43 -26.28 0.42
N GLU D 123 68.50 -24.96 0.63
CA GLU D 123 68.28 -24.41 1.97
C GLU D 123 66.88 -24.70 2.46
N GLN D 124 65.91 -24.75 1.56
CA GLN D 124 64.55 -25.11 1.94
C GLN D 124 64.51 -26.52 2.50
N LEU D 125 65.23 -27.45 1.87
CA LEU D 125 65.30 -28.82 2.35
C LEU D 125 66.06 -28.91 3.66
N LYS D 126 67.08 -28.08 3.83
CA LYS D 126 67.82 -28.03 5.09
C LYS D 126 66.91 -27.57 6.22
N SER D 127 66.07 -26.56 5.96
CA SER D 127 65.13 -26.07 6.95
C SER D 127 64.07 -27.13 7.25
N GLY D 128 63.77 -27.99 6.27
CA GLY D 128 62.87 -29.10 6.50
C GLY D 128 61.53 -29.01 5.78
N THR D 129 61.49 -28.31 4.65
CA THR D 129 60.27 -28.20 3.86
C THR D 129 60.66 -28.25 2.38
N ALA D 130 59.63 -28.31 1.52
CA ALA D 130 59.88 -28.40 0.08
C ALA D 130 58.67 -27.83 -0.66
N SER D 131 58.92 -26.84 -1.51
CA SER D 131 57.88 -26.23 -2.34
C SER D 131 58.28 -26.29 -3.80
N VAL D 132 57.37 -26.76 -4.65
CA VAL D 132 57.59 -26.87 -6.08
C VAL D 132 56.71 -25.82 -6.76
N VAL D 133 57.31 -25.00 -7.63
CA VAL D 133 56.66 -23.81 -8.16
C VAL D 133 56.36 -24.00 -9.65
N CYS D 134 55.12 -23.74 -10.03
CA CYS D 134 54.72 -23.76 -11.43
C CYS D 134 54.25 -22.36 -11.83
N LEU D 135 54.84 -21.84 -12.90
CA LEU D 135 54.60 -20.47 -13.32
C LEU D 135 53.98 -20.45 -14.71
N LEU D 136 52.87 -19.74 -14.85
CA LEU D 136 52.23 -19.50 -16.13
C LEU D 136 52.36 -18.03 -16.48
N ASN D 137 52.92 -17.74 -17.64
CA ASN D 137 53.30 -16.38 -18.01
C ASN D 137 52.50 -15.96 -19.23
N ASN D 138 51.80 -14.83 -19.09
CA ASN D 138 51.17 -14.13 -20.20
C ASN D 138 50.12 -14.93 -20.97
N PHE D 139 48.99 -15.26 -20.34
CA PHE D 139 47.98 -15.99 -21.10
C PHE D 139 46.83 -15.14 -21.63
N TYR D 140 46.02 -14.51 -20.75
CA TYR D 140 44.83 -13.78 -21.20
C TYR D 140 43.91 -14.63 -22.08
N PRO D 141 42.86 -15.26 -21.53
CA PRO D 141 42.11 -14.73 -20.39
C PRO D 141 42.43 -15.27 -19.01
N ARG D 142 41.80 -14.64 -18.02
CA ARG D 142 42.07 -14.81 -16.60
C ARG D 142 41.75 -16.22 -16.11
N GLU D 143 40.98 -16.96 -16.91
CA GLU D 143 40.54 -18.29 -16.53
C GLU D 143 41.50 -19.34 -17.07
N ALA D 144 42.03 -20.17 -16.17
CA ALA D 144 42.96 -21.22 -16.53
C ALA D 144 42.87 -22.32 -15.48
N LYS D 145 43.38 -23.50 -15.83
CA LYS D 145 43.30 -24.67 -14.96
C LYS D 145 44.70 -25.20 -14.68
N VAL D 146 44.99 -25.47 -13.41
CA VAL D 146 46.28 -26.00 -12.98
C VAL D 146 46.05 -27.32 -12.25
N GLN D 147 46.93 -28.29 -12.51
CA GLN D 147 46.82 -29.63 -11.94
C GLN D 147 48.18 -30.06 -11.42
N TRP D 148 48.17 -30.83 -10.32
CA TRP D 148 49.37 -31.22 -9.61
C TRP D 148 49.59 -32.73 -9.57
N LYS D 149 49.50 -33.43 -10.70
CA LYS D 149 49.58 -34.88 -10.67
C LYS D 149 50.94 -35.37 -10.14
N VAL D 150 50.94 -35.89 -8.92
CA VAL D 150 52.14 -36.47 -8.33
C VAL D 150 52.14 -37.97 -8.64
N ASP D 151 52.59 -38.27 -9.86
CA ASP D 151 52.79 -39.59 -10.48
C ASP D 151 51.48 -40.30 -10.82
N ASN D 152 50.40 -40.03 -10.09
CA ASN D 152 49.05 -40.36 -10.54
C ASN D 152 48.00 -39.42 -9.93
N ALA D 153 48.41 -38.61 -8.96
CA ALA D 153 47.49 -38.16 -7.93
C ALA D 153 47.23 -36.66 -8.00
N LEU D 154 45.95 -36.30 -8.01
CA LEU D 154 45.49 -34.92 -8.13
C LEU D 154 45.00 -34.47 -6.76
N GLN D 155 45.88 -33.80 -6.02
CA GLN D 155 45.55 -33.32 -4.69
C GLN D 155 44.45 -32.28 -4.76
N SER D 156 43.55 -32.32 -3.78
CA SER D 156 42.50 -31.30 -3.65
C SER D 156 42.85 -30.24 -2.61
N GLY D 157 44.03 -30.33 -1.99
CA GLY D 157 44.43 -29.35 -1.00
C GLY D 157 45.94 -29.17 -1.01
N ASN D 158 46.39 -28.35 -0.07
CA ASN D 158 47.81 -27.98 0.03
C ASN D 158 48.33 -27.38 -1.28
N SER D 159 47.54 -26.49 -1.88
CA SER D 159 47.98 -25.76 -3.07
C SER D 159 47.21 -24.45 -3.15
N GLN D 160 47.94 -23.34 -3.28
CA GLN D 160 47.35 -22.02 -3.44
C GLN D 160 47.93 -21.35 -4.68
N GLU D 161 47.13 -20.47 -5.27
CA GLU D 161 47.51 -19.80 -6.50
C GLU D 161 47.29 -18.29 -6.35
N SER D 162 47.92 -17.53 -7.24
CA SER D 162 47.73 -16.09 -7.27
C SER D 162 47.97 -15.58 -8.69
N VAL D 163 47.09 -14.67 -9.11
CA VAL D 163 47.15 -14.05 -10.43
C VAL D 163 47.51 -12.57 -10.24
N THR D 164 48.08 -11.98 -11.29
CA THR D 164 48.41 -10.57 -11.25
C THR D 164 47.26 -9.74 -11.80
N GLU D 165 47.26 -8.45 -11.49
CA GLU D 165 46.32 -7.53 -12.12
C GLU D 165 46.72 -7.37 -13.58
N GLN D 166 45.79 -6.94 -14.43
CA GLN D 166 46.04 -6.90 -15.86
C GLN D 166 47.16 -5.92 -16.18
N ASP D 167 48.09 -6.36 -17.04
CA ASP D 167 49.29 -5.59 -17.33
C ASP D 167 48.95 -4.39 -18.20
N SER D 168 49.25 -3.18 -17.72
CA SER D 168 48.90 -1.96 -18.44
C SER D 168 49.59 -1.85 -19.79
N LYS D 169 50.76 -2.46 -19.95
CA LYS D 169 51.47 -2.37 -21.22
C LYS D 169 50.86 -3.29 -22.28
N ASP D 170 50.37 -4.47 -21.90
CA ASP D 170 49.91 -5.45 -22.87
C ASP D 170 48.57 -6.09 -22.58
N SER D 171 47.88 -5.72 -21.48
CA SER D 171 46.57 -6.27 -21.15
C SER D 171 46.62 -7.78 -21.00
N THR D 172 47.36 -8.27 -20.01
CA THR D 172 47.60 -9.70 -19.86
C THR D 172 47.78 -10.01 -18.38
N TYR D 173 47.64 -11.28 -18.02
CA TYR D 173 47.78 -11.73 -16.63
C TYR D 173 48.97 -12.68 -16.54
N SER D 174 49.23 -13.15 -15.32
CA SER D 174 50.21 -14.20 -15.05
C SER D 174 49.84 -14.88 -13.74
N LEU D 175 50.20 -16.16 -13.64
CA LEU D 175 49.71 -17.03 -12.57
C LEU D 175 50.86 -17.79 -11.94
N SER D 176 50.80 -17.92 -10.61
CA SER D 176 51.77 -18.71 -9.87
C SER D 176 51.05 -19.75 -9.03
N SER D 177 51.51 -21.00 -9.09
CA SER D 177 50.96 -22.09 -8.31
C SER D 177 52.07 -22.74 -7.51
N THR D 178 51.76 -23.10 -6.26
CA THR D 178 52.74 -23.64 -5.34
C THR D 178 52.20 -24.92 -4.70
N LEU D 179 53.12 -25.78 -4.26
CA LEU D 179 52.78 -27.04 -3.62
C LEU D 179 53.66 -27.22 -2.39
N THR D 180 53.04 -27.35 -1.22
CA THR D 180 53.75 -27.42 0.05
C THR D 180 53.75 -28.86 0.56
N LEU D 181 54.85 -29.55 0.36
CA LEU D 181 55.05 -30.91 0.85
C LEU D 181 56.25 -30.93 1.78
N SER D 182 56.09 -31.58 2.93
CA SER D 182 57.15 -31.63 3.92
C SER D 182 58.32 -32.46 3.40
N LYS D 183 59.47 -32.32 4.07
CA LYS D 183 60.66 -33.05 3.66
C LYS D 183 60.43 -34.55 3.65
N ALA D 184 59.62 -35.06 4.56
CA ALA D 184 59.28 -36.48 4.59
C ALA D 184 58.54 -36.88 3.32
N ASP D 185 57.50 -36.12 2.96
CA ASP D 185 56.68 -36.49 1.82
C ASP D 185 57.34 -36.12 0.49
N TYR D 186 58.32 -35.21 0.50
CA TYR D 186 58.94 -34.76 -0.74
C TYR D 186 59.83 -35.83 -1.37
N GLU D 187 60.69 -36.47 -0.58
CA GLU D 187 61.69 -37.38 -1.14
C GLU D 187 61.13 -38.79 -1.31
N LYS D 188 59.82 -38.94 -1.23
CA LYS D 188 59.16 -40.22 -1.44
C LYS D 188 58.79 -40.43 -2.90
N HIS D 189 59.04 -39.46 -3.77
CA HIS D 189 58.65 -39.56 -5.17
C HIS D 189 59.75 -38.97 -6.04
N LYS D 190 59.68 -39.27 -7.34
CA LYS D 190 60.68 -38.82 -8.30
C LYS D 190 60.12 -37.84 -9.31
N VAL D 191 58.94 -38.10 -9.88
CA VAL D 191 58.37 -37.20 -10.88
C VAL D 191 57.38 -36.27 -10.21
N TYR D 192 57.55 -34.97 -10.46
CA TYR D 192 56.62 -33.92 -10.04
C TYR D 192 56.21 -33.18 -11.30
N ALA D 193 54.90 -33.02 -11.50
CA ALA D 193 54.40 -32.44 -12.73
C ALA D 193 53.42 -31.30 -12.45
N CYS D 194 53.17 -30.50 -13.49
CA CYS D 194 52.20 -29.40 -13.45
C CYS D 194 51.49 -29.40 -14.80
N GLU D 195 50.18 -29.71 -14.78
CA GLU D 195 49.41 -29.78 -16.00
C GLU D 195 48.52 -28.55 -16.14
N VAL D 196 48.61 -27.88 -17.28
CA VAL D 196 47.91 -26.62 -17.51
C VAL D 196 46.87 -26.82 -18.60
N THR D 197 45.67 -26.32 -18.36
CA THR D 197 44.61 -26.28 -19.36
C THR D 197 44.19 -24.83 -19.58
N HIS D 198 44.22 -24.39 -20.84
CA HIS D 198 43.86 -23.02 -21.18
C HIS D 198 43.45 -22.96 -22.64
N GLN D 199 42.69 -21.92 -22.99
CA GLN D 199 42.11 -21.81 -24.32
C GLN D 199 43.20 -21.70 -25.38
N GLY D 200 44.35 -21.14 -25.03
CA GLY D 200 45.40 -20.96 -26.01
C GLY D 200 45.99 -22.27 -26.50
N LEU D 201 46.05 -23.26 -25.61
CA LEU D 201 46.76 -24.50 -25.93
C LEU D 201 45.83 -25.51 -26.59
N SER D 202 46.31 -26.12 -27.68
CA SER D 202 45.52 -27.11 -28.40
C SER D 202 45.25 -28.34 -27.55
N SER D 203 46.28 -28.88 -26.92
CA SER D 203 46.18 -29.97 -25.97
C SER D 203 46.95 -29.64 -24.71
N PRO D 204 46.51 -30.11 -23.54
CA PRO D 204 47.19 -29.76 -22.29
C PRO D 204 48.66 -30.14 -22.33
N VAL D 205 49.50 -29.22 -21.86
CA VAL D 205 50.95 -29.38 -21.91
C VAL D 205 51.48 -29.50 -20.49
N THR D 206 52.28 -30.53 -20.25
CA THR D 206 52.84 -30.80 -18.93
C THR D 206 54.34 -30.56 -18.95
N LYS D 207 54.81 -29.70 -18.05
CA LYS D 207 56.24 -29.47 -17.84
C LYS D 207 56.59 -30.00 -16.46
N SER D 208 57.55 -30.92 -16.40
CA SER D 208 57.87 -31.65 -15.19
C SER D 208 59.39 -31.84 -15.07
N PHE D 209 59.79 -32.50 -13.99
CA PHE D 209 61.21 -32.71 -13.71
C PHE D 209 61.34 -34.00 -12.91
N ASN D 210 62.55 -34.56 -12.92
CA ASN D 210 62.84 -35.76 -12.14
C ASN D 210 63.68 -35.39 -10.92
N ARG D 211 63.29 -35.94 -9.75
CA ARG D 211 63.98 -35.57 -8.52
C ARG D 211 65.43 -36.05 -8.50
N GLY D 212 65.75 -37.13 -9.20
CA GLY D 212 67.09 -37.65 -9.23
C GLY D 212 67.93 -37.11 -10.36
N GLU D 213 68.09 -35.79 -10.43
CA GLU D 213 68.98 -35.16 -11.40
C GLU D 213 69.29 -33.73 -11.01
N GLU E 1 -18.15 -21.16 43.25
CA GLU E 1 -17.46 -22.33 42.70
C GLU E 1 -17.28 -22.21 41.19
N VAL E 2 -16.39 -21.30 40.78
CA VAL E 2 -16.11 -21.12 39.36
C VAL E 2 -15.43 -22.38 38.84
N GLN E 3 -16.04 -23.01 37.83
CA GLN E 3 -15.51 -24.23 37.23
C GLN E 3 -15.64 -24.13 35.73
N LEU E 4 -14.62 -24.62 35.03
CA LEU E 4 -14.52 -24.53 33.57
C LEU E 4 -13.98 -25.87 33.08
N VAL E 5 -14.81 -26.60 32.34
CA VAL E 5 -14.44 -27.93 31.89
C VAL E 5 -14.27 -27.93 30.38
N GLU E 6 -13.07 -28.27 29.92
CA GLU E 6 -12.78 -28.31 28.49
C GLU E 6 -13.08 -29.71 27.95
N SER E 7 -13.15 -29.82 26.62
CA SER E 7 -13.37 -31.12 25.97
C SER E 7 -13.11 -31.03 24.47
N GLY E 8 -12.59 -32.09 23.87
CA GLY E 8 -12.54 -32.13 22.42
C GLY E 8 -11.24 -32.55 21.75
N GLY E 9 -10.14 -32.62 22.50
CA GLY E 9 -8.86 -32.93 21.90
C GLY E 9 -8.71 -34.39 21.49
N GLY E 10 -7.73 -34.65 20.63
CA GLY E 10 -7.45 -36.01 20.23
C GLY E 10 -6.52 -36.10 19.02
N LEU E 11 -6.44 -37.31 18.48
CA LEU E 11 -5.64 -37.61 17.30
C LEU E 11 -6.37 -37.20 16.03
N VAL E 12 -5.74 -36.32 15.26
CA VAL E 12 -6.31 -35.87 13.98
C VAL E 12 -5.19 -35.80 12.95
N GLN E 13 -5.57 -35.86 11.69
CA GLN E 13 -4.60 -35.76 10.60
C GLN E 13 -4.23 -34.30 10.38
N PRO E 14 -3.01 -34.00 9.92
CA PRO E 14 -2.66 -32.61 9.60
C PRO E 14 -3.56 -32.03 8.52
N GLY E 15 -3.89 -30.76 8.63
CA GLY E 15 -4.82 -30.13 7.71
C GLY E 15 -6.27 -30.44 7.97
N GLY E 16 -6.58 -31.12 9.07
CA GLY E 16 -7.95 -31.48 9.37
C GLY E 16 -8.76 -30.33 9.95
N SER E 17 -9.69 -30.65 10.84
CA SER E 17 -10.56 -29.64 11.42
C SER E 17 -11.16 -30.10 12.74
N LEU E 18 -11.17 -29.23 13.75
CA LEU E 18 -11.68 -29.58 15.06
C LEU E 18 -12.53 -28.43 15.59
N ARG E 19 -13.29 -28.74 16.64
CA ARG E 19 -14.10 -27.76 17.36
C ARG E 19 -14.18 -28.17 18.83
N LEU E 20 -13.29 -27.63 19.66
CA LEU E 20 -13.30 -28.03 21.06
C LEU E 20 -14.12 -27.05 21.89
N SER E 21 -14.68 -27.55 22.98
CA SER E 21 -15.67 -26.81 23.73
C SER E 21 -15.22 -26.65 25.17
N CYS E 22 -15.84 -25.67 25.84
CA CYS E 22 -15.57 -25.37 27.24
C CYS E 22 -16.89 -25.02 27.90
N ALA E 23 -17.27 -25.81 28.90
CA ALA E 23 -18.54 -25.65 29.60
C ALA E 23 -18.28 -24.93 30.92
N ALA E 24 -19.12 -23.94 31.21
CA ALA E 24 -18.91 -23.05 32.34
C ALA E 24 -19.92 -23.29 33.46
N SER E 25 -19.58 -22.85 34.67
CA SER E 25 -20.45 -23.01 35.83
C SER E 25 -19.94 -22.16 36.99
N GLY E 26 -20.86 -21.59 37.78
CA GLY E 26 -20.50 -20.79 38.93
C GLY E 26 -20.44 -19.30 38.67
N PHE E 27 -20.44 -18.86 37.42
CA PHE E 27 -20.43 -17.44 37.09
C PHE E 27 -21.38 -17.21 35.93
N THR E 28 -21.89 -15.99 35.84
CA THR E 28 -22.80 -15.63 34.76
C THR E 28 -22.01 -15.51 33.46
N PHE E 29 -22.36 -16.35 32.49
CA PHE E 29 -21.56 -16.51 31.27
C PHE E 29 -22.01 -15.51 30.20
N SER E 30 -22.27 -14.27 30.58
CA SER E 30 -22.71 -13.28 29.61
C SER E 30 -22.00 -11.95 29.80
N SER E 31 -21.32 -11.78 30.93
CA SER E 31 -20.67 -10.52 31.25
C SER E 31 -19.15 -10.64 31.33
N TYR E 32 -18.58 -11.74 30.86
CA TYR E 32 -17.16 -11.97 30.98
C TYR E 32 -16.54 -12.24 29.60
N ASP E 33 -15.31 -11.75 29.45
CA ASP E 33 -14.57 -12.01 28.20
C ASP E 33 -14.20 -13.46 28.32
N MET E 34 -13.76 -14.06 27.25
CA MET E 34 -13.34 -15.46 27.26
C MET E 34 -12.17 -15.62 26.32
N HIS E 35 -11.11 -16.30 26.77
CA HIS E 35 -9.92 -16.47 25.96
C HIS E 35 -9.57 -17.93 25.83
N TRP E 36 -8.84 -18.25 24.76
CA TRP E 36 -8.18 -19.54 24.59
C TRP E 36 -6.68 -19.31 24.56
N VAL E 37 -5.96 -20.02 25.43
CA VAL E 37 -4.52 -19.91 25.57
C VAL E 37 -3.94 -21.32 25.57
N ARG E 38 -2.87 -21.52 24.80
CA ARG E 38 -2.28 -22.85 24.68
C ARG E 38 -0.88 -22.88 25.29
N GLN E 39 -0.46 -24.08 25.70
CA GLN E 39 0.84 -24.30 26.33
C GLN E 39 1.56 -25.42 25.61
N THR E 40 2.76 -25.15 25.14
CA THR E 40 3.67 -26.18 24.65
C THR E 40 4.88 -26.26 25.56
N THR E 41 5.59 -27.39 25.48
CA THR E 41 6.74 -27.61 26.35
C THR E 41 7.94 -26.82 25.80
N GLY E 42 7.84 -26.40 24.54
CA GLY E 42 8.95 -25.72 23.90
C GLY E 42 9.01 -24.23 24.17
N LYS E 43 7.95 -23.49 23.83
CA LYS E 43 8.01 -22.05 23.93
C LYS E 43 7.30 -21.54 25.18
N GLY E 44 6.28 -22.26 25.63
CA GLY E 44 5.56 -21.91 26.84
C GLY E 44 4.16 -21.39 26.54
N LEU E 45 3.61 -20.71 27.54
CA LEU E 45 2.25 -20.20 27.43
C LEU E 45 2.14 -19.17 26.32
N GLU E 46 1.16 -19.37 25.44
CA GLU E 46 0.93 -18.48 24.32
C GLU E 46 -0.56 -18.26 24.16
N TRP E 47 -0.93 -17.04 23.80
CA TRP E 47 -2.32 -16.64 23.65
C TRP E 47 -2.80 -17.00 22.25
N VAL E 48 -4.02 -17.53 22.17
CA VAL E 48 -4.54 -18.05 20.91
C VAL E 48 -5.71 -17.22 20.40
N SER E 49 -6.71 -16.97 21.23
CA SER E 49 -7.87 -16.24 20.71
C SER E 49 -8.63 -15.55 21.84
N THR E 50 -9.41 -14.54 21.45
CA THR E 50 -10.22 -13.76 22.37
C THR E 50 -11.64 -13.63 21.84
N ILE E 51 -12.61 -13.61 22.76
CA ILE E 51 -13.99 -13.25 22.44
C ILE E 51 -14.50 -12.34 23.55
N GLY E 52 -15.23 -11.30 23.16
CA GLY E 52 -15.78 -10.34 24.08
C GLY E 52 -17.28 -10.54 24.29
N THR E 53 -17.90 -9.49 24.84
CA THR E 53 -19.33 -9.52 25.15
C THR E 53 -20.11 -8.68 24.13
N ALA E 54 -19.50 -8.48 22.97
CA ALA E 54 -20.12 -7.69 21.91
C ALA E 54 -19.86 -8.31 20.55
N GLY E 55 -19.48 -9.59 20.52
CA GLY E 55 -19.26 -10.28 19.28
C GLY E 55 -17.91 -10.05 18.64
N ASP E 56 -17.06 -9.23 19.25
CA ASP E 56 -15.74 -8.96 18.70
C ASP E 56 -14.81 -10.14 18.90
N THR E 57 -13.92 -10.36 17.94
CA THR E 57 -12.97 -11.46 17.97
C THR E 57 -11.57 -10.93 17.73
N TYR E 58 -10.57 -11.57 18.33
CA TYR E 58 -9.18 -11.18 18.17
C TYR E 58 -8.31 -12.42 18.08
N TYR E 59 -7.39 -12.41 17.12
CA TYR E 59 -6.44 -13.47 16.85
C TYR E 59 -5.06 -12.89 16.58
N PRO E 60 -3.99 -13.62 16.89
CA PRO E 60 -2.65 -13.13 16.57
C PRO E 60 -2.27 -13.37 15.13
N ASP E 61 -1.03 -13.03 14.76
CA ASP E 61 -0.57 -13.13 13.38
C ASP E 61 -0.53 -14.57 12.87
N SER E 62 -0.03 -15.51 13.67
CA SER E 62 0.06 -16.89 13.22
C SER E 62 -1.32 -17.51 13.10
N VAL E 63 -2.24 -17.13 13.98
CA VAL E 63 -3.56 -17.75 14.03
C VAL E 63 -4.56 -17.06 13.12
N LYS E 64 -4.34 -15.77 12.83
CA LYS E 64 -5.31 -14.97 12.04
C LYS E 64 -5.81 -15.75 10.84
N GLY E 65 -7.13 -15.78 10.65
CA GLY E 65 -7.75 -16.49 9.55
C GLY E 65 -8.18 -17.90 9.87
N ARG E 66 -7.27 -18.72 10.39
CA ARG E 66 -7.56 -20.15 10.52
C ARG E 66 -8.56 -20.46 11.64
N PHE E 67 -8.38 -19.88 12.82
CA PHE E 67 -9.21 -20.23 13.96
C PHE E 67 -10.38 -19.28 14.10
N THR E 68 -11.51 -19.80 14.59
CA THR E 68 -12.68 -18.97 14.87
C THR E 68 -13.18 -19.28 16.27
N ILE E 69 -13.48 -18.25 17.04
CA ILE E 69 -14.02 -18.44 18.38
C ILE E 69 -15.51 -18.13 18.39
N SER E 70 -16.26 -18.83 19.25
CA SER E 70 -17.71 -18.70 19.24
C SER E 70 -18.25 -18.83 20.66
N ARG E 71 -19.36 -18.15 20.93
CA ARG E 71 -20.06 -18.17 22.20
C ARG E 71 -21.43 -18.84 22.02
N GLU E 72 -21.99 -19.35 23.11
CA GLU E 72 -23.40 -19.71 23.19
C GLU E 72 -23.93 -19.36 24.58
N ASP E 73 -24.45 -18.14 24.73
CA ASP E 73 -24.82 -17.60 26.03
C ASP E 73 -25.93 -18.38 26.73
N ALA E 74 -26.80 -19.06 25.99
CA ALA E 74 -27.94 -19.76 26.55
C ALA E 74 -27.55 -21.05 27.27
N LYS E 75 -26.62 -21.81 26.69
CA LYS E 75 -26.23 -23.10 27.24
C LYS E 75 -24.95 -23.03 28.06
N ASN E 76 -24.45 -21.83 28.35
CA ASN E 76 -23.23 -21.64 29.12
C ASN E 76 -22.08 -22.45 28.52
N SER E 77 -21.77 -22.19 27.25
CA SER E 77 -20.75 -22.94 26.55
C SER E 77 -19.97 -22.02 25.64
N LEU E 78 -18.73 -22.41 25.33
CA LEU E 78 -17.93 -21.68 24.38
C LEU E 78 -17.13 -22.63 23.52
N TYR E 79 -16.91 -22.25 22.27
CA TYR E 79 -16.35 -23.18 21.29
C TYR E 79 -15.21 -22.53 20.54
N LEU E 80 -14.27 -23.36 20.10
CA LEU E 80 -13.17 -22.94 19.24
C LEU E 80 -13.11 -23.88 18.05
N GLN E 81 -13.17 -23.32 16.85
CA GLN E 81 -13.19 -24.09 15.62
C GLN E 81 -11.86 -23.88 14.90
N MET E 82 -11.19 -24.98 14.60
CA MET E 82 -9.87 -24.94 14.01
C MET E 82 -9.91 -25.59 12.62
N ASN E 83 -9.34 -24.91 11.64
CA ASN E 83 -9.31 -25.40 10.28
C ASN E 83 -7.91 -25.24 9.71
N SER E 84 -7.54 -26.12 8.79
CA SER E 84 -6.20 -26.14 8.21
C SER E 84 -5.14 -26.26 9.30
N LEU E 85 -5.13 -27.38 10.02
CA LEU E 85 -4.22 -27.58 11.13
C LEU E 85 -2.77 -27.65 10.66
N ARG E 86 -1.84 -27.47 11.59
CA ARG E 86 -0.42 -27.46 11.28
C ARG E 86 0.32 -28.31 12.29
N ALA E 87 1.59 -28.58 12.00
CA ALA E 87 2.45 -29.28 12.95
C ALA E 87 2.65 -28.52 14.24
N GLY E 88 2.85 -27.21 14.17
CA GLY E 88 3.07 -26.41 15.35
C GLY E 88 1.80 -25.97 16.03
N ASP E 89 0.84 -26.89 16.17
CA ASP E 89 -0.41 -26.60 16.85
C ASP E 89 -0.72 -27.55 17.99
N THR E 90 0.09 -28.58 18.21
CA THR E 90 -0.17 -29.56 19.26
C THR E 90 0.29 -28.99 20.60
N ALA E 91 -0.60 -29.04 21.59
CA ALA E 91 -0.41 -28.33 22.86
C ALA E 91 -1.48 -28.70 23.87
N VAL E 92 -1.42 -28.07 25.05
CA VAL E 92 -2.55 -28.12 25.96
C VAL E 92 -3.35 -26.83 25.83
N TYR E 93 -4.64 -26.95 25.58
CA TYR E 93 -5.49 -25.81 25.32
C TYR E 93 -6.34 -25.51 26.55
N TYR E 94 -6.24 -24.30 27.08
CA TYR E 94 -7.00 -23.85 28.22
C TYR E 94 -7.99 -22.79 27.79
N CYS E 95 -9.22 -22.93 28.27
CA CYS E 95 -10.21 -21.87 28.20
C CYS E 95 -10.07 -21.06 29.48
N ALA E 96 -9.78 -19.77 29.33
CA ALA E 96 -9.52 -18.90 30.47
C ALA E 96 -10.56 -17.81 30.52
N ARG E 97 -10.84 -17.35 31.74
CA ARG E 97 -11.80 -16.29 31.99
C ARG E 97 -11.02 -14.99 32.22
N GLY E 98 -11.20 -14.03 31.32
CA GLY E 98 -10.51 -12.76 31.43
C GLY E 98 -11.25 -11.78 32.31
N ASP E 99 -10.49 -10.89 32.93
CA ASP E 99 -11.06 -9.90 33.85
C ASP E 99 -10.06 -8.75 33.97
N SER E 100 -10.50 -7.65 34.57
CA SER E 100 -9.65 -6.48 34.72
C SER E 100 -10.04 -5.74 35.99
N SER E 101 -9.09 -4.97 36.52
CA SER E 101 -9.31 -4.09 37.67
C SER E 101 -8.76 -2.72 37.31
N GLY E 102 -9.59 -1.89 36.67
CA GLY E 102 -9.13 -0.64 36.12
C GLY E 102 -8.69 -0.81 34.68
N TYR E 103 -7.44 -0.43 34.39
CA TYR E 103 -6.87 -0.64 33.07
C TYR E 103 -6.13 -1.97 32.95
N TYR E 104 -5.85 -2.63 34.06
CA TYR E 104 -4.97 -3.79 34.05
C TYR E 104 -5.77 -5.06 33.84
N TYR E 105 -5.34 -5.87 32.86
CA TYR E 105 -6.05 -7.06 32.42
C TYR E 105 -5.33 -8.29 32.95
N TYR E 106 -6.09 -9.30 33.36
CA TYR E 106 -5.52 -10.55 33.84
C TYR E 106 -6.48 -11.70 33.58
N PHE E 107 -5.94 -12.92 33.59
CA PHE E 107 -6.74 -14.14 33.56
C PHE E 107 -6.86 -14.67 34.98
N ASP E 108 -8.07 -14.65 35.54
CA ASP E 108 -8.20 -15.02 36.95
C ASP E 108 -8.53 -16.49 37.12
N TYR E 109 -9.26 -17.09 36.18
CA TYR E 109 -9.59 -18.50 36.25
C TYR E 109 -9.19 -19.20 34.96
N TRP E 110 -8.47 -20.31 35.11
CA TRP E 110 -8.16 -21.16 33.98
C TRP E 110 -8.96 -22.44 34.09
N GLY E 111 -9.10 -23.17 33.00
CA GLY E 111 -9.78 -24.44 33.03
C GLY E 111 -8.90 -25.54 33.54
N GLN E 112 -8.98 -26.70 32.90
CA GLN E 112 -8.11 -27.82 33.23
C GLN E 112 -7.24 -28.26 32.07
N GLY E 113 -7.68 -28.07 30.83
CA GLY E 113 -6.87 -28.32 29.66
C GLY E 113 -7.26 -29.61 28.97
N THR E 114 -7.09 -29.58 27.64
CA THR E 114 -7.30 -30.76 26.80
C THR E 114 -6.18 -30.88 25.79
N LEU E 115 -5.44 -31.98 25.85
CA LEU E 115 -4.31 -32.19 24.97
C LEU E 115 -4.76 -32.36 23.52
N LEU E 116 -3.94 -31.85 22.61
CA LEU E 116 -4.24 -31.91 21.18
C LEU E 116 -3.03 -32.48 20.46
N THR E 117 -3.28 -33.43 19.56
CA THR E 117 -2.25 -34.07 18.76
C THR E 117 -2.62 -33.99 17.27
N VAL E 118 -1.63 -33.65 16.45
CA VAL E 118 -1.83 -33.61 15.01
C VAL E 118 -0.76 -34.46 14.32
N SER E 119 -1.21 -35.49 13.60
CA SER E 119 -0.32 -36.42 12.92
C SER E 119 -1.08 -37.33 11.97
N ASP F 1 6.31 -6.39 19.13
CA ASP F 1 6.30 -7.38 20.20
C ASP F 1 7.27 -7.01 21.31
N ILE F 2 6.92 -7.40 22.53
CA ILE F 2 7.76 -7.19 23.71
C ILE F 2 8.36 -8.51 24.12
N GLN F 3 9.67 -8.53 24.32
CA GLN F 3 10.39 -9.72 24.77
C GLN F 3 10.49 -9.68 26.28
N MET F 4 10.00 -10.74 26.93
CA MET F 4 10.02 -10.84 28.38
C MET F 4 11.06 -11.88 28.77
N THR F 5 11.91 -11.53 29.73
CA THR F 5 12.96 -12.43 30.17
C THR F 5 12.87 -12.60 31.68
N GLN F 6 13.17 -13.82 32.15
CA GLN F 6 13.08 -14.13 33.57
C GLN F 6 14.45 -14.57 34.10
N SER F 7 14.64 -14.39 35.39
CA SER F 7 15.89 -14.78 36.03
C SER F 7 15.59 -15.15 37.47
N PRO F 8 16.26 -16.17 38.02
CA PRO F 8 17.15 -17.07 37.28
C PRO F 8 16.37 -18.17 36.58
N SER F 9 17.01 -18.94 35.71
CA SER F 9 16.34 -20.05 35.07
C SER F 9 15.91 -21.13 36.06
N SER F 10 16.63 -21.30 37.17
CA SER F 10 16.28 -22.26 38.21
C SER F 10 16.68 -21.67 39.55
N LEU F 11 16.01 -22.10 40.61
CA LEU F 11 16.25 -21.54 41.94
C LEU F 11 15.95 -22.60 42.99
N SER F 12 17.01 -23.23 43.51
CA SER F 12 16.86 -24.19 44.59
C SER F 12 16.84 -23.47 45.94
N ALA F 13 15.91 -23.88 46.80
CA ALA F 13 15.75 -23.26 48.12
C ALA F 13 15.23 -24.32 49.08
N ALA F 14 15.35 -24.03 50.38
CA ALA F 14 14.89 -24.92 51.43
C ALA F 14 13.66 -24.31 52.09
N VAL F 15 13.01 -25.09 52.94
CA VAL F 15 11.79 -24.63 53.59
C VAL F 15 12.11 -23.48 54.53
N GLY F 16 11.23 -22.48 54.57
CA GLY F 16 11.40 -21.35 55.46
C GLY F 16 12.23 -20.23 54.87
N ASP F 17 12.92 -20.52 53.77
CA ASP F 17 13.84 -19.57 53.15
C ASP F 17 13.09 -18.40 52.49
N ARG F 18 13.83 -17.38 52.10
CA ARG F 18 13.27 -16.22 51.39
C ARG F 18 13.70 -16.29 49.93
N VAL F 19 12.74 -16.18 49.03
CA VAL F 19 12.94 -16.44 47.61
C VAL F 19 12.58 -15.20 46.82
N THR F 20 13.38 -14.89 45.80
CA THR F 20 13.21 -13.70 44.98
C THR F 20 13.50 -14.04 43.53
N ILE F 21 12.56 -13.73 42.63
CA ILE F 21 12.77 -13.92 41.19
C ILE F 21 12.41 -12.63 40.46
N THR F 22 13.04 -12.41 39.31
CA THR F 22 12.95 -11.16 38.60
C THR F 22 12.54 -11.37 37.14
N CYS F 23 11.87 -10.36 36.60
CA CYS F 23 11.43 -10.33 35.21
C CYS F 23 11.81 -8.98 34.61
N ARG F 24 12.17 -8.99 33.33
CA ARG F 24 12.68 -7.82 32.63
C ARG F 24 12.07 -7.73 31.23
N ALA F 25 11.66 -6.52 30.86
CA ALA F 25 10.96 -6.27 29.60
C ALA F 25 11.83 -5.46 28.65
N SER F 26 11.69 -5.74 27.36
CA SER F 26 12.48 -5.06 26.33
C SER F 26 12.18 -3.57 26.24
N GLN F 27 10.96 -3.14 26.55
CA GLN F 27 10.63 -1.73 26.54
C GLN F 27 9.79 -1.39 27.77
N SER F 28 9.79 -0.15 28.19
CA SER F 28 9.09 0.26 29.39
C SER F 28 7.60 -0.02 29.29
N ILE F 29 7.11 -0.95 30.11
CA ILE F 29 5.69 -1.25 30.19
C ILE F 29 5.06 -0.73 31.46
N GLY F 30 5.77 0.08 32.23
CA GLY F 30 5.17 0.71 33.38
C GLY F 30 4.95 -0.26 34.51
N SER F 31 3.68 -0.49 34.84
CA SER F 31 3.33 -1.36 35.96
C SER F 31 2.34 -2.43 35.51
N TYR F 32 2.66 -3.12 34.42
CA TYR F 32 1.68 -3.95 33.73
C TYR F 32 2.07 -5.44 33.75
N LEU F 33 2.44 -5.98 34.91
CA LEU F 33 2.74 -7.40 35.05
C LEU F 33 1.68 -8.18 35.79
N ASN F 34 1.60 -9.44 35.42
CA ASN F 34 0.83 -10.48 36.09
C ASN F 34 1.79 -11.61 36.43
N TRP F 35 1.67 -12.15 37.64
CA TRP F 35 2.49 -13.27 38.07
C TRP F 35 1.63 -14.51 38.21
N TYR F 36 2.08 -15.61 37.63
CA TYR F 36 1.31 -16.84 37.60
C TYR F 36 2.12 -18.00 38.18
N GLN F 37 1.46 -18.85 38.95
CA GLN F 37 2.05 -20.06 39.50
C GLN F 37 1.46 -21.27 38.79
N GLN F 38 2.30 -22.23 38.41
CA GLN F 38 1.83 -23.46 37.80
C GLN F 38 2.46 -24.67 38.48
N LYS F 39 1.62 -25.47 39.13
CA LYS F 39 2.05 -26.77 39.61
C LYS F 39 2.21 -27.73 38.43
N PRO F 40 2.98 -28.80 38.57
CA PRO F 40 3.11 -29.75 37.46
C PRO F 40 1.80 -30.50 37.24
N GLY F 41 1.25 -30.35 36.04
CA GLY F 41 0.07 -31.07 35.62
C GLY F 41 -1.24 -30.34 35.84
N LYS F 42 -1.24 -29.23 36.56
CA LYS F 42 -2.46 -28.50 36.86
C LYS F 42 -2.50 -27.18 36.10
N ALA F 43 -3.59 -26.44 36.27
CA ALA F 43 -3.78 -25.16 35.61
C ALA F 43 -2.88 -24.10 36.23
N PRO F 44 -2.47 -23.10 35.44
CA PRO F 44 -1.79 -21.94 36.02
C PRO F 44 -2.73 -21.17 36.93
N LYS F 45 -2.16 -20.49 37.91
CA LYS F 45 -2.93 -19.74 38.87
C LYS F 45 -2.39 -18.32 38.97
N LEU F 46 -3.30 -17.37 39.08
CA LEU F 46 -2.93 -15.96 39.17
C LEU F 46 -2.58 -15.60 40.61
N LEU F 47 -1.37 -15.09 40.82
CA LEU F 47 -0.94 -14.64 42.16
C LEU F 47 -1.13 -13.13 42.30
N ILE F 48 -0.47 -12.35 41.45
CA ILE F 48 -0.46 -10.90 41.53
C ILE F 48 -0.84 -10.34 40.17
N TYR F 49 -1.59 -9.24 40.20
CA TYR F 49 -1.84 -8.44 39.01
C TYR F 49 -1.44 -7.01 39.31
N ALA F 50 -1.17 -6.25 38.24
CA ALA F 50 -0.74 -4.86 38.34
C ALA F 50 0.54 -4.74 39.16
N ALA F 51 1.26 -5.86 39.28
CA ALA F 51 2.60 -5.98 39.85
C ALA F 51 2.66 -5.87 41.36
N SER F 52 1.59 -5.42 42.01
CA SER F 52 1.63 -5.29 43.46
C SER F 52 0.33 -5.72 44.13
N SER F 53 -0.74 -5.83 43.37
CA SER F 53 -2.03 -6.13 43.97
C SER F 53 -2.20 -7.63 44.13
N LEU F 54 -2.50 -8.06 45.36
CA LEU F 54 -2.65 -9.47 45.65
C LEU F 54 -4.03 -9.96 45.22
N GLN F 55 -4.09 -11.17 44.70
CA GLN F 55 -5.33 -11.74 44.21
C GLN F 55 -6.25 -12.08 45.39
N SER F 56 -7.54 -12.20 45.10
CA SER F 56 -8.56 -12.34 46.14
C SER F 56 -8.47 -13.70 46.79
N GLY F 57 -7.51 -13.87 47.70
CA GLY F 57 -7.31 -15.11 48.41
C GLY F 57 -6.15 -15.89 47.83
N VAL F 58 -4.98 -15.72 48.43
CA VAL F 58 -3.71 -16.29 47.98
C VAL F 58 -2.82 -16.38 49.21
N PRO F 59 -1.95 -17.40 49.32
CA PRO F 59 -0.97 -17.42 50.41
C PRO F 59 -0.30 -16.06 50.59
N SER F 60 -0.49 -15.47 51.76
CA SER F 60 -0.12 -14.08 51.99
C SER F 60 1.40 -13.87 51.97
N ARG F 61 2.17 -14.95 51.83
CA ARG F 61 3.61 -14.80 51.77
C ARG F 61 4.09 -14.24 50.45
N PHE F 62 3.30 -14.34 49.38
CA PHE F 62 3.71 -13.85 48.07
C PHE F 62 3.52 -12.34 47.97
N SER F 63 4.53 -11.65 47.45
CA SER F 63 4.45 -10.21 47.26
C SER F 63 5.14 -9.84 45.96
N GLY F 64 4.79 -8.67 45.42
CA GLY F 64 5.37 -8.21 44.18
C GLY F 64 5.75 -6.74 44.26
N SER F 65 6.80 -6.39 43.54
CA SER F 65 7.25 -5.00 43.54
C SER F 65 8.08 -4.75 42.30
N GLY F 66 7.95 -3.56 41.74
CA GLY F 66 8.75 -3.17 40.60
C GLY F 66 7.96 -2.30 39.65
N SER F 67 8.65 -1.85 38.60
CA SER F 67 8.01 -0.99 37.61
C SER F 67 8.99 -0.75 36.47
N GLY F 68 8.47 -0.23 35.37
CA GLY F 68 9.31 0.10 34.24
C GLY F 68 9.65 -1.11 33.40
N THR F 69 10.88 -1.61 33.55
CA THR F 69 11.29 -2.84 32.88
C THR F 69 11.93 -3.82 33.86
N ASP F 70 11.67 -3.68 35.15
CA ASP F 70 12.22 -4.59 36.15
C ASP F 70 11.18 -4.83 37.23
N PHE F 71 10.85 -6.11 37.45
CA PHE F 71 9.80 -6.50 38.37
C PHE F 71 10.28 -7.68 39.21
N THR F 72 9.66 -7.87 40.37
CA THR F 72 10.18 -8.79 41.36
C THR F 72 9.03 -9.49 42.08
N LEU F 73 9.15 -10.81 42.21
CA LEU F 73 8.23 -11.64 42.96
C LEU F 73 8.97 -12.27 44.14
N THR F 74 8.39 -12.13 45.34
CA THR F 74 9.04 -12.47 46.59
C THR F 74 8.19 -13.45 47.37
N ILE F 75 8.84 -14.47 47.93
CA ILE F 75 8.22 -15.44 48.83
C ILE F 75 8.94 -15.30 50.16
N SER F 76 8.20 -15.01 51.23
CA SER F 76 8.83 -14.77 52.52
C SER F 76 9.38 -16.05 53.11
N SER F 77 8.50 -17.03 53.35
CA SER F 77 8.88 -18.32 53.92
C SER F 77 8.40 -19.41 52.97
N LEU F 78 9.36 -20.07 52.31
CA LEU F 78 9.03 -21.14 51.38
C LEU F 78 8.41 -22.33 52.11
N GLN F 79 7.39 -22.92 51.52
CA GLN F 79 6.68 -24.08 52.07
C GLN F 79 6.83 -25.24 51.10
N PRO F 80 6.66 -26.48 51.57
CA PRO F 80 6.74 -27.62 50.64
C PRO F 80 5.71 -27.55 49.54
N GLU F 81 4.60 -26.84 49.75
CA GLU F 81 3.59 -26.69 48.71
C GLU F 81 4.03 -25.74 47.62
N ASP F 82 4.97 -24.84 47.90
CA ASP F 82 5.32 -23.79 46.95
C ASP F 82 6.45 -24.21 46.03
N PHE F 83 6.32 -25.38 45.41
CA PHE F 83 7.17 -25.77 44.30
C PHE F 83 6.35 -25.69 43.03
N ALA F 84 6.89 -25.01 42.03
CA ALA F 84 6.17 -24.81 40.79
C ALA F 84 7.06 -24.20 39.72
N ILE F 85 6.44 -23.80 38.62
CA ILE F 85 7.04 -22.87 37.67
C ILE F 85 6.29 -21.56 37.78
N TYR F 86 7.02 -20.45 37.79
CA TYR F 86 6.43 -19.12 37.96
C TYR F 86 6.67 -18.30 36.71
N TYR F 87 5.63 -17.59 36.27
CA TYR F 87 5.63 -16.88 34.99
C TYR F 87 5.30 -15.41 35.21
N CYS F 88 5.91 -14.54 34.41
CA CYS F 88 5.51 -13.14 34.31
C CYS F 88 4.84 -12.91 32.96
N GLN F 89 3.83 -12.04 32.97
CA GLN F 89 3.08 -11.66 31.79
C GLN F 89 2.92 -10.15 31.72
N GLN F 90 3.08 -9.59 30.53
CA GLN F 90 2.81 -8.19 30.30
C GLN F 90 1.42 -8.00 29.72
N SER F 91 0.76 -6.94 30.15
CA SER F 91 -0.59 -6.62 29.69
C SER F 91 -0.69 -5.17 29.22
N TYR F 92 0.40 -4.63 28.67
CA TYR F 92 0.39 -3.26 28.18
C TYR F 92 -0.03 -3.20 26.70
N VAL F 93 0.51 -4.08 25.87
CA VAL F 93 0.23 -4.08 24.44
C VAL F 93 -0.82 -5.15 24.17
N SER F 94 -2.00 -4.71 23.73
CA SER F 94 -3.15 -5.57 23.46
C SER F 94 -3.33 -5.70 21.95
N PRO F 95 -4.01 -6.73 21.46
CA PRO F 95 -4.54 -7.87 22.21
C PRO F 95 -3.52 -8.99 22.34
N THR F 96 -2.35 -8.82 21.74
CA THR F 96 -1.32 -9.83 21.78
C THR F 96 -0.61 -9.77 23.12
N TYR F 97 -0.96 -10.66 24.03
CA TYR F 97 -0.32 -10.75 25.33
C TYR F 97 0.79 -11.79 25.29
N THR F 98 1.84 -11.55 26.06
CA THR F 98 3.03 -12.39 26.02
C THR F 98 3.46 -12.77 27.43
N PHE F 99 3.81 -14.04 27.60
CA PHE F 99 4.27 -14.60 28.86
C PHE F 99 5.79 -14.71 28.86
N GLY F 100 6.36 -14.80 30.05
CA GLY F 100 7.79 -15.00 30.21
C GLY F 100 8.15 -16.47 30.11
N PRO F 101 9.44 -16.77 29.93
CA PRO F 101 9.86 -18.17 29.80
C PRO F 101 9.57 -19.04 31.02
N GLY F 102 9.64 -18.48 32.23
CA GLY F 102 9.33 -19.24 33.42
C GLY F 102 10.54 -19.57 34.29
N THR F 103 10.32 -19.62 35.61
CA THR F 103 11.36 -19.93 36.58
C THR F 103 10.89 -21.14 37.40
N LYS F 104 11.68 -22.21 37.40
CA LYS F 104 11.33 -23.41 38.16
C LYS F 104 11.92 -23.33 39.56
N VAL F 105 11.07 -23.24 40.58
CA VAL F 105 11.51 -23.08 41.95
C VAL F 105 11.59 -24.47 42.58
N ASP F 106 12.79 -25.00 42.71
CA ASP F 106 12.98 -26.37 43.17
C ASP F 106 13.27 -26.36 44.68
N ILE F 107 12.84 -27.41 45.37
CA ILE F 107 12.94 -27.47 46.83
C ILE F 107 14.18 -28.24 47.26
N LYS F 108 15.23 -27.53 47.63
CA LYS F 108 16.44 -28.15 48.15
C LYS F 108 16.19 -28.74 49.54
N THR G 1 -28.44 11.92 22.91
CA THR G 1 -27.10 12.48 22.93
C THR G 1 -26.41 12.15 21.62
N ASN G 2 -25.59 13.07 21.11
CA ASN G 2 -24.93 12.88 19.83
C ASN G 2 -23.97 11.70 19.87
N LEU G 3 -23.79 11.06 18.73
CA LEU G 3 -22.83 9.97 18.58
C LEU G 3 -21.45 10.52 18.22
N CYS G 4 -20.42 9.71 18.48
CA CYS G 4 -19.12 10.26 18.16
C CYS G 4 -18.82 10.08 16.68
N PRO G 5 -18.27 11.11 16.03
CA PRO G 5 -18.17 11.09 14.57
C PRO G 5 -17.01 10.27 14.05
N PHE G 6 -17.00 8.98 14.35
CA PHE G 6 -15.91 8.11 13.91
C PHE G 6 -15.97 7.80 12.43
N ASP G 7 -17.13 7.97 11.80
CA ASP G 7 -17.28 7.71 10.38
C ASP G 7 -16.56 8.72 9.50
N GLU G 8 -16.52 9.99 9.91
CA GLU G 8 -15.90 11.05 9.13
C GLU G 8 -14.38 11.06 9.23
N VAL G 9 -13.81 10.22 10.10
CA VAL G 9 -12.36 10.13 10.25
C VAL G 9 -11.77 9.05 9.35
N PHE G 10 -12.36 7.85 9.37
CA PHE G 10 -11.86 6.73 8.58
C PHE G 10 -12.25 6.81 7.12
N ASN G 11 -13.35 7.50 6.79
CA ASN G 11 -13.91 7.46 5.44
C ASN G 11 -13.72 8.78 4.70
N ALA G 12 -12.75 9.60 5.10
CA ALA G 12 -12.49 10.85 4.44
C ALA G 12 -11.81 10.63 3.09
N THR G 13 -12.00 11.59 2.18
CA THR G 13 -11.45 11.47 0.84
C THR G 13 -9.94 11.68 0.80
N ARG G 14 -9.43 12.69 1.49
CA ARG G 14 -8.01 13.03 1.44
C ARG G 14 -7.41 12.85 2.83
N PHE G 15 -6.20 12.31 2.88
CA PHE G 15 -5.40 12.24 4.08
C PHE G 15 -4.19 13.17 3.94
N ALA G 16 -3.66 13.59 5.07
CA ALA G 16 -2.57 14.54 5.10
C ALA G 16 -1.24 13.85 4.82
N SER G 17 -0.18 14.65 4.74
CA SER G 17 1.17 14.11 4.72
C SER G 17 1.63 13.83 6.14
N VAL G 18 2.62 12.94 6.28
CA VAL G 18 3.06 12.56 7.61
C VAL G 18 3.73 13.72 8.33
N TYR G 19 4.48 14.56 7.62
CA TYR G 19 5.15 15.67 8.27
C TYR G 19 4.17 16.76 8.68
N ALA G 20 2.96 16.77 8.11
CA ALA G 20 1.96 17.78 8.38
C ALA G 20 0.66 17.13 8.81
N TRP G 21 0.75 16.20 9.75
CA TRP G 21 -0.37 15.35 10.13
C TRP G 21 -1.54 16.15 10.67
N ASN G 22 -2.73 15.57 10.57
CA ASN G 22 -3.99 16.21 10.90
C ASN G 22 -4.49 15.74 12.27
N ARG G 23 -5.24 16.61 12.95
CA ARG G 23 -5.72 16.30 14.29
C ARG G 23 -7.17 16.75 14.45
N LYS G 24 -7.95 15.93 15.15
CA LYS G 24 -9.37 16.17 15.36
C LYS G 24 -9.80 15.83 16.77
N ARG G 25 -10.24 16.81 17.55
CA ARG G 25 -10.69 16.56 18.91
C ARG G 25 -12.14 16.10 18.89
N ILE G 26 -12.42 15.03 19.62
CA ILE G 26 -13.78 14.49 19.73
C ILE G 26 -14.20 14.58 21.20
N SER G 27 -15.31 15.29 21.45
CA SER G 27 -15.81 15.48 22.80
C SER G 27 -17.32 15.54 22.78
N ASN G 28 -17.91 15.31 23.96
CA ASN G 28 -19.35 15.47 24.18
C ASN G 28 -20.16 14.57 23.25
N CYS G 29 -19.91 13.26 23.32
CA CYS G 29 -20.63 12.34 22.45
C CYS G 29 -20.64 10.95 23.06
N VAL G 30 -21.63 10.17 22.64
CA VAL G 30 -21.66 8.75 22.94
C VAL G 30 -20.77 7.99 21.95
N ALA G 31 -19.86 7.19 22.50
CA ALA G 31 -18.88 6.51 21.66
C ALA G 31 -19.26 5.06 21.42
N ASP G 32 -19.80 4.76 20.24
CA ASP G 32 -20.11 3.39 19.88
C ASP G 32 -18.92 2.79 19.15
N TYR G 33 -18.21 1.88 19.81
CA TYR G 33 -16.98 1.30 19.27
C TYR G 33 -17.24 0.09 18.40
N SER G 34 -18.52 -0.25 18.15
CA SER G 34 -18.84 -1.32 17.22
C SER G 34 -18.26 -1.07 15.84
N VAL G 35 -18.07 0.19 15.49
CA VAL G 35 -17.42 0.59 14.24
C VAL G 35 -16.07 -0.09 14.13
N LEU G 36 -15.31 -0.09 15.23
CA LEU G 36 -14.04 -0.79 15.28
C LEU G 36 -14.19 -2.30 15.41
N TYR G 37 -15.27 -2.79 16.03
CA TYR G 37 -15.45 -4.22 16.15
C TYR G 37 -15.87 -4.87 14.84
N ASN G 38 -16.43 -4.09 13.92
CA ASN G 38 -16.94 -4.59 12.65
C ASN G 38 -15.99 -4.32 11.51
N LEU G 39 -14.75 -3.93 11.82
CA LEU G 39 -13.77 -3.58 10.80
C LEU G 39 -13.45 -4.78 9.93
N ALA G 40 -13.08 -4.55 8.68
CA ALA G 40 -12.80 -5.63 7.75
C ALA G 40 -11.46 -6.24 8.13
N PRO G 41 -11.26 -7.53 7.86
CA PRO G 41 -10.01 -8.18 8.29
C PRO G 41 -8.81 -7.88 7.40
N PHE G 42 -8.61 -6.61 7.04
CA PHE G 42 -7.35 -6.20 6.43
C PHE G 42 -6.84 -4.94 7.12
N PHE G 43 -7.50 -4.56 8.20
CA PHE G 43 -7.02 -3.47 9.04
C PHE G 43 -5.95 -4.00 9.99
N THR G 44 -5.23 -3.06 10.62
CA THR G 44 -4.19 -3.39 11.60
C THR G 44 -4.51 -2.61 12.87
N PHE G 45 -4.98 -3.34 13.88
CA PHE G 45 -5.49 -2.74 15.09
C PHE G 45 -4.64 -3.11 16.29
N LYS G 46 -4.15 -2.12 17.00
CA LYS G 46 -3.41 -2.37 18.23
C LYS G 46 -3.85 -1.37 19.28
N CYS G 47 -3.77 -1.77 20.55
CA CYS G 47 -4.07 -0.87 21.65
C CYS G 47 -3.01 -0.99 22.73
N TYR G 48 -2.80 0.10 23.45
CA TYR G 48 -1.76 0.23 24.46
C TYR G 48 -2.39 0.82 25.71
N GLY G 49 -2.35 0.06 26.80
CA GLY G 49 -2.81 0.55 28.08
C GLY G 49 -4.26 0.25 28.40
N VAL G 50 -5.00 -0.26 27.42
CA VAL G 50 -6.42 -0.55 27.61
C VAL G 50 -6.78 -1.70 26.68
N SER G 51 -7.60 -2.63 27.18
CA SER G 51 -8.00 -3.80 26.41
C SER G 51 -9.06 -3.42 25.40
N PRO G 52 -8.99 -3.92 24.17
CA PRO G 52 -9.98 -3.53 23.16
C PRO G 52 -11.39 -3.88 23.56
N THR G 53 -11.54 -4.98 24.31
CA THR G 53 -12.85 -5.49 24.70
C THR G 53 -13.51 -4.64 25.77
N LYS G 54 -12.80 -3.68 26.35
CA LYS G 54 -13.38 -2.89 27.43
C LYS G 54 -13.31 -1.41 27.11
N LEU G 55 -13.46 -1.05 25.83
CA LEU G 55 -13.63 0.34 25.48
C LEU G 55 -15.05 0.83 25.68
N ASN G 56 -16.02 -0.08 25.82
CA ASN G 56 -17.44 0.27 25.88
C ASN G 56 -17.89 0.60 27.29
N ASP G 57 -16.98 0.57 28.26
CA ASP G 57 -17.34 0.87 29.63
C ASP G 57 -16.26 1.69 30.34
N LEU G 58 -15.61 2.58 29.60
CA LEU G 58 -14.64 3.51 30.15
C LEU G 58 -14.97 4.92 29.70
N CYS G 59 -14.56 5.90 30.52
CA CYS G 59 -14.91 7.29 30.28
C CYS G 59 -13.63 8.08 30.11
N PHE G 60 -13.58 8.92 29.09
CA PHE G 60 -12.44 9.79 28.84
C PHE G 60 -12.91 11.23 28.71
N THR G 61 -12.02 12.17 29.02
CA THR G 61 -12.35 13.58 28.83
C THR G 61 -12.35 13.94 27.35
N ASN G 62 -11.32 13.51 26.62
CA ASN G 62 -11.13 13.83 25.21
C ASN G 62 -10.65 12.59 24.49
N VAL G 63 -10.91 12.56 23.18
CA VAL G 63 -10.32 11.58 22.28
C VAL G 63 -9.74 12.34 21.10
N TYR G 64 -8.48 12.04 20.76
CA TYR G 64 -7.79 12.68 19.65
C TYR G 64 -7.66 11.70 18.50
N ALA G 65 -7.97 12.16 17.30
CA ALA G 65 -7.87 11.35 16.10
C ALA G 65 -6.84 11.98 15.15
N ASP G 66 -5.71 11.32 14.98
CA ASP G 66 -4.64 11.81 14.11
C ASP G 66 -4.54 10.94 12.87
N SER G 67 -4.57 11.56 11.70
CA SER G 67 -4.63 10.83 10.44
C SER G 67 -3.49 11.25 9.53
N PHE G 68 -2.90 10.27 8.83
CA PHE G 68 -1.87 10.59 7.85
C PHE G 68 -1.67 9.39 6.92
N VAL G 69 -0.78 9.56 5.95
CA VAL G 69 -0.43 8.53 4.98
C VAL G 69 1.07 8.32 5.02
N ILE G 70 1.50 7.08 5.27
CA ILE G 70 2.91 6.74 5.27
C ILE G 70 3.15 5.60 4.31
N ARG G 71 4.39 5.14 4.28
CA ARG G 71 4.78 3.99 3.47
C ARG G 71 4.42 2.71 4.21
N GLY G 72 4.52 1.58 3.48
CA GLY G 72 4.16 0.31 4.06
C GLY G 72 5.04 -0.19 5.20
N ASP G 73 6.35 0.02 5.11
CA ASP G 73 7.29 -0.47 6.11
C ASP G 73 7.52 0.52 7.24
N GLU G 74 6.87 1.67 7.22
CA GLU G 74 7.04 2.64 8.29
C GLU G 74 5.89 2.61 9.29
N VAL G 75 4.89 1.76 9.10
CA VAL G 75 3.83 1.59 10.09
C VAL G 75 4.36 0.98 11.38
N ARG G 76 5.49 0.27 11.31
CA ARG G 76 6.09 -0.31 12.50
C ARG G 76 6.57 0.78 13.46
N GLN G 77 6.83 1.98 12.94
CA GLN G 77 7.34 3.08 13.74
C GLN G 77 6.26 3.85 14.49
N ILE G 78 4.98 3.61 14.21
CA ILE G 78 3.92 4.30 14.92
C ILE G 78 3.58 3.48 16.16
N ALA G 79 4.38 3.66 17.21
CA ALA G 79 4.32 2.87 18.42
C ALA G 79 5.19 3.52 19.48
N PRO G 80 4.90 3.33 20.76
CA PRO G 80 5.77 3.88 21.81
C PRO G 80 7.18 3.31 21.73
N GLY G 81 8.17 4.16 22.00
CA GLY G 81 9.55 3.73 22.06
C GLY G 81 10.15 3.24 20.76
N GLN G 82 9.94 3.97 19.67
CA GLN G 82 10.46 3.58 18.36
C GLN G 82 11.42 4.64 17.84
N THR G 83 12.32 4.21 16.96
CA THR G 83 13.32 5.07 16.37
C THR G 83 13.38 4.85 14.86
N GLY G 84 13.74 5.90 14.14
CA GLY G 84 13.74 5.93 12.69
C GLY G 84 13.35 7.31 12.23
N ASN G 85 13.45 7.56 10.93
CA ASN G 85 13.21 8.90 10.39
C ASN G 85 11.76 9.36 10.54
N ILE G 86 10.79 8.46 10.42
CA ILE G 86 9.40 8.81 10.69
C ILE G 86 9.15 9.04 12.17
N ALA G 87 9.67 8.17 13.03
CA ALA G 87 9.53 8.34 14.47
C ALA G 87 10.33 9.50 15.03
N ASP G 88 11.37 9.95 14.34
CA ASP G 88 12.24 11.00 14.85
C ASP G 88 11.83 12.38 14.37
N TYR G 89 11.67 12.57 13.06
CA TYR G 89 11.48 13.89 12.48
C TYR G 89 10.10 14.07 11.87
N ASN G 90 9.21 13.11 12.02
CA ASN G 90 7.88 13.27 11.44
C ASN G 90 6.73 13.19 12.43
N TYR G 91 6.70 12.13 13.25
CA TYR G 91 5.58 11.90 14.16
C TYR G 91 6.07 11.03 15.31
N LYS G 92 5.81 11.47 16.53
CA LYS G 92 6.30 10.80 17.73
C LYS G 92 5.15 10.61 18.71
N LEU G 93 5.05 9.41 19.28
CA LEU G 93 4.14 8.87 20.28
C LEU G 93 4.85 8.72 21.62
N PRO G 94 4.21 9.08 22.73
CA PRO G 94 4.90 9.00 24.03
C PRO G 94 5.24 7.58 24.42
N ASP G 95 5.96 7.41 25.53
CA ASP G 95 6.29 6.08 26.02
C ASP G 95 5.13 5.36 26.68
N ASP G 96 4.34 6.06 27.50
CA ASP G 96 3.13 5.51 28.10
C ASP G 96 1.93 6.02 27.31
N PHE G 97 1.72 5.47 26.11
CA PHE G 97 0.81 6.04 25.14
C PHE G 97 -0.66 6.02 25.57
N THR G 98 -1.19 4.84 25.95
CA THR G 98 -2.59 4.69 26.28
C THR G 98 -3.53 5.09 25.15
N GLY G 99 -3.58 4.31 24.09
CA GLY G 99 -4.48 4.57 22.98
C GLY G 99 -4.44 3.44 21.98
N CYS G 100 -5.20 3.61 20.91
CA CYS G 100 -5.28 2.58 19.87
C CYS G 100 -4.82 3.14 18.52
N VAL G 101 -4.27 2.27 17.69
CA VAL G 101 -3.73 2.63 16.38
C VAL G 101 -4.33 1.70 15.33
N ILE G 102 -4.83 2.29 14.24
CA ILE G 102 -5.47 1.55 13.15
C ILE G 102 -4.77 1.96 11.86
N ALA G 103 -4.52 0.99 10.98
CA ALA G 103 -3.88 1.28 9.70
C ALA G 103 -4.41 0.34 8.63
N TRP G 104 -4.49 0.84 7.40
CA TRP G 104 -4.93 0.00 6.28
C TRP G 104 -4.33 0.49 4.97
N ASN G 105 -4.07 -0.47 4.07
CA ASN G 105 -3.49 -0.17 2.77
C ASN G 105 -4.46 0.61 1.91
N SER G 106 -3.96 1.62 1.23
CA SER G 106 -4.77 2.50 0.39
C SER G 106 -4.15 2.68 -0.99
N ASN G 107 -3.68 1.58 -1.58
CA ASN G 107 -3.04 1.64 -2.88
C ASN G 107 -4.02 2.02 -3.98
N LYS G 108 -5.29 1.59 -3.87
CA LYS G 108 -6.29 1.89 -4.88
C LYS G 108 -6.70 3.35 -4.90
N LEU G 109 -6.29 4.14 -3.92
CA LEU G 109 -6.74 5.52 -3.80
C LEU G 109 -5.63 6.54 -3.97
N ASP G 110 -4.41 6.23 -3.53
CA ASP G 110 -3.33 7.22 -3.48
C ASP G 110 -2.21 6.97 -4.49
N SER G 111 -2.34 5.96 -5.34
CA SER G 111 -1.32 5.67 -6.34
C SER G 111 -1.72 6.24 -7.69
N LYS G 112 -0.72 6.56 -8.50
CA LYS G 112 -0.94 7.08 -9.84
C LYS G 112 0.12 6.49 -10.77
N VAL G 113 -0.25 6.30 -12.03
CA VAL G 113 0.70 5.78 -13.01
C VAL G 113 1.82 6.78 -13.27
N SER G 114 1.52 8.07 -13.26
CA SER G 114 2.51 9.13 -13.42
C SER G 114 3.21 9.47 -12.11
N GLY G 115 2.84 8.82 -11.01
CA GLY G 115 3.46 9.07 -9.73
C GLY G 115 2.80 10.19 -8.96
N ASN G 116 2.42 9.91 -7.71
CA ASN G 116 1.77 10.90 -6.86
C ASN G 116 2.83 11.64 -6.06
N TYR G 117 3.06 12.90 -6.41
CA TYR G 117 4.07 13.73 -5.78
C TYR G 117 3.48 14.65 -4.71
N ASN G 118 2.24 14.39 -4.31
CA ASN G 118 1.57 15.21 -3.31
C ASN G 118 1.78 14.71 -1.89
N TYR G 119 2.50 13.60 -1.71
CA TYR G 119 2.79 13.05 -0.40
C TYR G 119 4.29 13.16 -0.13
N LEU G 120 4.65 13.84 0.96
CA LEU G 120 6.04 14.17 1.25
C LEU G 120 6.35 13.86 2.70
N TYR G 121 7.63 13.70 3.01
CA TYR G 121 8.09 13.56 4.38
C TYR G 121 9.34 14.41 4.61
N ARG G 122 9.71 14.55 5.87
CA ARG G 122 10.86 15.35 6.28
C ARG G 122 12.08 14.47 6.41
N LEU G 123 13.13 14.81 5.66
CA LEU G 123 14.34 14.00 5.57
C LEU G 123 15.50 14.55 6.38
N PHE G 124 15.62 15.87 6.50
CA PHE G 124 16.74 16.50 7.19
C PHE G 124 16.18 17.30 8.36
N ARG G 125 16.62 16.96 9.56
CA ARG G 125 16.28 17.71 10.77
C ARG G 125 17.40 17.50 11.77
N LYS G 126 17.71 18.56 12.51
CA LYS G 126 18.86 18.56 13.40
C LYS G 126 18.63 17.79 14.70
N SER G 127 17.40 17.73 15.20
CA SER G 127 17.15 17.02 16.45
C SER G 127 15.78 16.38 16.40
N ASN G 128 15.56 15.40 17.29
CA ASN G 128 14.31 14.65 17.34
C ASN G 128 13.13 15.50 17.79
N LEU G 129 11.92 15.07 17.40
CA LEU G 129 10.70 15.73 17.82
C LEU G 129 10.30 15.29 19.22
N LYS G 130 9.74 16.23 19.99
CA LYS G 130 9.09 15.88 21.24
C LYS G 130 7.73 15.27 20.93
N PRO G 131 7.19 14.45 21.84
CA PRO G 131 5.93 13.75 21.53
C PRO G 131 4.82 14.72 21.16
N PHE G 132 4.10 14.38 20.09
CA PHE G 132 2.98 15.18 19.58
C PHE G 132 3.41 16.60 19.21
N GLU G 133 4.58 16.73 18.58
CA GLU G 133 5.07 17.98 18.05
C GLU G 133 5.05 17.92 16.52
N ARG G 134 4.58 19.00 15.90
CA ARG G 134 4.44 19.08 14.45
C ARG G 134 5.35 20.18 13.93
N ASP G 135 6.08 19.89 12.85
CA ASP G 135 7.08 20.79 12.28
C ASP G 135 6.75 21.01 10.80
N ILE G 136 5.88 21.97 10.53
CA ILE G 136 5.59 22.41 9.17
C ILE G 136 6.47 23.61 8.86
N SER G 137 7.55 23.38 8.11
CA SER G 137 8.56 24.40 7.91
C SER G 137 9.48 24.02 6.76
N THR G 138 9.67 24.93 5.81
CA THR G 138 10.46 24.65 4.61
C THR G 138 11.61 25.67 4.55
N GLU G 139 12.70 25.35 5.25
CA GLU G 139 13.87 26.20 5.30
C GLU G 139 15.07 25.39 4.84
N ILE G 140 16.02 26.06 4.20
CA ILE G 140 17.19 25.34 3.68
C ILE G 140 18.01 24.81 4.84
N TYR G 141 18.36 23.53 4.76
CA TYR G 141 19.10 22.84 5.81
C TYR G 141 20.57 22.84 5.45
N GLN G 142 21.40 23.44 6.31
CA GLN G 142 22.83 23.53 6.04
C GLN G 142 23.51 22.29 6.63
N ALA G 143 24.11 21.50 5.76
CA ALA G 143 24.87 20.32 6.17
C ALA G 143 26.36 20.61 6.09
N GLY G 144 26.70 21.86 5.75
CA GLY G 144 28.09 22.24 5.61
C GLY G 144 28.55 23.27 6.61
N ASN G 145 29.55 24.05 6.22
CA ASN G 145 30.18 24.99 7.14
C ASN G 145 29.72 26.41 6.84
N LYS G 146 29.77 26.80 5.57
CA LYS G 146 29.30 28.11 5.11
C LYS G 146 27.78 28.18 5.21
N PRO G 147 27.22 29.35 5.53
CA PRO G 147 25.76 29.51 5.52
C PRO G 147 25.20 29.39 4.12
N CYS G 148 23.94 29.00 4.06
CA CYS G 148 23.25 28.72 2.81
C CYS G 148 22.59 29.93 2.18
N ASN G 149 22.11 30.87 2.99
CA ASN G 149 21.41 32.05 2.51
C ASN G 149 20.21 31.65 1.66
N GLY G 150 19.51 30.59 2.06
CA GLY G 150 18.28 30.19 1.43
C GLY G 150 18.39 29.82 -0.03
N VAL G 151 19.48 29.16 -0.40
CA VAL G 151 19.71 28.75 -1.78
C VAL G 151 20.21 27.31 -1.78
N ALA G 152 19.66 26.49 -2.68
CA ALA G 152 20.11 25.12 -2.83
C ALA G 152 21.53 25.04 -3.37
N GLY G 153 22.11 23.86 -3.40
CA GLY G 153 23.47 23.69 -3.88
C GLY G 153 24.26 22.69 -3.07
N PHE G 154 25.57 22.84 -3.01
CA PHE G 154 26.39 21.96 -2.19
C PHE G 154 26.22 22.29 -0.72
N ASN G 155 25.96 21.25 0.08
CA ASN G 155 25.73 21.34 1.52
C ASN G 155 24.55 22.24 1.87
N CYS G 156 23.61 22.43 0.94
CA CYS G 156 22.40 23.20 1.19
C CYS G 156 21.24 22.48 0.53
N TYR G 157 20.33 21.92 1.34
CA TYR G 157 19.39 20.93 0.85
C TYR G 157 17.96 21.32 1.20
N PHE G 158 17.06 21.07 0.27
CA PHE G 158 15.64 21.20 0.52
C PHE G 158 15.21 20.10 1.48
N PRO G 159 14.66 20.44 2.65
CA PRO G 159 14.52 19.41 3.70
C PRO G 159 13.61 18.26 3.34
N LEU G 160 12.53 18.49 2.59
CA LEU G 160 11.49 17.49 2.40
C LEU G 160 11.76 16.66 1.14
N ARG G 161 11.38 15.39 1.20
CA ARG G 161 11.46 14.46 0.09
C ARG G 161 10.06 13.96 -0.24
N SER G 162 9.91 13.35 -1.42
CA SER G 162 8.61 12.92 -1.91
C SER G 162 8.56 11.41 -2.07
N TYR G 163 7.43 10.84 -1.64
CA TYR G 163 7.07 9.45 -1.83
C TYR G 163 6.92 8.97 -3.26
N SER G 164 6.21 9.69 -4.13
CA SER G 164 6.02 9.26 -5.51
C SER G 164 5.40 7.87 -5.59
N PHE G 165 4.16 7.74 -5.13
CA PHE G 165 3.47 6.45 -5.06
C PHE G 165 3.08 5.98 -6.46
N ARG G 166 3.36 4.72 -6.77
CA ARG G 166 3.02 4.12 -8.06
C ARG G 166 2.41 2.75 -7.82
N PRO G 167 1.50 2.29 -8.68
CA PRO G 167 0.84 1.00 -8.43
C PRO G 167 1.74 -0.21 -8.57
N THR G 168 2.91 -0.07 -9.20
CA THR G 168 3.79 -1.19 -9.51
C THR G 168 4.80 -1.47 -8.41
N TYR G 169 4.78 -0.70 -7.33
CA TYR G 169 5.73 -0.89 -6.24
C TYR G 169 5.40 -2.12 -5.42
N GLY G 170 6.35 -2.58 -4.61
CA GLY G 170 6.10 -3.65 -3.68
C GLY G 170 5.25 -3.18 -2.52
N VAL G 171 4.67 -4.15 -1.82
CA VAL G 171 3.65 -3.83 -0.81
C VAL G 171 4.25 -2.97 0.30
N GLY G 172 5.53 -3.09 0.57
CA GLY G 172 6.20 -2.30 1.57
C GLY G 172 6.51 -0.87 1.16
N HIS G 173 6.30 -0.52 -0.11
CA HIS G 173 6.49 0.84 -0.59
C HIS G 173 5.19 1.45 -1.10
N GLN G 174 4.05 0.82 -0.80
CA GLN G 174 2.70 1.27 -1.12
C GLN G 174 2.14 2.13 0.00
N PRO G 175 1.21 3.04 -0.32
CA PRO G 175 0.69 3.93 0.72
C PRO G 175 -0.15 3.18 1.75
N TYR G 176 -0.15 3.72 2.97
CA TYR G 176 -0.98 3.23 4.06
C TYR G 176 -1.61 4.42 4.75
N ARG G 177 -2.90 4.32 5.03
CA ARG G 177 -3.62 5.33 5.79
C ARG G 177 -3.66 4.91 7.25
N VAL G 178 -3.30 5.83 8.14
CA VAL G 178 -3.12 5.56 9.56
C VAL G 178 -3.97 6.53 10.37
N VAL G 179 -4.74 5.99 11.30
CA VAL G 179 -5.50 6.74 12.30
C VAL G 179 -4.97 6.35 13.68
N VAL G 180 -4.80 7.33 14.54
CA VAL G 180 -4.36 7.13 15.91
C VAL G 180 -5.41 7.75 16.82
N LEU G 181 -6.00 6.94 17.68
CA LEU G 181 -6.95 7.40 18.69
C LEU G 181 -6.22 7.48 20.02
N SER G 182 -6.10 8.69 20.56
CA SER G 182 -5.47 8.93 21.85
C SER G 182 -6.58 9.18 22.87
N PHE G 183 -6.58 8.40 23.94
CA PHE G 183 -7.55 8.53 25.00
C PHE G 183 -6.96 9.37 26.14
N GLU G 184 -7.57 10.51 26.38
CA GLU G 184 -7.12 11.44 27.41
C GLU G 184 -8.00 11.30 28.66
N LEU G 185 -7.36 11.39 29.82
CA LEU G 185 -8.08 11.28 31.10
C LEU G 185 -7.46 12.27 32.08
N LEU G 186 -8.19 13.34 32.37
CA LEU G 186 -7.81 14.32 33.38
C LEU G 186 -8.96 14.52 34.36
N HIS G 187 -8.72 15.34 35.37
CA HIS G 187 -9.75 15.70 36.34
C HIS G 187 -10.72 16.68 35.68
N ALA G 188 -11.80 16.13 35.15
CA ALA G 188 -12.77 16.88 34.36
C ALA G 188 -14.08 16.12 34.36
N PRO G 189 -15.15 16.70 33.82
CA PRO G 189 -16.43 15.98 33.82
C PRO G 189 -16.46 14.70 33.00
N ALA G 190 -15.38 14.38 32.26
CA ALA G 190 -15.28 13.13 31.49
C ALA G 190 -16.41 13.02 30.45
N THR G 191 -16.31 13.91 29.45
CA THR G 191 -17.32 14.06 28.40
C THR G 191 -17.53 12.83 27.54
N VAL G 192 -16.46 12.16 27.08
CA VAL G 192 -16.57 11.05 26.14
C VAL G 192 -16.50 9.77 26.94
N CYS G 193 -17.64 9.18 27.25
CA CYS G 193 -17.65 7.85 27.87
C CYS G 193 -18.33 6.83 26.98
N GLY G 194 -19.61 7.00 26.66
CA GLY G 194 -20.27 6.18 25.68
C GLY G 194 -20.69 4.84 26.22
N PRO G 195 -21.99 4.52 26.15
CA PRO G 195 -22.44 3.14 26.34
C PRO G 195 -22.11 2.30 25.12
#